data_7DRX
#
_entry.id   7DRX
#
_cell.length_a   1.00
_cell.length_b   1.00
_cell.length_c   1.00
_cell.angle_alpha   90.00
_cell.angle_beta   90.00
_cell.angle_gamma   90.00
#
_symmetry.space_group_name_H-M   'P 1'
#
loop_
_entity.id
_entity.type
_entity.pdbx_description
1 polymer 'Phospholipid-transporting ATPase DNF1'
2 polymer 'Alkylphosphocholine resistance protein LEM3'
3 branched beta-D-mannopyranose-(1-4)-2-acetamido-2-deoxy-beta-D-glucopyranose-(1-4)-2-acetamido-2-deoxy-beta-D-glucopyranose
4 non-polymer 'MAGNESIUM ION'
5 non-polymer 'BERYLLIUM TRIFLUORIDE ION'
6 non-polymer '(4S,7R)-4-HYDROXY-N,N,N-TRIMETHYL-9-OXO-7-[(PALMITOYLOXY)METHYL]-3,5,8-TRIOXA-4-PHOSPHAHEXACOSAN-1-AMINIUM 4-OXIDE'
#
loop_
_entity_poly.entity_id
_entity_poly.type
_entity_poly.pdbx_seq_one_letter_code
_entity_poly.pdbx_strand_id
1 'polypeptide(L)'
;MSGTFHGDGHAPMSPFEDTFQFEDNSSNEDTHIAPTHFDDGATSNKYSRPQVSFNDETPKNKREDAEEFTFNDDTEYDNH
SFQPTPKLNNGSGTFDDVELDNDSGEPHTNYDGMKRFRMGTKRNKKGNPIMGRSKTLKWARKNIPNPFEDFTKDDIDPGA
INRAQELRTVYYNMPLPKDMIDEEGNPIMQYPRNKIRTTKYTPLTFLPKNILFQFHNFANVYFLVLIILGAFQIFGVTNP
GLSAVPLVVIVIITAIKDAIEDSRRTVLDLEVNNTKTHILEGVENENVSTDNISLWRRFKKANSRLLFKFIQYCKEHLTE
EGKKKRMQRKRHELRVQKTVGTSGPRSSLDSIDSYRVSADYGRPSLDYDNLEQGAGEANIVDRSLPPRTDCKFAKNYWKG
VKVGDIVRIHNNDEIPADIILLSTSDTDGACYVETKNLDGETNLKVRQSLKCTNTIRTSKDIARTKFWIESEGPHSNLYT
YQGNMKWRNLADGEIRNEPITINNVLLRGCTLRNTKWAMGVVMFTGGDTKIMLNSGITPTKKSRISRELNFSVVINFVLL
FILCFVSGIANGVYYDKKGRSRFSYEFGTIAGSAATNGFVSFWVAVILYQSLVPISLYISVEIIKTAQAAFIYGDVLLYN
AKLDYPCTPKSWNISDDLGQVEYIFSDKTGTLTQNVMEFKKCTINGVSYGRAYTEALAGLRKRQGIDVETEGRREKAEIA
KDRDTMIDELRALSGNSQFYPEEVTFVSKEFVRDLKGASGEVQQRCCEHFMLALALCHSVLVEANPDNPKKLDLKAQSPD
EAALVATARDVGFSFVGKTKKGLIIEMQGIQKEFEILNILEFNSSRKRMSCIVKIPGLNPGDEPRALLICKGADSIIYSR
LSRQSGSNSEAILEKTALHLEQYATEGLRTLCIAQRELSWSEYEKWNEKYDIAAASLANREDELEVVADSIERELILLGG
TAIEDRLQDGVPDCIELLAEAGIKLWVLTGDKVETAINIGFSCNLLNNEMELLVIKTTGDDVKEFGSEPSEIVDALLSKY
LKEYFNLTGSEEEIFEAKKDHEFPKGNYAIVIDGDALKLALYGEDIRRKFLLLCKNCRAVLCCRVSPSQKAAVVKLVKDS
LDVMTLAIGDGSNDVAMIQSADVGIGIAGEEGRQAVMCSDYAIGQFRYLARLVLVHGRWSYKRLAEMIPEFFYKNMIFAL
ALFWYGIYNDFDGSYLYEYTYMMFYNLAFTSLPVIFLGILDQDVNDTISLVVPQLYRVGILRKEWNQRKFLWYMLDGLYQ
SIICFFFPYLVYHKNMIVTSNGLGLDHRYFVGVYVTTIAVISCNTYVLLHQYRWDWFSGLFIALSCLVVFAWTGIWSSAI
ASREFFKAAARIYGAPSFWAVFFVAVLFCLLPRFTYDSFQKFFYPTDVEIVREMWQHGHFDHYPPGYDPTDPNRPKVTKA
GQHGEKIIEGIALSDNLGGSNYSRDSVVTEEIPMTFMHGEDGSPSGYQKQETWMTSPKETQDLLQSPQFQQAQTFGRGPS
TNVRSSLDRTREQMIATNQLDNRYSVERARTSLDLPGVTNAASLIGTQQNN
;
A
2 'polypeptide(L)'
;MVNFDLGQVGEVFRRKDKGAIVSGDNPEEEEDVDASEFEEDEVKPVRTKNRRPKEDAFTQQRLAAINPVLTPRTVLPLYL
LIAVVFVIVGGCILAQNSKVDEVTIYYQDCMTNATSSWSDIPSEHWQFVFHKYKTYNTAPQWRFVDDESDDFTKQRGTCQ
IRFTTPSDMKNNVYLNYVLEKFAANHRRYVLSFSEDQIRGEDASYETVHDATGINCKPLSKNADGKIYYPCGLIANSMFN
DTFPLQLTNVGDTSNNYSLTNKGINWESDKKRYKKTKYNYTQIAPPPYWEKMYPDGYNETNIPDIQDWEEFQNWMRPGAF
DKITKLIRINKNDTLPAGEYQLDIGLHWPVLEFNGKKGIYLTHGSHLGGRNPFLGIVYLIGGCICAAMALILLTFWLFGG
RKIADASSLSWNMK
;
B
#
loop_
_chem_comp.id
_chem_comp.type
_chem_comp.name
_chem_comp.formula
6PL non-polymer '(4S,7R)-4-HYDROXY-N,N,N-TRIMETHYL-9-OXO-7-[(PALMITOYLOXY)METHYL]-3,5,8-TRIOXA-4-PHOSPHAHEXACOSAN-1-AMINIUM 4-OXIDE' 'C42 H85 N O8 P 1'
BEF non-polymer 'BERYLLIUM TRIFLUORIDE ION' 'Be F3 -1'
BMA D-saccharide, beta linking beta-D-mannopyranose 'C6 H12 O6'
MG non-polymer 'MAGNESIUM ION' 'Mg 2'
NAG D-saccharide, beta linking 2-acetamido-2-deoxy-beta-D-glucopyranose 'C8 H15 N O6'
#
# COMPACT_ATOMS: atom_id res chain seq x y z
N LEU A 167 26.17 34.18 -3.63
CA LEU A 167 26.82 35.30 -2.97
C LEU A 167 25.82 36.31 -2.45
N ARG A 168 25.59 36.27 -1.14
CA ARG A 168 24.70 37.22 -0.48
C ARG A 168 25.49 38.04 0.54
N THR A 169 25.09 39.29 0.69
CA THR A 169 25.74 40.23 1.59
C THR A 169 24.65 40.77 2.50
N VAL A 170 24.60 40.27 3.73
CA VAL A 170 23.54 40.61 4.67
C VAL A 170 23.96 41.82 5.48
N TYR A 171 23.26 42.93 5.30
CA TYR A 171 23.54 44.16 6.01
C TYR A 171 22.68 44.25 7.25
N TYR A 172 23.22 44.83 8.31
CA TYR A 172 22.51 44.97 9.58
C TYR A 172 22.69 46.38 10.13
N ASN A 173 21.58 46.96 10.60
CA ASN A 173 21.52 48.27 11.26
C ASN A 173 22.05 49.40 10.36
N MET A 174 22.03 49.17 9.05
CA MET A 174 22.59 50.04 8.05
C MET A 174 21.68 49.94 6.83
N PRO A 175 21.46 51.03 6.12
CA PRO A 175 20.72 50.93 4.86
C PRO A 175 21.53 50.20 3.80
N LEU A 176 20.81 49.62 2.86
CA LEU A 176 21.44 48.88 1.78
C LEU A 176 22.18 49.85 0.84
N PRO A 177 23.13 49.34 0.06
CA PRO A 177 23.69 50.17 -1.03
C PRO A 177 22.72 50.28 -2.20
N LYS A 178 23.18 50.82 -3.33
CA LYS A 178 22.32 51.02 -4.48
C LYS A 178 22.04 49.74 -5.27
N ASP A 179 22.31 48.57 -4.70
CA ASP A 179 21.86 47.28 -5.24
C ASP A 179 20.49 46.92 -4.69
N MET A 180 19.56 47.87 -4.82
CA MET A 180 18.17 47.78 -4.38
C MET A 180 17.25 48.24 -5.50
N ILE A 181 17.62 47.87 -6.74
CA ILE A 181 16.98 48.38 -7.95
C ILE A 181 15.52 47.94 -8.05
N ASP A 182 15.18 46.80 -7.44
CA ASP A 182 13.81 46.33 -7.42
C ASP A 182 12.96 47.23 -6.54
N GLU A 183 11.93 47.83 -7.11
CA GLU A 183 10.95 48.60 -6.36
C GLU A 183 9.82 47.67 -5.93
N GLU A 184 8.71 48.26 -5.45
CA GLU A 184 7.58 47.61 -4.77
C GLU A 184 8.04 46.50 -3.83
N GLY A 185 8.94 46.88 -2.93
CA GLY A 185 9.75 45.95 -2.18
C GLY A 185 11.20 46.14 -2.56
N ASN A 186 11.95 46.82 -1.71
CA ASN A 186 13.28 47.35 -2.00
C ASN A 186 14.40 46.34 -2.31
N PRO A 187 14.58 45.21 -1.60
CA PRO A 187 15.66 44.30 -1.98
C PRO A 187 15.33 43.52 -3.24
N ILE A 188 16.39 43.00 -3.87
CA ILE A 188 16.28 42.28 -5.12
C ILE A 188 16.26 40.76 -4.90
N MET A 189 17.08 40.28 -3.96
CA MET A 189 17.43 38.87 -3.93
C MET A 189 16.27 37.98 -3.48
N GLN A 190 15.40 38.48 -2.60
CA GLN A 190 14.14 37.85 -2.20
C GLN A 190 14.38 36.48 -1.56
N TYR A 191 14.97 36.54 -0.37
CA TYR A 191 15.25 35.36 0.44
C TYR A 191 13.95 34.62 0.78
N PRO A 192 14.00 33.30 0.92
CA PRO A 192 12.82 32.55 1.33
C PRO A 192 12.46 32.83 2.77
N ARG A 193 11.19 32.62 3.09
CA ARG A 193 10.72 32.76 4.45
C ARG A 193 11.04 31.50 5.24
N ASN A 194 11.20 31.66 6.56
CA ASN A 194 11.63 30.58 7.44
C ASN A 194 10.48 29.61 7.72
N LYS A 195 10.02 28.94 6.67
CA LYS A 195 8.90 28.03 6.78
C LYS A 195 9.30 26.67 6.22
N ILE A 196 8.95 25.63 6.92
CA ILE A 196 9.15 24.27 6.46
C ILE A 196 7.91 23.88 5.68
N ARG A 197 8.05 22.95 4.72
CA ARG A 197 6.91 22.52 3.93
C ARG A 197 6.47 21.10 4.24
N THR A 198 7.34 20.10 4.09
CA THR A 198 7.08 18.68 4.36
C THR A 198 5.81 18.14 3.72
N THR A 199 5.35 18.74 2.62
CA THR A 199 4.02 18.49 2.11
C THR A 199 4.10 18.13 0.63
N LYS A 200 3.16 17.30 0.19
CA LYS A 200 3.19 16.86 -1.19
C LYS A 200 2.72 17.97 -2.14
N TYR A 201 1.69 18.69 -1.74
CA TYR A 201 1.10 19.72 -2.59
C TYR A 201 1.03 21.02 -1.82
N THR A 202 1.39 22.11 -2.49
CA THR A 202 1.08 23.44 -2.00
C THR A 202 -0.37 23.72 -2.39
N PRO A 203 -1.08 24.62 -1.68
CA PRO A 203 -2.52 24.79 -1.96
C PRO A 203 -2.84 25.41 -3.31
N LEU A 204 -1.87 26.01 -4.00
CA LEU A 204 -2.15 26.58 -5.31
C LEU A 204 -2.28 25.48 -6.36
N THR A 205 -1.20 24.70 -6.56
CA THR A 205 -1.17 23.69 -7.61
C THR A 205 -1.54 22.30 -7.10
N PHE A 206 -2.42 22.22 -6.11
CA PHE A 206 -2.98 20.93 -5.71
C PHE A 206 -3.77 20.30 -6.84
N LEU A 207 -4.73 21.03 -7.38
CA LEU A 207 -5.63 20.53 -8.42
C LEU A 207 -4.93 20.19 -9.75
N PRO A 208 -3.96 20.96 -10.27
CA PRO A 208 -3.27 20.46 -11.48
C PRO A 208 -2.37 19.26 -11.23
N LYS A 209 -1.72 19.19 -10.07
CA LYS A 209 -0.76 18.11 -9.86
C LYS A 209 -1.41 16.82 -9.38
N ASN A 210 -2.54 16.91 -8.68
CA ASN A 210 -3.19 15.68 -8.25
C ASN A 210 -3.96 15.03 -9.38
N ILE A 211 -4.50 15.81 -10.31
CA ILE A 211 -5.23 15.25 -11.44
C ILE A 211 -4.27 14.53 -12.39
N LEU A 212 -3.07 15.09 -12.60
CA LEU A 212 -2.07 14.38 -13.41
C LEU A 212 -1.55 13.14 -12.71
N PHE A 213 -1.50 13.15 -11.38
CA PHE A 213 -1.14 11.94 -10.65
C PHE A 213 -2.21 10.87 -10.79
N GLN A 214 -3.48 11.27 -10.93
CA GLN A 214 -4.54 10.30 -11.16
C GLN A 214 -4.59 9.87 -12.62
N PHE A 215 -4.15 10.73 -13.54
CA PHE A 215 -4.15 10.41 -14.96
C PHE A 215 -2.87 9.74 -15.42
N HIS A 216 -1.86 9.58 -14.56
CA HIS A 216 -0.77 8.66 -14.87
C HIS A 216 -1.21 7.21 -14.78
N ASN A 217 -2.31 6.94 -14.09
CA ASN A 217 -3.01 5.68 -14.24
C ASN A 217 -3.65 5.64 -15.62
N PHE A 218 -3.46 4.53 -16.34
CA PHE A 218 -3.78 4.50 -17.76
C PHE A 218 -5.27 4.34 -18.04
N ALA A 219 -6.02 3.73 -17.12
CA ALA A 219 -7.46 3.64 -17.35
C ALA A 219 -8.16 4.97 -17.12
N ASN A 220 -7.54 5.90 -16.40
CA ASN A 220 -8.16 7.20 -16.20
C ASN A 220 -8.10 8.09 -17.43
N VAL A 221 -7.11 7.87 -18.32
CA VAL A 221 -7.16 8.54 -19.61
C VAL A 221 -7.90 7.68 -20.63
N TYR A 222 -8.29 6.47 -20.25
CA TYR A 222 -9.20 5.67 -21.07
C TYR A 222 -10.64 6.12 -20.88
N PHE A 223 -11.01 6.47 -19.64
CA PHE A 223 -12.37 6.92 -19.35
C PHE A 223 -12.62 8.30 -19.91
N LEU A 224 -11.57 9.13 -19.97
CA LEU A 224 -11.70 10.48 -20.48
C LEU A 224 -11.91 10.48 -21.99
N VAL A 225 -11.34 9.49 -22.70
CA VAL A 225 -11.56 9.37 -24.13
C VAL A 225 -12.98 8.91 -24.43
N LEU A 226 -13.54 8.03 -23.58
CA LEU A 226 -14.89 7.53 -23.77
C LEU A 226 -15.94 8.62 -23.55
N ILE A 227 -15.62 9.65 -22.77
CA ILE A 227 -16.54 10.78 -22.62
C ILE A 227 -16.46 11.69 -23.84
N ILE A 228 -15.26 11.85 -24.40
CA ILE A 228 -15.09 12.68 -25.60
C ILE A 228 -15.74 12.01 -26.80
N LEU A 229 -15.50 10.71 -26.97
CA LEU A 229 -16.09 10.00 -28.10
C LEU A 229 -17.58 9.72 -27.88
N GLY A 230 -18.01 9.60 -26.63
CA GLY A 230 -19.41 9.38 -26.34
C GLY A 230 -20.26 10.64 -26.46
N ALA A 231 -19.64 11.81 -26.50
CA ALA A 231 -20.35 13.07 -26.64
C ALA A 231 -20.62 13.42 -28.11
N PHE A 232 -20.49 12.46 -29.02
CA PHE A 232 -20.79 12.66 -30.43
C PHE A 232 -21.99 11.81 -30.81
N GLN A 233 -22.90 12.40 -31.60
CA GLN A 233 -24.15 11.75 -31.95
C GLN A 233 -24.01 10.72 -33.08
N ILE A 234 -22.79 10.46 -33.54
CA ILE A 234 -22.56 9.42 -34.55
C ILE A 234 -22.91 8.05 -34.00
N PHE A 235 -22.49 7.76 -32.77
CA PHE A 235 -22.67 6.44 -32.19
C PHE A 235 -23.94 6.33 -31.36
N GLY A 236 -24.58 7.45 -31.03
CA GLY A 236 -25.85 7.43 -30.35
C GLY A 236 -25.77 7.00 -28.90
N VAL A 237 -24.84 7.57 -28.15
CA VAL A 237 -24.73 7.29 -26.72
C VAL A 237 -25.86 8.03 -26.01
N THR A 238 -26.70 7.29 -25.30
CA THR A 238 -27.80 7.91 -24.56
C THR A 238 -27.26 8.61 -23.31
N ASN A 239 -27.71 9.85 -23.11
CA ASN A 239 -27.26 10.78 -22.08
C ASN A 239 -25.74 10.96 -22.09
N PRO A 240 -25.18 11.70 -23.05
CA PRO A 240 -23.71 11.87 -23.09
C PRO A 240 -23.15 12.75 -21.98
N GLY A 241 -23.99 13.41 -21.20
CA GLY A 241 -23.51 14.24 -20.11
C GLY A 241 -23.66 13.57 -18.76
N LEU A 242 -24.41 12.47 -18.72
CA LEU A 242 -24.58 11.71 -17.49
C LEU A 242 -23.53 10.62 -17.33
N SER A 243 -22.88 10.22 -18.43
CA SER A 243 -21.82 9.23 -18.34
C SER A 243 -20.51 9.81 -17.83
N ALA A 244 -20.37 11.14 -17.86
CA ALA A 244 -19.21 11.79 -17.26
C ALA A 244 -19.33 11.89 -15.75
N VAL A 245 -20.53 11.70 -15.20
CA VAL A 245 -20.73 11.79 -13.75
C VAL A 245 -19.96 10.72 -12.97
N PRO A 246 -19.88 9.43 -13.39
CA PRO A 246 -19.02 8.50 -12.63
C PRO A 246 -17.54 8.82 -12.66
N LEU A 247 -17.00 9.40 -13.73
CA LEU A 247 -15.58 9.74 -13.72
C LEU A 247 -15.32 10.97 -12.86
N VAL A 248 -16.21 11.96 -12.94
CA VAL A 248 -15.97 13.23 -12.26
C VAL A 248 -16.05 13.07 -10.74
N VAL A 249 -17.00 12.29 -10.25
CA VAL A 249 -17.10 12.14 -8.79
C VAL A 249 -15.99 11.28 -8.22
N ILE A 250 -15.37 10.39 -9.00
CA ILE A 250 -14.24 9.63 -8.48
C ILE A 250 -12.98 10.48 -8.41
N VAL A 251 -12.78 11.35 -9.39
CA VAL A 251 -11.67 12.30 -9.35
C VAL A 251 -11.82 13.29 -8.20
N ILE A 252 -13.05 13.66 -7.85
CA ILE A 252 -13.26 14.58 -6.75
C ILE A 252 -13.05 13.89 -5.40
N ILE A 253 -13.57 12.65 -5.25
CA ILE A 253 -13.44 11.92 -3.99
C ILE A 253 -11.99 11.57 -3.71
N THR A 254 -11.24 11.19 -4.74
CA THR A 254 -9.82 10.90 -4.56
C THR A 254 -9.02 12.15 -4.25
N ALA A 255 -9.42 13.30 -4.80
CA ALA A 255 -8.72 14.54 -4.51
C ALA A 255 -9.08 15.11 -3.15
N ILE A 256 -10.32 14.93 -2.69
CA ILE A 256 -10.68 15.30 -1.32
C ILE A 256 -9.93 14.44 -0.32
N LYS A 257 -9.75 13.16 -0.64
CA LYS A 257 -8.98 12.26 0.21
C LYS A 257 -7.51 12.66 0.24
N ASP A 258 -6.96 13.04 -0.91
CA ASP A 258 -5.55 13.43 -0.96
C ASP A 258 -5.32 14.79 -0.31
N ALA A 259 -6.34 15.63 -0.25
CA ALA A 259 -6.18 16.91 0.42
C ALA A 259 -6.31 16.76 1.93
N ILE A 260 -7.18 15.87 2.41
CA ILE A 260 -7.27 15.57 3.83
C ILE A 260 -6.00 14.89 4.32
N GLU A 261 -5.42 14.02 3.49
CA GLU A 261 -4.12 13.43 3.75
C GLU A 261 -3.03 14.50 3.79
N ASP A 262 -3.14 15.51 2.93
CA ASP A 262 -2.13 16.55 2.87
C ASP A 262 -2.41 17.70 3.83
N SER A 263 -3.63 17.77 4.38
CA SER A 263 -3.91 18.76 5.42
C SER A 263 -3.35 18.35 6.76
N ARG A 264 -3.03 17.07 6.94
CA ARG A 264 -2.47 16.61 8.20
C ARG A 264 -0.96 16.80 8.25
N ARG A 265 -0.31 16.95 7.10
CA ARG A 265 1.07 17.39 7.08
C ARG A 265 1.20 18.89 7.29
N THR A 266 0.13 19.65 7.07
CA THR A 266 0.21 21.09 7.27
C THR A 266 -0.05 21.50 8.72
N VAL A 267 -0.72 20.67 9.52
CA VAL A 267 -0.89 21.02 10.92
C VAL A 267 0.39 20.76 11.71
N LEU A 268 1.30 19.93 11.20
CA LEU A 268 2.62 19.80 11.79
C LEU A 268 3.54 20.91 11.31
N ASP A 269 3.24 21.49 10.15
CA ASP A 269 3.94 22.69 9.71
C ASP A 269 3.61 23.87 10.59
N LEU A 270 2.34 23.98 11.01
CA LEU A 270 1.92 25.11 11.82
C LEU A 270 2.43 25.01 13.25
N GLU A 271 2.76 23.80 13.71
CA GLU A 271 3.43 23.67 14.99
C GLU A 271 4.88 24.11 14.89
N VAL A 272 5.54 23.76 13.79
CA VAL A 272 6.93 24.13 13.59
C VAL A 272 7.06 25.61 13.27
N ASN A 273 6.14 26.16 12.49
CA ASN A 273 6.26 27.56 12.11
C ASN A 273 5.76 28.50 13.20
N ASN A 274 5.15 27.96 14.26
CA ASN A 274 4.75 28.73 15.43
C ASN A 274 5.33 28.04 16.66
N THR A 275 6.57 28.35 16.99
CA THR A 275 7.12 27.91 18.26
C THR A 275 8.07 28.89 18.93
N LYS A 276 7.79 30.20 18.86
CA LYS A 276 8.21 31.20 19.84
C LYS A 276 9.71 31.38 20.01
N THR A 277 10.39 31.89 18.99
CA THR A 277 11.77 32.33 19.13
C THR A 277 11.78 33.77 19.64
N HIS A 278 12.97 34.34 19.82
CA HIS A 278 13.13 35.68 20.40
C HIS A 278 13.90 36.57 19.41
N ILE A 279 13.19 37.48 18.76
CA ILE A 279 13.76 38.33 17.73
C ILE A 279 13.82 39.76 18.24
N LEU A 280 14.97 40.41 18.03
CA LEU A 280 15.16 41.81 18.38
C LEU A 280 14.22 42.70 17.56
N GLU A 281 13.65 43.71 18.22
CA GLU A 281 12.72 44.62 17.56
C GLU A 281 13.46 45.84 16.99
N GLY A 282 14.35 45.57 16.05
CA GLY A 282 15.03 46.61 15.28
C GLY A 282 14.68 46.47 13.83
N VAL A 283 14.85 47.54 13.05
CA VAL A 283 14.39 47.53 11.66
C VAL A 283 15.35 46.70 10.81
N GLU A 284 14.77 45.86 9.95
CA GLU A 284 15.52 44.88 9.16
C GLU A 284 15.38 45.25 7.69
N ASN A 285 16.48 45.73 7.10
CA ASN A 285 16.41 46.20 5.72
C ASN A 285 16.77 45.11 4.72
N GLU A 286 16.14 43.95 4.89
CA GLU A 286 16.04 42.91 3.87
C GLU A 286 14.63 42.34 3.87
N ASN A 287 13.65 43.24 3.97
CA ASN A 287 12.26 42.85 4.15
C ASN A 287 11.45 43.05 2.89
N VAL A 288 10.40 42.25 2.75
CA VAL A 288 9.43 42.39 1.66
C VAL A 288 8.43 43.47 2.02
N SER A 289 7.63 43.89 1.05
CA SER A 289 6.46 44.72 1.30
C SER A 289 5.16 43.93 1.33
N THR A 290 5.06 42.88 0.54
CA THR A 290 3.89 42.00 0.57
C THR A 290 4.31 40.53 0.57
N ASP A 390 12.60 51.03 23.83
CA ASP A 390 12.28 49.89 22.97
C ASP A 390 13.49 48.98 22.75
N CYS A 391 13.56 48.39 21.56
CA CYS A 391 14.64 47.47 21.14
C CYS A 391 14.78 46.29 22.10
N LYS A 392 13.65 45.66 22.41
CA LYS A 392 13.64 44.49 23.28
C LYS A 392 13.77 43.21 22.45
N PHE A 393 14.00 42.09 23.14
CA PHE A 393 13.92 40.79 22.50
C PHE A 393 12.52 40.21 22.70
N ALA A 394 11.58 40.76 21.94
CA ALA A 394 10.19 40.37 22.05
C ALA A 394 9.96 39.01 21.42
N LYS A 395 9.03 38.26 22.01
CA LYS A 395 8.76 36.91 21.56
C LYS A 395 8.00 36.94 20.24
N ASN A 396 8.59 36.34 19.21
CA ASN A 396 8.08 36.35 17.85
C ASN A 396 7.99 34.91 17.37
N TYR A 397 7.38 34.71 16.21
CA TYR A 397 7.20 33.36 15.69
C TYR A 397 8.41 32.89 14.90
N TRP A 398 8.47 31.57 14.74
CA TRP A 398 9.51 30.89 13.98
C TRP A 398 9.47 31.29 12.51
N LYS A 399 8.26 31.43 11.95
CA LYS A 399 8.12 31.87 10.57
C LYS A 399 8.43 33.35 10.39
N GLY A 400 8.43 34.13 11.48
CA GLY A 400 8.80 35.52 11.42
C GLY A 400 10.28 35.79 11.34
N VAL A 401 11.11 34.74 11.44
CA VAL A 401 12.54 34.90 11.30
C VAL A 401 12.87 35.21 9.85
N LYS A 402 13.62 36.29 9.63
CA LYS A 402 13.97 36.73 8.29
C LYS A 402 15.48 36.85 8.21
N VAL A 403 16.00 36.96 6.99
CA VAL A 403 17.44 36.99 6.78
C VAL A 403 17.95 38.37 7.17
N GLY A 404 18.74 38.43 8.24
CA GLY A 404 19.21 39.68 8.80
C GLY A 404 18.70 39.96 10.19
N ASP A 405 17.81 39.13 10.71
CA ASP A 405 17.33 39.26 12.09
C ASP A 405 18.44 38.96 13.08
N ILE A 406 18.25 39.45 14.29
CA ILE A 406 19.11 39.13 15.43
C ILE A 406 18.26 38.31 16.39
N VAL A 407 18.63 37.06 16.56
CA VAL A 407 17.85 36.09 17.33
C VAL A 407 18.64 35.73 18.57
N ARG A 408 18.01 35.84 19.74
CA ARG A 408 18.54 35.28 20.97
C ARG A 408 17.93 33.90 21.19
N ILE A 409 18.77 32.87 21.13
CA ILE A 409 18.36 31.50 21.39
C ILE A 409 18.68 31.18 22.83
N HIS A 410 17.70 30.70 23.57
CA HIS A 410 17.88 30.45 25.00
C HIS A 410 18.41 29.05 25.22
N ASN A 411 18.37 28.59 26.46
CA ASN A 411 18.76 27.22 26.78
C ASN A 411 17.71 26.25 26.26
N ASN A 412 18.18 25.09 25.81
CA ASN A 412 17.41 23.87 25.58
C ASN A 412 16.37 23.98 24.47
N ASP A 413 16.30 25.08 23.74
CA ASP A 413 15.37 25.17 22.63
C ASP A 413 16.11 25.11 21.30
N GLU A 414 15.39 24.64 20.29
CA GLU A 414 15.96 24.44 18.97
C GLU A 414 16.26 25.77 18.30
N ILE A 415 17.02 25.72 17.23
CA ILE A 415 17.58 26.90 16.59
C ILE A 415 16.78 27.18 15.31
N PRO A 416 16.31 28.41 15.11
CA PRO A 416 15.35 28.66 14.01
C PRO A 416 15.92 28.65 12.61
N ALA A 417 17.18 29.01 12.43
CA ALA A 417 17.76 29.14 11.10
C ALA A 417 19.26 28.93 11.20
N ASP A 418 19.98 29.21 10.11
CA ASP A 418 21.44 29.17 10.14
C ASP A 418 21.92 30.50 10.72
N ILE A 419 22.57 30.43 11.88
CA ILE A 419 22.85 31.61 12.70
C ILE A 419 24.36 31.77 12.80
N ILE A 420 24.89 32.86 12.26
CA ILE A 420 26.28 33.21 12.53
C ILE A 420 26.35 33.83 13.92
N LEU A 421 27.05 33.14 14.82
CA LEU A 421 26.97 33.36 16.24
C LEU A 421 27.70 34.63 16.65
N LEU A 422 27.00 35.51 17.36
CA LEU A 422 27.59 36.78 17.80
C LEU A 422 28.11 36.74 19.22
N SER A 423 27.29 36.30 20.17
CA SER A 423 27.63 36.40 21.58
C SER A 423 27.02 35.22 22.33
N THR A 424 27.58 34.93 23.50
CA THR A 424 27.01 33.92 24.38
C THR A 424 26.82 34.52 25.77
N SER A 425 26.08 33.79 26.60
CA SER A 425 26.01 34.14 28.02
C SER A 425 27.33 33.91 28.72
N ASP A 426 28.08 32.89 28.29
CA ASP A 426 29.38 32.60 28.84
C ASP A 426 30.41 33.60 28.32
N THR A 427 31.34 33.97 29.19
CA THR A 427 32.42 34.88 28.79
C THR A 427 33.36 34.18 27.82
N ASP A 428 34.00 34.99 26.97
CA ASP A 428 34.83 34.62 25.82
C ASP A 428 34.04 33.93 24.71
N GLY A 429 32.72 33.81 24.83
CA GLY A 429 31.85 33.41 23.74
C GLY A 429 31.93 31.98 23.26
N ALA A 430 31.48 31.04 24.07
CA ALA A 430 31.44 29.63 23.70
C ALA A 430 30.04 29.07 23.92
N CYS A 431 29.61 28.20 23.01
CA CYS A 431 28.34 27.50 23.10
C CYS A 431 28.57 26.01 23.24
N TYR A 432 27.46 25.27 23.28
CA TYR A 432 27.43 23.83 23.12
C TYR A 432 26.15 23.49 22.37
N VAL A 433 26.27 22.84 21.23
CA VAL A 433 25.11 22.48 20.43
C VAL A 433 25.01 20.97 20.34
N GLU A 434 23.78 20.49 20.23
CA GLU A 434 23.52 19.06 20.16
C GLU A 434 23.27 18.72 18.69
N THR A 435 24.32 18.23 18.01
CA THR A 435 24.20 17.86 16.61
C THR A 435 23.87 16.38 16.44
N LYS A 436 22.85 15.88 17.14
CA LYS A 436 22.33 14.56 16.83
C LYS A 436 21.16 14.64 15.86
N ASN A 437 20.79 15.85 15.46
CA ASN A 437 19.78 16.14 14.46
C ASN A 437 20.42 16.36 13.10
N LEU A 438 21.59 17.01 13.08
CA LEU A 438 22.37 17.16 11.86
C LEU A 438 23.19 15.91 11.55
N ASP A 439 23.61 15.20 12.58
CA ASP A 439 24.54 14.08 12.47
C ASP A 439 24.05 12.97 13.38
N GLY A 440 24.91 12.00 13.62
CA GLY A 440 24.72 11.06 14.69
C GLY A 440 25.58 11.35 15.89
N GLU A 441 26.24 12.50 15.93
CA GLU A 441 27.24 12.82 16.94
C GLU A 441 26.58 12.98 18.30
N THR A 442 26.82 12.04 19.20
CA THR A 442 26.23 12.06 20.53
C THR A 442 26.90 13.07 21.47
N ASN A 443 28.00 13.67 21.07
CA ASN A 443 28.71 14.63 21.89
C ASN A 443 28.33 16.05 21.51
N LEU A 444 28.40 16.96 22.48
CA LEU A 444 28.08 18.36 22.22
C LEU A 444 29.24 19.03 21.52
N LYS A 445 28.95 19.76 20.45
CA LYS A 445 29.98 20.44 19.69
C LYS A 445 30.13 21.87 20.21
N VAL A 446 31.37 22.31 20.31
CA VAL A 446 31.66 23.65 20.82
C VAL A 446 31.61 24.62 19.65
N ARG A 447 30.82 25.68 19.81
CA ARG A 447 30.67 26.71 18.79
C ARG A 447 31.11 28.04 19.38
N GLN A 448 32.15 28.63 18.82
CA GLN A 448 32.69 29.88 19.32
C GLN A 448 32.01 31.06 18.65
N SER A 449 31.69 32.08 19.44
CA SER A 449 31.20 33.30 18.84
C SER A 449 32.38 34.14 18.38
N LEU A 450 32.08 35.19 17.63
CA LEU A 450 33.12 36.01 17.04
C LEU A 450 33.75 36.92 18.08
N LYS A 451 35.06 37.11 17.97
CA LYS A 451 35.77 37.91 18.96
C LYS A 451 35.59 39.41 18.77
N CYS A 452 35.03 39.84 17.64
CA CYS A 452 34.67 41.24 17.48
C CYS A 452 33.49 41.60 18.37
N THR A 453 32.36 40.92 18.17
CA THR A 453 31.14 41.20 18.92
C THR A 453 31.03 40.29 20.15
N ASN A 454 32.08 40.22 20.96
CA ASN A 454 32.09 39.28 22.07
C ASN A 454 31.59 39.91 23.36
N THR A 455 31.69 41.24 23.49
CA THR A 455 31.26 41.95 24.68
C THR A 455 29.81 42.43 24.58
N ILE A 456 29.16 42.21 23.44
CA ILE A 456 27.76 42.62 23.24
C ILE A 456 26.88 41.71 24.09
N ARG A 457 26.31 42.25 25.17
CA ARG A 457 25.58 41.44 26.15
C ARG A 457 24.08 41.71 26.12
N THR A 458 23.67 42.96 26.26
CA THR A 458 22.26 43.28 26.44
C THR A 458 21.64 43.74 25.12
N SER A 459 20.33 43.94 25.18
CA SER A 459 19.57 44.34 24.00
C SER A 459 19.89 45.77 23.58
N LYS A 460 20.30 46.61 24.53
CA LYS A 460 20.70 47.98 24.19
C LYS A 460 22.07 48.04 23.55
N ASP A 461 22.87 46.98 23.67
CA ASP A 461 24.20 46.97 23.06
C ASP A 461 24.13 46.56 21.60
N ILE A 462 23.27 45.60 21.27
CA ILE A 462 23.19 45.10 19.90
C ILE A 462 22.45 46.08 18.98
N ALA A 463 21.63 46.96 19.53
CA ALA A 463 20.91 47.91 18.67
C ALA A 463 21.83 49.02 18.17
N ARG A 464 22.86 49.37 18.92
CA ARG A 464 23.79 50.42 18.56
C ARG A 464 24.99 49.90 17.78
N THR A 465 24.97 48.65 17.35
CA THR A 465 26.07 48.04 16.62
C THR A 465 25.69 47.90 15.15
N LYS A 466 26.51 48.46 14.27
CA LYS A 466 26.25 48.45 12.84
C LYS A 466 27.36 47.67 12.15
N PHE A 467 27.00 46.65 11.38
CA PHE A 467 27.97 45.87 10.62
C PHE A 467 27.27 45.27 9.41
N TRP A 468 27.99 44.41 8.70
CA TRP A 468 27.42 43.60 7.64
C TRP A 468 28.26 42.36 7.46
N ILE A 469 27.66 41.32 6.87
CA ILE A 469 28.33 40.06 6.65
C ILE A 469 28.40 39.80 5.16
N GLU A 470 29.62 39.63 4.64
CA GLU A 470 29.84 39.16 3.28
C GLU A 470 29.99 37.65 3.32
N SER A 471 28.99 36.94 2.82
CA SER A 471 28.93 35.50 2.94
C SER A 471 29.03 34.84 1.57
N GLU A 472 28.91 33.52 1.55
CA GLU A 472 28.87 32.73 0.34
C GLU A 472 27.47 32.17 0.14
N GLY A 473 27.31 31.38 -0.90
CA GLY A 473 26.04 30.77 -1.20
C GLY A 473 25.71 29.63 -0.26
N PRO A 474 24.45 29.23 -0.21
CA PRO A 474 24.07 28.05 0.58
C PRO A 474 24.44 26.78 -0.15
N HIS A 475 25.45 26.08 0.35
CA HIS A 475 26.13 25.05 -0.44
C HIS A 475 25.99 23.64 0.13
N SER A 476 25.03 23.41 1.04
CA SER A 476 24.56 22.08 1.43
C SER A 476 25.57 21.14 2.09
N ASN A 477 26.78 21.61 2.37
CA ASN A 477 27.81 20.81 3.04
C ASN A 477 27.76 21.14 4.52
N LEU A 478 27.55 20.13 5.37
CA LEU A 478 27.35 20.36 6.79
C LEU A 478 28.61 20.80 7.51
N TYR A 479 29.79 20.50 6.97
CA TYR A 479 31.05 20.64 7.69
C TYR A 479 31.88 21.82 7.20
N THR A 480 31.28 22.71 6.41
CA THR A 480 32.03 23.80 5.79
C THR A 480 31.15 25.03 5.74
N TYR A 481 31.73 26.18 6.07
CA TYR A 481 31.11 27.48 5.83
C TYR A 481 32.20 28.52 5.68
N GLN A 482 31.94 29.52 4.84
CA GLN A 482 32.88 30.61 4.61
C GLN A 482 32.13 31.92 4.69
N GLY A 483 32.68 32.89 5.41
CA GLY A 483 32.04 34.18 5.55
C GLY A 483 33.00 35.22 6.07
N ASN A 484 32.61 36.49 5.90
CA ASN A 484 33.39 37.63 6.35
C ASN A 484 32.46 38.58 7.09
N MET A 485 32.85 39.00 8.28
CA MET A 485 32.17 40.08 8.98
C MET A 485 32.98 41.36 8.82
N LYS A 486 32.36 42.38 8.27
CA LYS A 486 32.97 43.69 8.14
C LYS A 486 32.20 44.67 9.01
N TRP A 487 32.91 45.39 9.86
CA TRP A 487 32.32 46.39 10.73
C TRP A 487 33.22 47.59 10.74
N ARG A 488 32.64 48.76 10.47
CA ARG A 488 33.42 49.99 10.44
C ARG A 488 33.79 50.39 11.87
N ASN A 489 35.08 50.62 12.09
CA ASN A 489 35.58 50.82 13.44
C ASN A 489 35.17 52.19 13.98
N LEU A 490 34.79 52.22 15.25
CA LEU A 490 34.45 53.47 15.92
C LEU A 490 35.73 54.20 16.31
N ALA A 491 35.68 55.53 16.19
CA ALA A 491 36.77 56.50 16.42
C ALA A 491 37.95 56.31 15.47
N ASP A 492 37.83 55.47 14.44
CA ASP A 492 38.86 55.30 13.42
C ASP A 492 38.15 54.76 12.18
N GLY A 493 37.91 55.61 11.19
CA GLY A 493 37.19 55.18 10.01
C GLY A 493 37.97 54.19 9.17
N GLU A 494 37.55 52.93 9.24
CA GLU A 494 38.31 51.80 8.70
C GLU A 494 37.42 50.57 8.71
N ILE A 495 37.51 49.77 7.66
CA ILE A 495 36.82 48.49 7.60
C ILE A 495 37.68 47.44 8.28
N ARG A 496 37.07 46.58 9.10
CA ARG A 496 37.77 45.49 9.77
C ARG A 496 37.10 44.16 9.44
N ASN A 497 37.73 43.42 8.54
CA ASN A 497 37.29 42.07 8.23
C ASN A 497 37.54 41.15 9.42
N GLU A 498 36.74 40.11 9.51
CA GLU A 498 36.95 39.03 10.47
C GLU A 498 36.37 37.76 9.86
N PRO A 499 37.16 36.69 9.75
CA PRO A 499 36.69 35.50 9.03
C PRO A 499 35.65 34.72 9.82
N ILE A 500 34.73 34.10 9.08
CA ILE A 500 33.68 33.28 9.66
C ILE A 500 33.81 31.89 9.07
N THR A 501 33.88 30.88 9.93
CA THR A 501 33.98 29.49 9.53
C THR A 501 32.87 28.70 10.19
N ILE A 502 32.96 27.37 10.11
CA ILE A 502 31.81 26.53 10.44
C ILE A 502 31.60 26.43 11.96
N ASN A 503 32.64 26.60 12.77
CA ASN A 503 32.42 26.57 14.21
C ASN A 503 32.03 27.93 14.78
N ASN A 504 31.75 28.90 13.92
CA ASN A 504 31.14 30.15 14.31
C ASN A 504 29.66 30.19 13.97
N VAL A 505 29.08 29.05 13.59
CA VAL A 505 27.78 28.98 12.95
C VAL A 505 26.88 28.02 13.71
N LEU A 506 25.68 28.46 14.05
CA LEU A 506 24.63 27.60 14.58
C LEU A 506 23.72 27.21 13.41
N LEU A 507 23.56 25.91 13.17
CA LEU A 507 22.73 25.45 12.08
C LEU A 507 21.31 25.16 12.57
N ARG A 508 20.41 24.85 11.64
CA ARG A 508 18.98 24.83 11.99
C ARG A 508 18.60 23.59 12.78
N GLY A 509 19.20 22.44 12.51
CA GLY A 509 18.87 21.25 13.27
C GLY A 509 19.35 21.26 14.71
N CYS A 510 20.32 22.11 15.04
CA CYS A 510 20.98 22.06 16.33
C CYS A 510 20.06 22.55 17.46
N THR A 511 20.47 22.25 18.69
CA THR A 511 19.79 22.69 19.89
C THR A 511 20.84 23.20 20.86
N LEU A 512 20.63 24.39 21.40
CA LEU A 512 21.60 25.01 22.29
C LEU A 512 21.52 24.39 23.67
N ARG A 513 22.63 23.82 24.14
CA ARG A 513 22.69 23.16 25.44
C ARG A 513 23.74 23.82 26.32
N ASN A 514 23.46 23.82 27.63
CA ASN A 514 24.37 24.25 28.70
C ASN A 514 24.81 25.69 28.54
N THR A 515 23.93 26.54 28.01
CA THR A 515 24.23 27.94 27.78
C THR A 515 22.93 28.70 28.01
N LYS A 516 23.01 29.82 28.73
CA LYS A 516 21.79 30.55 29.08
C LYS A 516 21.21 31.27 27.86
N TRP A 517 22.06 31.92 27.07
CA TRP A 517 21.59 32.52 25.83
C TRP A 517 22.73 32.58 24.83
N ALA A 518 22.36 32.67 23.56
CA ALA A 518 23.30 32.88 22.47
C ALA A 518 22.64 33.78 21.43
N MET A 519 23.35 34.82 21.03
CA MET A 519 22.84 35.83 20.11
C MET A 519 23.55 35.69 18.77
N GLY A 520 22.84 35.98 17.69
CA GLY A 520 23.50 35.88 16.38
C GLY A 520 22.66 36.45 15.26
N VAL A 521 23.28 36.51 14.09
CA VAL A 521 22.67 37.07 12.89
C VAL A 521 22.02 35.92 12.11
N VAL A 522 20.88 36.17 11.49
CA VAL A 522 20.25 35.18 10.65
C VAL A 522 20.72 35.38 9.22
N MET A 523 21.16 34.29 8.58
CA MET A 523 21.74 34.33 7.25
C MET A 523 20.99 33.49 6.24
N PHE A 524 20.58 32.29 6.61
CA PHE A 524 19.91 31.36 5.71
C PHE A 524 18.58 30.98 6.34
N THR A 525 17.49 31.32 5.68
CA THR A 525 16.16 30.89 6.09
C THR A 525 15.56 30.00 5.02
N GLY A 526 14.54 29.24 5.43
CA GLY A 526 13.74 28.50 4.47
C GLY A 526 14.52 27.36 3.86
N GLY A 527 14.46 27.24 2.54
CA GLY A 527 15.21 26.26 1.78
C GLY A 527 16.67 26.56 1.59
N ASP A 528 17.18 27.62 2.19
CA ASP A 528 18.61 27.90 2.14
C ASP A 528 19.40 27.16 3.20
N THR A 529 18.74 26.66 4.25
CA THR A 529 19.46 26.01 5.33
C THR A 529 20.00 24.66 4.88
N LYS A 530 20.95 24.14 5.65
CA LYS A 530 21.62 22.91 5.26
C LYS A 530 20.74 21.69 5.44
N ILE A 531 19.81 21.70 6.39
CA ILE A 531 18.91 20.57 6.54
C ILE A 531 17.82 20.58 5.48
N MET A 532 17.53 21.73 4.87
CA MET A 532 16.61 21.75 3.74
C MET A 532 17.31 21.44 2.42
N LEU A 533 18.55 21.92 2.27
CA LEU A 533 19.30 21.62 1.05
C LEU A 533 19.74 20.16 0.97
N ASN A 534 19.84 19.48 2.12
CA ASN A 534 20.05 18.04 2.15
C ASN A 534 18.74 17.26 2.25
N SER A 535 17.68 17.79 1.65
CA SER A 535 16.38 17.14 1.58
C SER A 535 15.70 17.62 0.31
N GLY A 536 14.46 17.17 0.11
CA GLY A 536 13.73 17.60 -1.05
C GLY A 536 12.24 17.75 -0.81
N ILE A 537 11.49 17.98 -1.89
CA ILE A 537 10.04 17.99 -1.81
C ILE A 537 9.57 16.56 -1.52
N THR A 538 8.54 16.44 -0.70
CA THR A 538 7.99 15.13 -0.35
C THR A 538 7.39 14.47 -1.58
N PRO A 539 7.91 13.33 -2.02
CA PRO A 539 7.39 12.71 -3.25
C PRO A 539 6.06 12.03 -3.02
N THR A 540 5.40 11.71 -4.12
CA THR A 540 4.04 11.19 -4.01
C THR A 540 4.02 9.67 -3.84
N LYS A 541 5.06 8.98 -4.35
CA LYS A 541 5.37 7.58 -4.06
C LYS A 541 4.22 6.63 -4.44
N LYS A 542 4.05 6.49 -5.74
CA LYS A 542 3.18 5.45 -6.25
C LYS A 542 3.79 4.08 -5.96
N SER A 543 2.99 3.18 -5.38
CA SER A 543 3.45 1.87 -4.95
C SER A 543 3.81 0.97 -6.15
N ARG A 544 4.48 -0.14 -5.85
CA ARG A 544 4.93 -1.04 -6.92
C ARG A 544 3.76 -1.83 -7.52
N ILE A 545 2.84 -2.29 -6.68
CA ILE A 545 1.62 -2.92 -7.20
C ILE A 545 0.77 -1.89 -7.93
N SER A 546 0.79 -0.64 -7.47
CA SER A 546 0.09 0.43 -8.16
C SER A 546 0.77 0.79 -9.48
N ARG A 547 2.11 0.75 -9.51
CA ARG A 547 2.82 1.03 -10.76
C ARG A 547 2.70 -0.11 -11.75
N GLU A 548 2.68 -1.36 -11.29
CA GLU A 548 2.55 -2.49 -12.18
C GLU A 548 1.10 -2.76 -12.57
N LEU A 549 0.16 -2.03 -12.00
CA LEU A 549 -1.24 -2.14 -12.40
C LEU A 549 -1.49 -1.53 -13.77
N ASN A 550 -0.65 -0.59 -14.20
CA ASN A 550 -0.80 0.01 -15.52
C ASN A 550 -0.54 -1.01 -16.62
N PHE A 551 0.36 -1.96 -16.39
CA PHE A 551 0.62 -2.97 -17.40
C PHE A 551 -0.53 -3.97 -17.50
N SER A 552 -1.22 -4.23 -16.39
CA SER A 552 -2.38 -5.12 -16.42
C SER A 552 -3.56 -4.47 -17.11
N VAL A 553 -3.64 -3.14 -17.08
CA VAL A 553 -4.68 -2.42 -17.80
C VAL A 553 -4.40 -2.45 -19.30
N VAL A 554 -3.13 -2.45 -19.71
CA VAL A 554 -2.76 -2.58 -21.12
C VAL A 554 -3.13 -3.97 -21.65
N ILE A 555 -3.08 -4.99 -20.80
CA ILE A 555 -3.57 -6.32 -21.17
C ILE A 555 -5.08 -6.28 -21.47
N ASN A 556 -5.81 -5.43 -20.76
CA ASN A 556 -7.22 -5.22 -21.05
C ASN A 556 -7.45 -4.32 -22.26
N PHE A 557 -6.54 -3.37 -22.51
CA PHE A 557 -6.65 -2.55 -23.71
C PHE A 557 -6.38 -3.36 -24.97
N VAL A 558 -5.61 -4.45 -24.84
CA VAL A 558 -5.42 -5.37 -25.95
C VAL A 558 -6.63 -6.26 -26.11
N LEU A 559 -7.18 -6.77 -25.01
CA LEU A 559 -8.37 -7.63 -25.08
C LEU A 559 -9.59 -6.84 -25.56
N LEU A 560 -9.70 -5.58 -25.14
CA LEU A 560 -10.75 -4.71 -25.69
C LEU A 560 -10.54 -4.48 -27.17
N PHE A 561 -9.28 -4.31 -27.59
CA PHE A 561 -9.01 -4.06 -29.00
C PHE A 561 -9.33 -5.27 -29.86
N ILE A 562 -9.09 -6.48 -29.35
CA ILE A 562 -9.37 -7.68 -30.12
C ILE A 562 -10.88 -7.88 -30.28
N LEU A 563 -11.64 -7.67 -29.20
CA LEU A 563 -13.08 -7.86 -29.26
C LEU A 563 -13.77 -6.80 -30.12
N CYS A 564 -13.26 -5.58 -30.12
CA CYS A 564 -13.83 -4.55 -30.97
C CYS A 564 -13.39 -4.71 -32.42
N PHE A 565 -12.21 -5.28 -32.65
CA PHE A 565 -11.78 -5.55 -34.02
C PHE A 565 -12.56 -6.71 -34.63
N VAL A 566 -12.82 -7.76 -33.84
CA VAL A 566 -13.62 -8.89 -34.32
C VAL A 566 -15.04 -8.45 -34.59
N SER A 567 -15.63 -7.67 -33.69
CA SER A 567 -16.99 -7.19 -33.89
C SER A 567 -17.08 -6.15 -34.99
N GLY A 568 -16.00 -5.41 -35.23
CA GLY A 568 -16.02 -4.41 -36.28
C GLY A 568 -15.94 -5.01 -37.67
N ILE A 569 -15.23 -6.13 -37.81
CA ILE A 569 -15.17 -6.76 -39.12
C ILE A 569 -16.37 -7.68 -39.33
N ALA A 570 -16.91 -8.29 -38.27
CA ALA A 570 -18.05 -9.18 -38.42
C ALA A 570 -19.36 -8.44 -38.62
N ASN A 571 -19.44 -7.17 -38.20
CA ASN A 571 -20.62 -6.38 -38.47
C ASN A 571 -20.65 -5.96 -39.94
N GLY A 572 -19.49 -5.64 -40.51
CA GLY A 572 -19.43 -5.23 -41.89
C GLY A 572 -19.63 -6.37 -42.86
N VAL A 573 -19.31 -7.60 -42.43
CA VAL A 573 -19.61 -8.79 -43.23
C VAL A 573 -21.12 -9.04 -43.26
N TYR A 574 -21.83 -8.69 -42.19
CA TYR A 574 -23.28 -8.78 -42.20
C TYR A 574 -23.90 -7.70 -43.08
N TYR A 575 -23.31 -6.51 -43.10
CA TYR A 575 -23.91 -5.39 -43.83
C TYR A 575 -23.66 -5.42 -45.33
N ASP A 576 -22.98 -6.44 -45.86
CA ASP A 576 -22.97 -6.65 -47.30
C ASP A 576 -23.43 -8.06 -47.67
N LYS A 577 -24.33 -8.62 -46.86
CA LYS A 577 -25.07 -9.80 -47.26
C LYS A 577 -26.31 -9.39 -48.05
N LYS A 578 -27.04 -10.37 -48.56
CA LYS A 578 -28.17 -10.10 -49.44
C LYS A 578 -29.50 -10.63 -48.94
N GLY A 579 -29.55 -11.86 -48.46
CA GLY A 579 -30.82 -12.45 -48.08
C GLY A 579 -31.15 -12.27 -46.62
N ARG A 580 -31.18 -11.02 -46.15
CA ARG A 580 -31.32 -10.72 -44.74
C ARG A 580 -32.59 -9.93 -44.48
N SER A 581 -33.20 -10.18 -43.32
CA SER A 581 -34.47 -9.55 -42.95
C SER A 581 -34.32 -8.06 -42.63
N ARG A 582 -33.09 -7.55 -42.57
CA ARG A 582 -32.85 -6.12 -42.50
C ARG A 582 -33.41 -5.40 -43.72
N PHE A 583 -33.44 -6.05 -44.88
CA PHE A 583 -33.88 -5.40 -46.10
C PHE A 583 -35.39 -5.24 -46.16
N SER A 584 -36.15 -6.15 -45.55
CA SER A 584 -37.59 -6.09 -45.70
C SER A 584 -38.30 -5.37 -44.55
N TYR A 585 -38.01 -5.73 -43.30
CA TYR A 585 -38.78 -5.20 -42.18
C TYR A 585 -38.13 -4.00 -41.50
N GLU A 586 -36.83 -4.05 -41.23
CA GLU A 586 -36.12 -2.80 -41.00
C GLU A 586 -36.06 -2.01 -42.30
N PHE A 587 -35.98 -0.70 -42.18
CA PHE A 587 -35.92 0.14 -43.38
C PHE A 587 -34.50 0.51 -43.76
N GLY A 588 -33.56 -0.39 -43.53
CA GLY A 588 -32.26 -0.32 -44.17
C GLY A 588 -32.30 -1.07 -45.49
N THR A 589 -33.12 -0.56 -46.41
CA THR A 589 -33.34 -1.19 -47.71
C THR A 589 -32.24 -0.86 -48.71
N ILE A 590 -31.24 -0.07 -48.32
CA ILE A 590 -30.18 0.34 -49.23
C ILE A 590 -29.17 -0.80 -49.30
N ALA A 591 -29.20 -1.55 -50.40
CA ALA A 591 -28.33 -2.72 -50.55
C ALA A 591 -26.87 -2.33 -50.66
N GLY A 592 -26.58 -1.12 -51.13
CA GLY A 592 -25.24 -0.58 -51.08
C GLY A 592 -25.00 0.14 -49.77
N SER A 593 -24.34 1.31 -49.85
CA SER A 593 -24.05 2.27 -48.79
C SER A 593 -23.06 1.77 -47.74
N ALA A 594 -22.62 0.53 -47.81
CA ALA A 594 -21.70 -0.01 -46.81
C ALA A 594 -20.93 -1.17 -47.44
N ALA A 595 -19.70 -0.90 -47.87
CA ALA A 595 -18.80 -1.97 -48.28
C ALA A 595 -18.00 -2.47 -47.08
N THR A 596 -17.23 -1.58 -46.47
CA THR A 596 -16.60 -1.82 -45.16
C THR A 596 -16.94 -0.61 -44.30
N ASN A 597 -18.09 -0.65 -43.63
CA ASN A 597 -18.37 0.33 -42.59
C ASN A 597 -17.95 -0.16 -41.21
N GLY A 598 -16.89 -0.96 -41.14
CA GLY A 598 -16.27 -1.41 -39.91
C GLY A 598 -15.47 -0.37 -39.16
N PHE A 599 -15.64 0.92 -39.49
CA PHE A 599 -15.13 1.98 -38.63
C PHE A 599 -16.22 2.50 -37.70
N VAL A 600 -17.44 2.65 -38.21
CA VAL A 600 -18.52 3.11 -37.33
C VAL A 600 -19.05 1.95 -36.49
N SER A 601 -18.92 0.71 -36.96
CA SER A 601 -19.32 -0.43 -36.15
C SER A 601 -18.21 -0.89 -35.22
N PHE A 602 -16.98 -0.42 -35.44
CA PHE A 602 -15.90 -0.64 -34.49
C PHE A 602 -16.19 0.07 -33.18
N TRP A 603 -16.46 1.37 -33.26
CA TRP A 603 -16.52 2.20 -32.07
C TRP A 603 -17.90 2.23 -31.43
N VAL A 604 -18.92 1.65 -32.07
CA VAL A 604 -20.13 1.29 -31.35
C VAL A 604 -19.83 0.20 -30.34
N ALA A 605 -18.99 -0.75 -30.72
CA ALA A 605 -18.59 -1.80 -29.80
C ALA A 605 -17.62 -1.31 -28.73
N VAL A 606 -16.88 -0.24 -29.00
CA VAL A 606 -16.04 0.36 -27.97
C VAL A 606 -16.90 0.95 -26.86
N ILE A 607 -18.04 1.54 -27.23
CA ILE A 607 -18.99 2.02 -26.23
C ILE A 607 -19.72 0.83 -25.61
N LEU A 608 -19.97 -0.22 -26.39
CA LEU A 608 -20.67 -1.39 -25.87
C LEU A 608 -19.81 -2.17 -24.89
N TYR A 609 -18.51 -2.26 -25.14
CA TYR A 609 -17.61 -3.08 -24.33
C TYR A 609 -16.77 -2.24 -23.38
N GLN A 610 -17.20 -1.01 -23.11
CA GLN A 610 -16.38 -0.08 -22.32
C GLN A 610 -16.25 -0.50 -20.88
N SER A 611 -17.18 -1.29 -20.37
CA SER A 611 -17.12 -1.79 -19.00
C SER A 611 -16.24 -3.00 -18.85
N LEU A 612 -15.35 -3.26 -19.80
CA LEU A 612 -14.34 -4.29 -19.66
C LEU A 612 -13.11 -3.77 -18.94
N VAL A 613 -12.91 -2.46 -18.94
CA VAL A 613 -12.02 -1.78 -18.02
C VAL A 613 -12.89 -0.94 -17.09
N PRO A 614 -13.05 -1.33 -15.83
CA PRO A 614 -14.13 -0.78 -15.01
C PRO A 614 -13.79 0.56 -14.37
N ILE A 615 -14.82 1.40 -14.24
CA ILE A 615 -14.70 2.73 -13.63
C ILE A 615 -14.36 2.62 -12.16
N SER A 616 -14.71 1.51 -11.52
CA SER A 616 -14.52 1.32 -10.10
C SER A 616 -13.15 0.76 -9.75
N LEU A 617 -12.18 0.86 -10.66
CA LEU A 617 -10.86 0.28 -10.39
C LEU A 617 -10.06 1.13 -9.43
N TYR A 618 -9.89 2.39 -9.76
CA TYR A 618 -9.02 3.26 -8.98
C TYR A 618 -9.72 3.86 -7.78
N ILE A 619 -11.03 3.70 -7.66
CA ILE A 619 -11.71 4.07 -6.43
C ILE A 619 -11.81 2.88 -5.47
N SER A 620 -11.83 1.64 -5.97
CA SER A 620 -11.82 0.50 -5.06
C SER A 620 -10.47 0.35 -4.40
N VAL A 621 -9.40 0.34 -5.19
CA VAL A 621 -8.04 0.17 -4.67
C VAL A 621 -7.59 1.33 -3.80
N GLU A 622 -8.30 2.44 -3.80
CA GLU A 622 -7.92 3.59 -3.00
C GLU A 622 -8.71 3.66 -1.70
N ILE A 623 -9.94 3.13 -1.68
CA ILE A 623 -10.61 2.87 -0.42
C ILE A 623 -9.87 1.78 0.36
N ILE A 624 -9.25 0.82 -0.36
CA ILE A 624 -8.42 -0.20 0.27
C ILE A 624 -7.24 0.44 0.98
N LYS A 625 -6.48 1.26 0.25
CA LYS A 625 -5.25 1.83 0.78
C LYS A 625 -5.52 2.84 1.89
N THR A 626 -6.62 3.58 1.80
CA THR A 626 -6.96 4.53 2.85
C THR A 626 -7.42 3.81 4.11
N ALA A 627 -8.16 2.71 3.96
CA ALA A 627 -8.62 1.98 5.13
C ALA A 627 -7.57 1.04 5.69
N GLN A 628 -6.60 0.62 4.89
CA GLN A 628 -5.44 -0.07 5.43
C GLN A 628 -4.57 0.87 6.25
N ALA A 629 -4.53 2.15 5.89
CA ALA A 629 -3.82 3.13 6.70
C ALA A 629 -4.56 3.45 7.99
N ALA A 630 -5.89 3.32 7.98
CA ALA A 630 -6.67 3.61 9.17
C ALA A 630 -6.50 2.54 10.25
N PHE A 631 -6.24 1.30 9.86
CA PHE A 631 -6.03 0.26 10.86
C PHE A 631 -4.58 0.19 11.36
N ILE A 632 -3.63 0.71 10.59
CA ILE A 632 -2.29 0.92 11.11
C ILE A 632 -2.30 2.02 12.16
N TYR A 633 -3.09 3.07 11.90
CA TYR A 633 -3.21 4.19 12.82
C TYR A 633 -3.89 3.81 14.13
N GLY A 634 -4.85 2.90 14.07
CA GLY A 634 -5.66 2.65 15.24
C GLY A 634 -5.47 1.31 15.91
N ASP A 635 -4.25 0.84 16.07
CA ASP A 635 -4.01 -0.30 16.94
C ASP A 635 -3.15 0.10 18.13
N VAL A 636 -3.40 -0.59 19.25
CA VAL A 636 -2.76 -0.25 20.51
C VAL A 636 -1.35 -0.80 20.65
N LEU A 637 -0.96 -1.76 19.80
CA LEU A 637 0.38 -2.33 19.88
C LEU A 637 1.41 -1.52 19.11
N LEU A 638 0.98 -0.63 18.21
CA LEU A 638 1.83 0.38 17.64
C LEU A 638 1.69 1.71 18.36
N TYR A 639 0.92 1.74 19.45
CA TYR A 639 0.78 2.94 20.26
C TYR A 639 1.91 3.06 21.26
N ASN A 640 2.47 4.26 21.37
CA ASN A 640 3.56 4.55 22.32
C ASN A 640 2.95 5.30 23.49
N ALA A 641 2.89 4.63 24.65
CA ALA A 641 2.21 5.20 25.80
C ALA A 641 3.00 6.31 26.45
N LYS A 642 4.33 6.28 26.32
CA LYS A 642 5.15 7.31 26.97
C LYS A 642 5.06 8.64 26.25
N LEU A 643 5.13 8.63 24.92
CA LEU A 643 5.00 9.88 24.17
C LEU A 643 3.56 10.28 23.93
N ASP A 644 2.60 9.41 24.29
CA ASP A 644 1.18 9.53 23.92
C ASP A 644 1.05 9.68 22.40
N TYR A 645 1.42 8.61 21.72
CA TYR A 645 1.61 8.72 20.29
C TYR A 645 1.28 7.40 19.60
N PRO A 646 0.21 7.33 18.82
CA PRO A 646 -0.02 6.14 18.00
C PRO A 646 0.81 6.21 16.73
N CYS A 647 0.90 5.07 16.04
CA CYS A 647 1.51 5.06 14.72
C CYS A 647 0.71 5.93 13.78
N THR A 648 1.39 6.87 13.12
CA THR A 648 0.70 7.82 12.27
C THR A 648 1.05 7.56 10.81
N PRO A 649 0.21 6.87 10.05
CA PRO A 649 0.39 6.85 8.59
C PRO A 649 0.25 8.25 8.01
N LYS A 650 1.22 8.62 7.19
CA LYS A 650 1.23 9.91 6.54
C LYS A 650 1.09 9.81 5.03
N SER A 651 1.53 8.70 4.44
CA SER A 651 1.20 8.36 3.05
C SER A 651 0.17 7.23 3.12
N TRP A 652 -1.04 7.52 2.66
CA TRP A 652 -2.15 6.60 2.81
C TRP A 652 -2.32 5.67 1.62
N ASN A 653 -1.26 5.45 0.84
CA ASN A 653 -1.38 4.61 -0.35
C ASN A 653 -0.24 3.61 -0.54
N ILE A 654 0.69 3.49 0.41
CA ILE A 654 1.82 2.58 0.23
C ILE A 654 1.91 1.54 1.33
N SER A 655 0.78 1.11 1.87
CA SER A 655 0.82 0.05 2.87
C SER A 655 1.23 -1.29 2.26
N ASP A 656 1.03 -1.48 0.96
CA ASP A 656 1.46 -2.72 0.32
C ASP A 656 2.95 -2.75 0.02
N ASP A 657 3.62 -1.59 -0.01
CA ASP A 657 5.07 -1.59 -0.17
C ASP A 657 5.79 -2.12 1.05
N LEU A 658 5.17 -2.05 2.23
CA LEU A 658 5.75 -2.57 3.46
C LEU A 658 5.72 -4.10 3.53
N GLY A 659 5.25 -4.80 2.51
CA GLY A 659 5.22 -6.24 2.52
C GLY A 659 6.19 -6.86 1.55
N GLN A 660 6.90 -6.00 0.81
CA GLN A 660 7.90 -6.42 -0.17
C GLN A 660 9.30 -5.98 0.20
N VAL A 661 9.49 -5.41 1.39
CA VAL A 661 10.75 -4.75 1.76
C VAL A 661 11.86 -5.78 1.94
N GLU A 662 12.95 -5.57 1.22
CA GLU A 662 14.13 -6.42 1.31
C GLU A 662 15.29 -5.77 2.04
N TYR A 663 15.52 -4.48 1.83
CA TYR A 663 16.62 -3.76 2.44
C TYR A 663 16.08 -2.72 3.41
N ILE A 664 16.57 -2.71 4.64
CA ILE A 664 16.33 -1.63 5.58
C ILE A 664 17.61 -0.83 5.73
N PHE A 665 17.51 0.48 5.60
CA PHE A 665 18.65 1.37 5.71
C PHE A 665 18.45 2.19 6.99
N SER A 666 18.89 1.63 8.11
CA SER A 666 18.63 2.24 9.40
C SER A 666 19.69 3.27 9.77
N ASP A 667 19.26 4.32 10.46
CA ASP A 667 20.18 5.21 11.13
C ASP A 667 20.51 4.61 12.50
N LYS A 668 21.56 5.12 13.14
CA LYS A 668 21.98 4.58 14.43
C LYS A 668 21.52 5.46 15.60
N THR A 669 21.95 6.72 15.63
CA THR A 669 21.77 7.57 16.80
C THR A 669 20.35 8.10 16.87
N GLY A 670 19.65 7.79 17.97
CA GLY A 670 18.26 8.13 18.13
C GLY A 670 17.30 7.14 17.51
N THR A 671 17.75 6.41 16.50
CA THR A 671 16.97 5.39 15.81
C THR A 671 17.22 4.01 16.40
N LEU A 672 18.47 3.57 16.42
CA LEU A 672 18.81 2.32 17.10
C LEU A 672 19.12 2.53 18.57
N THR A 673 19.57 3.73 18.93
CA THR A 673 20.02 4.00 20.28
C THR A 673 18.99 4.87 21.01
N GLN A 674 19.17 4.99 22.31
CA GLN A 674 18.23 5.68 23.18
C GLN A 674 18.75 7.03 23.63
N ASN A 675 19.99 7.38 23.24
CA ASN A 675 20.70 8.61 23.64
C ASN A 675 20.87 8.70 25.15
N VAL A 676 21.09 7.56 25.80
CA VAL A 676 21.38 7.48 27.22
C VAL A 676 22.63 6.63 27.39
N MET A 677 23.64 7.18 28.04
CA MET A 677 24.87 6.46 28.33
C MET A 677 24.83 5.98 29.77
N GLU A 678 25.29 4.76 30.01
CA GLU A 678 25.32 4.19 31.35
C GLU A 678 26.68 3.54 31.61
N PHE A 679 27.36 4.02 32.66
CA PHE A 679 28.54 3.37 33.19
C PHE A 679 28.16 2.00 33.73
N LYS A 680 28.62 0.92 33.10
CA LYS A 680 28.20 -0.40 33.54
C LYS A 680 29.31 -1.21 34.18
N LYS A 681 30.52 -1.19 33.63
CA LYS A 681 31.59 -2.05 34.10
C LYS A 681 32.89 -1.25 34.17
N CYS A 682 33.81 -1.72 35.01
CA CYS A 682 35.14 -1.14 35.09
C CYS A 682 36.12 -2.19 35.58
N THR A 683 37.39 -1.97 35.24
CA THR A 683 38.49 -2.79 35.72
C THR A 683 39.37 -1.95 36.63
N ILE A 684 39.63 -2.45 37.83
CA ILE A 684 40.50 -1.77 38.79
C ILE A 684 41.56 -2.77 39.19
N ASN A 685 42.80 -2.54 38.73
CA ASN A 685 43.97 -3.37 39.02
C ASN A 685 43.76 -4.82 38.59
N GLY A 686 43.13 -5.02 37.43
CA GLY A 686 42.91 -6.35 36.93
C GLY A 686 41.77 -7.10 37.57
N VAL A 687 40.86 -6.41 38.24
CA VAL A 687 39.67 -7.03 38.83
C VAL A 687 38.45 -6.46 38.12
N SER A 688 37.60 -7.33 37.58
CA SER A 688 36.43 -6.90 36.84
C SER A 688 35.33 -6.47 37.83
N TYR A 689 35.00 -5.20 37.80
CA TYR A 689 33.95 -4.63 38.65
C TYR A 689 32.82 -4.16 37.74
N GLY A 690 31.67 -4.82 37.82
CA GLY A 690 30.54 -4.41 37.01
C GLY A 690 29.70 -5.58 36.58
N ARG A 691 28.39 -5.45 36.74
CA ARG A 691 27.44 -6.53 36.48
C ARG A 691 26.35 -6.00 35.56
N ALA A 692 26.15 -6.66 34.42
CA ALA A 692 25.19 -6.16 33.44
C ALA A 692 24.75 -7.31 32.54
N TYR A 693 23.44 -7.48 32.41
CA TYR A 693 22.87 -8.43 31.46
C TYR A 693 22.43 -7.69 30.21
N THR A 694 23.42 -7.18 29.47
CA THR A 694 23.10 -6.34 28.32
C THR A 694 22.68 -7.17 27.12
N GLU A 695 23.61 -7.93 26.56
CA GLU A 695 23.32 -8.76 25.40
C GLU A 695 23.99 -10.13 25.55
N ALA A 696 23.72 -10.78 26.68
CA ALA A 696 24.05 -12.19 26.80
C ALA A 696 23.03 -13.10 26.10
N LEU A 697 22.03 -12.52 25.43
CA LEU A 697 21.05 -13.27 24.66
C LEU A 697 21.50 -13.54 23.22
N ALA A 698 22.81 -13.55 22.96
CA ALA A 698 23.32 -14.21 21.77
C ALA A 698 23.13 -15.71 21.86
N GLY A 699 23.03 -16.25 23.07
CA GLY A 699 22.70 -17.64 23.28
C GLY A 699 21.19 -17.89 23.33
N LEU A 700 20.51 -17.72 22.21
CA LEU A 700 19.17 -18.24 22.02
C LEU A 700 19.17 -19.50 21.19
N ARG A 701 20.35 -19.97 20.77
CA ARG A 701 20.44 -21.22 20.02
C ARG A 701 20.40 -22.43 20.95
N LYS A 702 21.07 -22.35 22.10
CA LYS A 702 21.24 -23.49 22.98
C LYS A 702 20.45 -23.35 24.27
N ARG A 703 20.67 -22.29 25.04
CA ARG A 703 20.07 -22.13 26.35
C ARG A 703 18.89 -21.17 26.29
N GLN A 704 18.08 -21.22 27.33
CA GLN A 704 16.74 -20.67 27.31
C GLN A 704 16.72 -19.15 27.44
N GLY A 705 15.53 -18.59 27.26
CA GLY A 705 15.25 -17.23 27.65
C GLY A 705 14.57 -17.22 29.00
N ILE A 706 14.88 -18.23 29.82
CA ILE A 706 14.43 -18.30 31.21
C ILE A 706 15.28 -17.43 32.12
N ASP A 707 16.31 -16.79 31.57
CA ASP A 707 17.14 -15.87 32.35
C ASP A 707 16.51 -14.49 32.48
N VAL A 708 15.25 -14.44 32.92
CA VAL A 708 14.70 -13.26 33.58
C VAL A 708 15.03 -13.32 35.06
N GLU A 709 15.47 -14.48 35.55
CA GLU A 709 15.91 -14.61 36.94
C GLU A 709 17.21 -13.88 37.18
N THR A 710 18.03 -13.68 36.15
CA THR A 710 19.24 -12.92 36.34
C THR A 710 18.98 -11.41 36.36
N GLU A 711 17.93 -10.96 35.67
CA GLU A 711 17.58 -9.54 35.70
C GLU A 711 17.02 -9.14 37.06
N GLY A 712 16.43 -10.09 37.79
CA GLY A 712 16.15 -9.86 39.18
C GLY A 712 17.36 -10.06 40.06
N ARG A 713 18.32 -10.89 39.62
CA ARG A 713 19.54 -11.10 40.38
C ARG A 713 20.49 -9.90 40.26
N ARG A 714 20.45 -9.18 39.14
CA ARG A 714 21.11 -7.88 39.11
C ARG A 714 20.34 -6.85 39.91
N GLU A 715 19.01 -7.00 40.01
CA GLU A 715 18.18 -5.98 40.64
C GLU A 715 18.31 -5.99 42.15
N LYS A 716 18.35 -7.18 42.76
CA LYS A 716 18.57 -7.27 44.20
C LYS A 716 19.99 -6.86 44.56
N ALA A 717 20.95 -7.05 43.65
CA ALA A 717 22.31 -6.63 43.88
C ALA A 717 22.47 -5.12 43.81
N GLU A 718 21.55 -4.42 43.16
CA GLU A 718 21.60 -2.96 43.16
C GLU A 718 21.07 -2.40 44.48
N ILE A 719 20.00 -2.99 45.00
CA ILE A 719 19.42 -2.55 46.26
C ILE A 719 20.36 -2.88 47.42
N ALA A 720 20.98 -4.07 47.38
CA ALA A 720 21.99 -4.44 48.36
C ALA A 720 23.25 -3.59 48.23
N LYS A 721 23.49 -2.99 47.08
CA LYS A 721 24.60 -2.05 46.94
C LYS A 721 24.20 -0.65 47.40
N ASP A 722 22.92 -0.29 47.25
CA ASP A 722 22.44 1.01 47.75
C ASP A 722 22.37 1.03 49.27
N ARG A 723 21.99 -0.08 49.89
CA ARG A 723 21.97 -0.17 51.34
C ARG A 723 23.37 -0.30 51.94
N ASP A 724 24.36 -0.68 51.14
CA ASP A 724 25.72 -0.84 51.62
C ASP A 724 26.55 0.42 51.41
N THR A 725 26.18 1.29 50.47
CA THR A 725 26.90 2.52 50.20
C THR A 725 26.45 3.67 51.10
N MET A 726 25.61 3.39 52.10
CA MET A 726 25.13 4.41 53.04
C MET A 726 26.25 4.78 54.00
N ILE A 727 27.16 5.60 53.50
CA ILE A 727 28.13 6.35 54.31
C ILE A 727 27.68 7.79 54.06
N ASP A 728 28.32 8.76 54.70
CA ASP A 728 27.86 10.15 54.63
C ASP A 728 28.12 10.71 53.25
N GLU A 729 27.10 10.70 52.40
CA GLU A 729 27.19 11.25 51.05
C GLU A 729 26.04 12.21 50.86
N LEU A 730 26.35 13.42 50.38
CA LEU A 730 25.33 14.46 50.24
C LEU A 730 24.34 14.13 49.13
N ARG A 731 24.83 13.70 47.97
CA ARG A 731 23.96 13.46 46.83
C ARG A 731 23.97 12.00 46.41
N ALA A 732 24.01 11.09 47.38
CA ALA A 732 23.55 9.72 47.15
C ALA A 732 22.03 9.79 47.15
N LEU A 733 21.49 10.19 45.99
CA LEU A 733 20.10 10.65 45.94
C LEU A 733 19.13 9.48 46.05
N SER A 734 19.17 8.57 45.07
CA SER A 734 18.43 7.32 45.11
C SER A 734 19.13 6.37 44.15
N GLY A 735 18.47 5.25 43.85
CA GLY A 735 18.91 4.41 42.77
C GLY A 735 18.47 4.86 41.40
N ASN A 736 17.71 5.96 41.34
CA ASN A 736 17.20 6.47 40.08
C ASN A 736 18.25 7.18 39.26
N SER A 737 19.33 7.64 39.89
CA SER A 737 20.49 8.18 39.19
C SER A 737 21.71 7.28 39.34
N GLN A 738 21.53 6.08 39.87
CA GLN A 738 22.62 5.15 40.12
C GLN A 738 22.44 3.95 39.18
N PHE A 739 23.28 3.88 38.16
CA PHE A 739 23.16 2.89 37.10
C PHE A 739 24.40 1.99 37.01
N TYR A 740 25.01 1.68 38.16
CA TYR A 740 26.18 0.81 38.22
C TYR A 740 25.97 -0.21 39.32
N PRO A 741 25.28 -1.33 39.03
CA PRO A 741 25.07 -2.36 40.04
C PRO A 741 26.28 -3.26 40.17
N GLU A 742 27.00 -3.13 41.29
CA GLU A 742 28.02 -4.11 41.65
C GLU A 742 28.10 -4.14 43.17
N GLU A 743 27.67 -5.26 43.76
CA GLU A 743 27.76 -5.41 45.21
C GLU A 743 29.19 -5.57 45.69
N VAL A 744 30.16 -5.80 44.80
CA VAL A 744 31.56 -5.79 45.19
C VAL A 744 32.00 -4.34 45.11
N THR A 745 31.63 -3.58 46.15
CA THR A 745 32.10 -2.23 46.42
C THR A 745 32.81 -2.20 47.76
N PHE A 746 33.30 -3.36 48.17
CA PHE A 746 33.65 -3.62 49.56
C PHE A 746 34.93 -2.90 49.95
N VAL A 747 34.81 -2.09 50.99
CA VAL A 747 35.96 -1.51 51.69
C VAL A 747 36.28 -2.55 52.77
N SER A 748 37.06 -3.55 52.38
CA SER A 748 37.23 -4.76 53.19
C SER A 748 38.47 -4.68 54.06
N LYS A 749 38.34 -5.18 55.29
CA LYS A 749 39.31 -5.05 56.39
C LYS A 749 39.57 -3.59 56.76
N GLU A 750 38.52 -2.77 56.74
CA GLU A 750 38.49 -1.50 57.45
C GLU A 750 37.31 -1.49 58.41
N PHE A 751 37.41 -0.61 59.42
CA PHE A 751 36.52 -0.45 60.59
C PHE A 751 36.06 -1.76 61.23
N VAL A 752 36.91 -2.79 61.21
CA VAL A 752 36.59 -4.07 61.84
C VAL A 752 37.63 -4.41 62.89
N ARG A 753 38.91 -4.46 62.48
CA ARG A 753 39.96 -4.89 63.39
C ARG A 753 40.42 -3.75 64.32
N ASP A 754 40.56 -2.55 63.78
CA ASP A 754 41.18 -1.43 64.49
C ASP A 754 40.52 -0.14 64.01
N LEU A 755 41.16 0.99 64.28
CA LEU A 755 40.73 2.29 63.78
C LEU A 755 41.63 2.82 62.66
N LYS A 756 42.95 2.58 62.75
CA LYS A 756 43.86 3.07 61.73
C LYS A 756 43.89 2.13 60.53
N GLY A 757 44.33 0.89 60.73
CA GLY A 757 44.39 -0.07 59.63
C GLY A 757 45.50 0.26 58.65
N ALA A 758 45.16 0.15 57.36
CA ALA A 758 46.02 0.51 56.22
C ALA A 758 47.34 -0.26 56.21
N SER A 759 47.26 -1.56 56.50
CA SER A 759 48.41 -2.45 56.39
C SER A 759 48.32 -3.34 55.16
N GLY A 760 47.17 -3.95 54.94
CA GLY A 760 46.94 -4.75 53.75
C GLY A 760 45.86 -4.15 52.88
N GLU A 761 45.31 -4.96 51.96
CA GLU A 761 44.25 -4.58 51.01
C GLU A 761 44.66 -3.37 50.16
N VAL A 762 45.67 -3.62 49.31
CA VAL A 762 46.05 -2.63 48.31
C VAL A 762 44.98 -2.46 47.25
N GLN A 763 44.07 -3.44 47.08
CA GLN A 763 42.97 -3.30 46.14
C GLN A 763 41.98 -2.24 46.60
N GLN A 764 41.77 -2.13 47.92
CA GLN A 764 40.91 -1.07 48.44
C GLN A 764 41.53 0.30 48.24
N ARG A 765 42.87 0.39 48.30
CA ARG A 765 43.53 1.65 47.95
C ARG A 765 43.48 1.90 46.45
N CYS A 766 43.36 0.85 45.65
CA CYS A 766 43.24 1.02 44.21
C CYS A 766 41.81 1.38 43.80
N CYS A 767 40.80 0.87 44.51
CA CYS A 767 39.42 1.20 44.17
C CYS A 767 39.10 2.66 44.48
N GLU A 768 39.59 3.16 45.62
CA GLU A 768 39.27 4.53 46.02
C GLU A 768 40.14 5.55 45.31
N HIS A 769 41.24 5.13 44.69
CA HIS A 769 42.03 6.05 43.88
C HIS A 769 41.58 6.03 42.43
N PHE A 770 40.99 4.92 41.98
CA PHE A 770 40.39 4.86 40.66
C PHE A 770 39.19 5.79 40.56
N MET A 771 38.24 5.66 41.49
CA MET A 771 37.06 6.50 41.52
C MET A 771 37.39 7.95 41.83
N LEU A 772 38.52 8.21 42.48
CA LEU A 772 38.98 9.59 42.62
C LEU A 772 39.43 10.16 41.28
N ALA A 773 40.09 9.34 40.47
CA ALA A 773 40.55 9.79 39.16
C ALA A 773 39.39 10.02 38.20
N LEU A 774 38.27 9.31 38.38
CA LEU A 774 37.07 9.58 37.61
C LEU A 774 36.35 10.83 38.07
N ALA A 775 36.66 11.33 39.27
CA ALA A 775 36.13 12.59 39.75
C ALA A 775 37.14 13.73 39.63
N LEU A 776 38.25 13.50 38.93
CA LEU A 776 39.27 14.53 38.69
C LEU A 776 39.47 14.83 37.21
N CYS A 777 39.65 13.81 36.38
CA CYS A 777 40.00 14.02 34.97
C CYS A 777 38.69 14.13 34.18
N HIS A 778 38.17 15.35 34.11
CA HIS A 778 36.95 15.64 33.36
C HIS A 778 36.87 17.13 33.08
N SER A 779 35.90 17.49 32.23
CA SER A 779 35.54 18.89 31.98
C SER A 779 34.07 19.13 32.28
N VAL A 780 33.55 18.44 33.29
CA VAL A 780 32.14 18.55 33.67
C VAL A 780 31.96 19.77 34.58
N LEU A 781 31.02 20.63 34.23
CA LEU A 781 30.72 21.80 35.03
C LEU A 781 29.60 21.50 36.02
N VAL A 782 29.29 22.51 36.84
CA VAL A 782 28.36 22.37 37.96
C VAL A 782 27.28 23.43 37.83
N GLU A 783 26.02 23.01 37.78
CA GLU A 783 24.88 23.91 37.82
C GLU A 783 23.85 23.35 38.78
N ALA A 784 23.15 24.24 39.46
CA ALA A 784 22.17 23.85 40.46
C ALA A 784 20.83 23.55 39.81
N ASN A 785 20.25 22.42 40.18
CA ASN A 785 18.95 22.02 39.66
C ASN A 785 17.88 22.92 40.29
N PRO A 786 17.06 23.62 39.51
CA PRO A 786 16.02 24.48 40.10
C PRO A 786 14.94 23.70 40.84
N ASP A 787 14.71 22.44 40.48
CA ASP A 787 13.97 21.53 41.33
C ASP A 787 14.97 20.92 42.32
N ASN A 788 14.69 21.09 43.63
CA ASN A 788 15.51 20.62 44.74
C ASN A 788 16.92 21.20 44.67
N PRO A 789 17.10 22.49 44.98
CA PRO A 789 18.42 23.12 44.79
C PRO A 789 19.51 22.64 45.74
N LYS A 790 19.20 21.80 46.73
CA LYS A 790 20.23 21.12 47.50
C LYS A 790 20.90 20.01 46.70
N LYS A 791 20.24 19.50 45.67
CA LYS A 791 20.83 18.52 44.76
C LYS A 791 21.14 19.24 43.44
N LEU A 792 22.42 19.20 43.04
CA LEU A 792 22.84 19.77 41.78
C LEU A 792 23.22 18.65 40.81
N ASP A 793 23.13 18.95 39.52
CA ASP A 793 23.35 17.97 38.46
C ASP A 793 24.53 18.39 37.59
N LEU A 794 24.90 17.47 36.69
CA LEU A 794 26.16 17.54 35.96
C LEU A 794 25.93 17.99 34.54
N LYS A 795 26.50 19.13 34.17
CA LYS A 795 26.35 19.71 32.84
C LYS A 795 27.65 19.47 32.07
N ALA A 796 27.73 18.34 31.40
CA ALA A 796 28.92 17.90 30.68
C ALA A 796 28.81 18.19 29.19
N GLN A 797 29.94 18.04 28.50
CA GLN A 797 29.97 18.09 27.05
C GLN A 797 29.67 16.72 26.43
N SER A 798 30.50 15.75 26.73
CA SER A 798 30.21 14.41 26.27
C SER A 798 29.38 13.67 27.31
N PRO A 799 28.40 12.87 26.90
CA PRO A 799 27.64 12.08 27.87
C PRO A 799 28.42 10.89 28.43
N ASP A 800 29.61 10.60 27.89
CA ASP A 800 30.49 9.63 28.53
C ASP A 800 31.01 10.16 29.84
N GLU A 801 31.54 11.38 29.84
CA GLU A 801 32.09 11.98 31.04
C GLU A 801 31.01 12.36 32.03
N ALA A 802 29.77 12.56 31.58
CA ALA A 802 28.67 12.75 32.51
C ALA A 802 28.35 11.48 33.27
N ALA A 803 28.57 10.32 32.65
CA ALA A 803 28.30 9.06 33.32
C ALA A 803 29.48 8.61 34.18
N LEU A 804 30.68 9.09 33.89
CA LEU A 804 31.85 8.76 34.71
C LEU A 804 31.85 9.55 36.01
N VAL A 805 31.48 10.83 35.95
CA VAL A 805 31.45 11.65 37.14
C VAL A 805 30.26 11.28 38.02
N ALA A 806 29.15 10.88 37.41
CA ALA A 806 27.96 10.55 38.20
C ALA A 806 28.10 9.21 38.92
N THR A 807 28.86 8.27 38.37
CA THR A 807 29.05 7.00 39.04
C THR A 807 30.12 7.05 40.11
N ALA A 808 31.02 8.04 40.06
CA ALA A 808 31.92 8.25 41.19
C ALA A 808 31.23 9.03 42.29
N ARG A 809 30.25 9.85 41.90
CA ARG A 809 29.38 10.53 42.84
C ARG A 809 28.54 9.53 43.63
N ASP A 810 28.17 8.40 43.02
CA ASP A 810 27.29 7.45 43.69
C ASP A 810 28.05 6.51 44.62
N VAL A 811 29.32 6.23 44.33
CA VAL A 811 30.08 5.32 45.18
C VAL A 811 30.83 6.04 46.29
N GLY A 812 30.82 7.38 46.30
CA GLY A 812 31.38 8.09 47.44
C GLY A 812 32.11 9.38 47.14
N PHE A 813 32.55 9.57 45.90
CA PHE A 813 33.37 10.73 45.54
C PHE A 813 32.48 11.72 44.81
N SER A 814 31.77 12.53 45.59
CA SER A 814 30.80 13.46 45.05
C SER A 814 31.50 14.74 44.63
N PHE A 815 31.64 14.96 43.33
CA PHE A 815 32.14 16.21 42.78
C PHE A 815 31.07 17.28 42.99
N VAL A 816 31.35 18.26 43.84
CA VAL A 816 30.34 19.22 44.28
C VAL A 816 30.62 20.64 43.83
N GLY A 817 31.66 20.87 43.05
CA GLY A 817 31.90 22.20 42.54
C GLY A 817 33.32 22.37 42.06
N LYS A 818 33.56 23.56 41.52
CA LYS A 818 34.87 23.92 40.98
C LYS A 818 35.21 25.35 41.41
N THR A 819 36.43 25.54 41.87
CA THR A 819 36.95 26.85 42.20
C THR A 819 38.01 27.25 41.18
N LYS A 820 38.56 28.46 41.35
CA LYS A 820 39.65 28.90 40.50
C LYS A 820 40.99 28.35 40.94
N LYS A 821 41.07 27.76 42.13
CA LYS A 821 42.26 27.04 42.55
C LYS A 821 42.18 25.56 42.16
N GLY A 822 40.99 24.97 42.27
CA GLY A 822 40.81 23.58 41.89
C GLY A 822 39.41 23.04 42.10
N LEU A 823 39.30 21.75 42.42
CA LEU A 823 38.03 21.07 42.49
C LEU A 823 37.67 20.78 43.95
N ILE A 824 36.39 20.92 44.28
CA ILE A 824 35.89 20.54 45.60
C ILE A 824 35.24 19.18 45.43
N ILE A 825 35.81 18.16 46.08
CA ILE A 825 35.37 16.79 45.92
C ILE A 825 35.02 16.24 47.29
N GLU A 826 33.74 15.91 47.49
CA GLU A 826 33.27 15.36 48.75
C GLU A 826 33.70 13.90 48.81
N MET A 827 34.93 13.67 49.27
CA MET A 827 35.49 12.32 49.40
C MET A 827 34.92 11.67 50.65
N GLN A 828 33.74 11.07 50.50
CA GLN A 828 33.02 10.34 51.55
C GLN A 828 32.77 11.22 52.78
N GLY A 829 32.00 12.27 52.57
CA GLY A 829 31.70 13.23 53.62
C GLY A 829 32.58 14.45 53.68
N ILE A 830 33.88 14.27 53.83
CA ILE A 830 34.79 15.40 53.90
C ILE A 830 35.06 15.93 52.49
N GLN A 831 35.13 17.26 52.37
CA GLN A 831 35.31 17.91 51.08
C GLN A 831 36.78 18.29 50.93
N LYS A 832 37.60 17.29 50.61
CA LYS A 832 39.01 17.54 50.37
C LYS A 832 39.21 18.34 49.09
N GLU A 833 40.09 19.33 49.15
CA GLU A 833 40.37 20.19 48.02
C GLU A 833 41.58 19.68 47.24
N PHE A 834 41.42 19.54 45.93
CA PHE A 834 42.51 19.23 45.02
C PHE A 834 42.81 20.46 44.18
N GLU A 835 44.08 20.85 44.13
CA GLU A 835 44.49 22.00 43.34
C GLU A 835 44.82 21.52 41.93
N ILE A 836 44.01 21.93 40.95
CA ILE A 836 44.27 21.60 39.56
C ILE A 836 45.43 22.44 39.07
N LEU A 837 46.43 21.79 38.46
CA LEU A 837 47.61 22.48 37.96
C LEU A 837 47.52 22.73 36.46
N ASN A 838 47.24 21.71 35.66
CA ASN A 838 47.01 21.88 34.23
C ASN A 838 45.85 21.00 33.78
N ILE A 839 45.24 21.38 32.66
CA ILE A 839 44.16 20.64 32.03
C ILE A 839 44.52 20.43 30.57
N LEU A 840 44.58 19.17 30.15
CA LEU A 840 44.81 18.82 28.76
C LEU A 840 43.47 18.35 28.17
N GLU A 841 42.87 19.19 27.33
CA GLU A 841 41.53 18.97 26.84
C GLU A 841 41.51 17.83 25.83
N PHE A 842 40.41 17.06 25.86
CA PHE A 842 40.16 16.02 24.86
C PHE A 842 40.08 16.62 23.47
N ASN A 843 40.55 15.86 22.49
CA ASN A 843 40.56 16.31 21.11
C ASN A 843 40.38 15.08 20.22
N SER A 844 39.92 15.32 18.99
CA SER A 844 39.73 14.23 18.04
C SER A 844 41.06 13.62 17.61
N SER A 845 42.09 14.47 17.46
CA SER A 845 43.42 13.99 17.09
C SER A 845 44.15 13.38 18.28
N ARG A 846 43.84 13.83 19.50
CA ARG A 846 44.52 13.32 20.68
C ARG A 846 43.94 11.99 21.13
N LYS A 847 42.61 11.86 21.08
CA LYS A 847 41.83 10.75 21.66
C LYS A 847 42.12 10.54 23.14
N ARG A 848 42.47 11.62 23.84
CA ARG A 848 42.92 11.55 25.22
C ARG A 848 42.58 12.84 25.95
N MET A 849 42.21 12.71 27.21
CA MET A 849 42.09 13.83 28.13
C MET A 849 42.99 13.57 29.33
N SER A 850 43.80 14.55 29.69
CA SER A 850 44.74 14.40 30.79
C SER A 850 44.59 15.55 31.78
N CYS A 851 44.78 15.23 33.06
CA CYS A 851 44.63 16.19 34.14
C CYS A 851 45.81 16.06 35.09
N ILE A 852 46.52 17.14 35.31
CA ILE A 852 47.59 17.18 36.30
C ILE A 852 47.00 17.74 37.59
N VAL A 853 46.97 16.91 38.64
CA VAL A 853 46.50 17.33 39.94
C VAL A 853 47.69 17.44 40.88
N LYS A 854 47.46 18.02 42.05
CA LYS A 854 48.50 18.24 43.04
C LYS A 854 48.25 17.36 44.25
N ILE A 855 49.15 16.42 44.49
CA ILE A 855 49.18 15.69 45.76
C ILE A 855 49.49 16.67 46.88
N PRO A 856 48.79 16.64 48.01
CA PRO A 856 49.14 17.55 49.12
C PRO A 856 50.41 17.10 49.83
N GLY A 857 50.86 17.93 50.76
CA GLY A 857 52.15 17.76 51.41
C GLY A 857 52.05 17.01 52.72
N LEU A 858 52.88 15.97 52.85
CA LEU A 858 52.97 15.21 54.07
C LEU A 858 54.13 15.65 54.96
N ASN A 859 55.16 16.25 54.36
CA ASN A 859 56.24 16.86 55.11
C ASN A 859 56.05 18.37 55.13
N PRO A 860 56.11 19.00 56.29
CA PRO A 860 55.90 20.46 56.36
C PRO A 860 57.07 21.23 55.75
N GLY A 861 56.75 22.41 55.25
CA GLY A 861 57.74 23.25 54.59
C GLY A 861 58.17 22.77 53.22
N ASP A 862 57.44 21.83 52.62
CA ASP A 862 57.78 21.27 51.33
C ASP A 862 56.68 21.64 50.33
N GLU A 863 57.09 21.91 49.08
CA GLU A 863 56.14 22.00 48.00
C GLU A 863 55.96 20.58 47.45
N PRO A 864 54.77 19.99 47.60
CA PRO A 864 54.62 18.57 47.26
C PRO A 864 54.54 18.29 45.77
N ARG A 865 54.27 17.03 45.44
CA ARG A 865 54.48 16.51 44.08
C ARG A 865 53.30 16.87 43.19
N ALA A 866 53.28 16.29 41.99
CA ALA A 866 52.21 16.52 41.02
C ALA A 866 51.89 15.21 40.33
N LEU A 867 50.61 14.87 40.29
CA LEU A 867 50.14 13.62 39.70
C LEU A 867 49.52 13.89 38.34
N LEU A 868 50.00 13.18 37.32
CA LEU A 868 49.39 13.20 36.00
C LEU A 868 48.37 12.08 35.92
N ILE A 869 47.17 12.40 35.48
CA ILE A 869 46.09 11.43 35.29
C ILE A 869 45.66 11.52 33.84
N CYS A 870 45.93 10.49 33.05
CA CYS A 870 45.58 10.46 31.64
C CYS A 870 44.48 9.43 31.40
N LYS A 871 43.42 9.86 30.72
CA LYS A 871 42.37 8.95 30.27
C LYS A 871 42.22 9.12 28.76
N GLY A 872 41.67 8.09 28.13
CA GLY A 872 41.55 8.09 26.69
C GLY A 872 41.32 6.69 26.18
N ALA A 873 41.44 6.55 24.86
CA ALA A 873 41.12 5.30 24.19
C ALA A 873 42.13 4.22 24.54
N ASP A 874 41.64 2.98 24.60
CA ASP A 874 42.47 1.87 25.05
C ASP A 874 43.57 1.51 24.05
N SER A 875 43.33 1.70 22.76
CA SER A 875 44.30 1.31 21.75
C SER A 875 45.55 2.18 21.76
N ILE A 876 45.47 3.39 22.30
CA ILE A 876 46.61 4.31 22.28
C ILE A 876 47.18 4.59 23.67
N ILE A 877 46.57 4.07 24.73
CA ILE A 877 47.17 4.21 26.05
C ILE A 877 48.09 3.03 26.39
N TYR A 878 47.77 1.82 25.91
CA TYR A 878 48.69 0.70 26.05
C TYR A 878 49.99 0.90 25.28
N SER A 879 50.01 1.79 24.28
CA SER A 879 51.28 2.22 23.70
C SER A 879 52.05 3.10 24.67
N ARG A 880 51.35 3.94 25.42
CA ARG A 880 51.96 4.96 26.27
C ARG A 880 52.21 4.48 27.70
N LEU A 881 52.37 3.18 27.91
CA LEU A 881 52.62 2.68 29.25
C LEU A 881 54.10 2.45 29.49
N SER A 882 54.46 2.37 30.77
CA SER A 882 55.84 2.20 31.16
C SER A 882 56.29 0.76 31.00
N ARG A 883 57.39 0.56 30.27
CA ARG A 883 57.97 -0.77 30.08
C ARG A 883 59.11 -1.05 31.05
N GLN A 884 59.56 -0.05 31.80
CA GLN A 884 60.67 -0.19 32.73
C GLN A 884 60.12 -0.13 34.14
N SER A 885 59.70 -1.28 34.66
CA SER A 885 59.07 -1.36 35.97
C SER A 885 59.56 -2.60 36.70
N GLY A 886 59.28 -2.65 38.00
CA GLY A 886 59.56 -3.81 38.81
C GLY A 886 58.37 -4.15 39.69
N SER A 887 57.30 -3.38 39.54
CA SER A 887 56.07 -3.58 40.28
C SER A 887 55.14 -4.49 39.48
N ASN A 888 53.87 -4.56 39.86
CA ASN A 888 52.86 -5.27 39.08
C ASN A 888 52.29 -4.40 37.96
N SER A 889 53.17 -3.84 37.14
CA SER A 889 52.78 -2.97 36.03
C SER A 889 52.85 -3.68 34.69
N GLU A 890 53.16 -4.97 34.68
CA GLU A 890 53.18 -5.76 33.45
C GLU A 890 52.47 -7.10 33.56
N ALA A 891 52.16 -7.56 34.76
CA ALA A 891 51.36 -8.78 34.92
C ALA A 891 49.87 -8.50 34.92
N ILE A 892 49.47 -7.27 35.22
CA ILE A 892 48.06 -6.88 35.13
C ILE A 892 47.69 -6.42 33.74
N LEU A 893 48.66 -6.20 32.85
CA LEU A 893 48.34 -5.77 31.49
C LEU A 893 47.70 -6.88 30.68
N GLU A 894 47.96 -8.15 31.04
CA GLU A 894 47.25 -9.24 30.40
C GLU A 894 45.81 -9.32 30.90
N LYS A 895 45.57 -8.99 32.17
CA LYS A 895 44.23 -9.11 32.71
C LYS A 895 43.31 -7.98 32.27
N THR A 896 43.83 -6.75 32.21
CA THR A 896 42.98 -5.63 31.81
C THR A 896 42.69 -5.66 30.31
N ALA A 897 43.70 -5.97 29.49
CA ALA A 897 43.48 -6.05 28.06
C ALA A 897 42.64 -7.25 27.65
N LEU A 898 42.58 -8.28 28.49
CA LEU A 898 41.61 -9.34 28.27
C LEU A 898 40.19 -8.82 28.50
N HIS A 899 40.01 -8.02 29.55
CA HIS A 899 38.69 -7.52 29.90
C HIS A 899 38.17 -6.51 28.88
N LEU A 900 39.04 -5.63 28.39
CA LEU A 900 38.60 -4.62 27.44
C LEU A 900 38.32 -5.21 26.07
N GLU A 901 38.84 -6.40 25.77
CA GLU A 901 38.35 -7.14 24.62
C GLU A 901 37.02 -7.80 24.93
N GLN A 902 36.83 -8.24 26.17
CA GLN A 902 35.55 -8.81 26.57
C GLN A 902 34.47 -7.75 26.66
N TYR A 903 34.86 -6.50 26.94
CA TYR A 903 33.87 -5.43 27.04
C TYR A 903 33.47 -4.91 25.67
N ALA A 904 34.42 -4.81 24.74
CA ALA A 904 34.13 -4.26 23.42
C ALA A 904 33.26 -5.19 22.59
N THR A 905 33.39 -6.51 22.79
CA THR A 905 32.54 -7.46 22.09
C THR A 905 31.16 -7.58 22.70
N GLU A 906 30.94 -7.01 23.88
CA GLU A 906 29.59 -6.82 24.39
C GLU A 906 28.95 -5.53 23.89
N GLY A 907 29.73 -4.64 23.29
CA GLY A 907 29.21 -3.41 22.75
C GLY A 907 29.37 -2.19 23.63
N LEU A 908 30.42 -2.13 24.44
CA LEU A 908 30.61 -1.07 25.42
C LEU A 908 31.79 -0.20 25.02
N ARG A 909 31.64 1.11 25.22
CA ARG A 909 32.76 2.02 25.01
C ARG A 909 33.77 1.87 26.13
N THR A 910 35.00 1.52 25.79
CA THR A 910 36.04 1.32 26.78
C THR A 910 36.96 2.53 26.83
N LEU A 911 37.62 2.72 27.96
CA LEU A 911 38.41 3.92 28.19
C LEU A 911 39.42 3.60 29.29
N CYS A 912 40.70 3.58 28.95
CA CYS A 912 41.74 3.31 29.95
C CYS A 912 42.01 4.52 30.82
N ILE A 913 42.43 4.24 32.05
CA ILE A 913 42.81 5.27 33.02
C ILE A 913 44.25 4.98 33.44
N ALA A 914 45.17 5.89 33.10
CA ALA A 914 46.58 5.70 33.35
C ALA A 914 47.17 6.91 34.06
N GLN A 915 48.19 6.69 34.88
CA GLN A 915 48.78 7.77 35.67
C GLN A 915 50.31 7.65 35.74
N ARG A 916 50.92 8.75 36.16
CA ARG A 916 52.32 8.78 36.60
C ARG A 916 52.51 9.91 37.59
N GLU A 917 53.02 9.57 38.77
CA GLU A 917 53.45 10.61 39.71
C GLU A 917 54.70 11.28 39.18
N LEU A 918 54.75 12.60 39.31
CA LEU A 918 55.91 13.37 38.89
C LEU A 918 56.62 13.94 40.10
N SER A 919 57.95 14.07 39.99
CA SER A 919 58.67 14.95 40.87
C SER A 919 58.33 16.39 40.50
N TRP A 920 58.22 17.25 41.51
CA TRP A 920 57.74 18.60 41.25
C TRP A 920 58.80 19.50 40.61
N SER A 921 60.05 19.05 40.52
CA SER A 921 61.05 19.80 39.77
C SER A 921 61.01 19.46 38.29
N GLU A 922 60.77 18.19 37.95
CA GLU A 922 60.59 17.80 36.56
C GLU A 922 59.30 18.38 36.00
N TYR A 923 58.26 18.47 36.84
CA TYR A 923 57.02 19.11 36.42
C TYR A 923 57.22 20.60 36.15
N GLU A 924 58.03 21.26 36.97
CA GLU A 924 58.33 22.67 36.72
C GLU A 924 59.20 22.83 35.47
N LYS A 925 60.02 21.82 35.15
CA LYS A 925 60.70 21.81 33.87
C LYS A 925 59.72 21.58 32.73
N TRP A 926 58.69 20.76 32.96
CA TRP A 926 57.66 20.56 31.94
C TRP A 926 56.76 21.78 31.82
N ASN A 927 56.48 22.43 32.94
CA ASN A 927 55.68 23.66 32.92
C ASN A 927 56.44 24.79 32.26
N GLU A 928 57.78 24.75 32.33
CA GLU A 928 58.61 25.78 31.70
C GLU A 928 58.51 25.70 30.17
N LYS A 929 58.31 24.51 29.62
CA LYS A 929 58.03 24.37 28.19
C LYS A 929 56.55 24.48 27.85
N TYR A 930 55.67 24.27 28.83
CA TYR A 930 54.24 24.41 28.58
C TYR A 930 53.85 25.86 28.40
N ASP A 931 54.48 26.76 29.16
CA ASP A 931 54.22 28.19 29.02
C ASP A 931 54.83 28.77 27.75
N ILE A 932 55.83 28.09 27.18
CA ILE A 932 56.32 28.46 25.85
C ILE A 932 55.25 28.20 24.80
N ALA A 933 54.62 27.03 24.86
CA ALA A 933 53.58 26.67 23.90
C ALA A 933 52.21 27.25 24.24
N ALA A 934 52.11 28.07 25.28
CA ALA A 934 50.87 28.73 25.63
C ALA A 934 50.87 30.23 25.39
N ALA A 935 52.02 30.91 25.57
CA ALA A 935 52.09 32.34 25.33
C ALA A 935 52.10 32.67 23.85
N SER A 936 52.57 31.76 23.01
CA SER A 936 52.51 31.93 21.57
C SER A 936 51.22 31.33 21.02
N LEU A 937 50.90 31.72 19.78
CA LEU A 937 49.74 31.16 19.09
C LEU A 937 50.16 29.98 18.22
N ALA A 938 50.77 28.99 18.89
CA ALA A 938 51.22 27.77 18.23
C ALA A 938 50.30 26.59 18.54
N ASN A 939 49.00 26.85 18.71
CA ASN A 939 48.04 25.80 18.95
C ASN A 939 47.62 25.10 17.66
N ARG A 940 47.49 25.87 16.57
CA ARG A 940 47.32 25.26 15.25
C ARG A 940 48.58 24.52 14.84
N GLU A 941 49.73 25.00 15.25
CA GLU A 941 50.98 24.27 15.08
C GLU A 941 51.06 23.14 16.10
N ASP A 942 52.05 22.27 15.91
CA ASP A 942 52.20 21.08 16.71
C ASP A 942 53.07 21.29 17.95
N GLU A 943 53.22 22.54 18.41
CA GLU A 943 54.12 22.81 19.53
C GLU A 943 53.50 22.37 20.85
N LEU A 944 52.20 22.61 21.04
CA LEU A 944 51.56 22.25 22.31
C LEU A 944 51.33 20.75 22.41
N GLU A 945 51.08 20.09 21.28
CA GLU A 945 50.76 18.66 21.31
C GLU A 945 52.00 17.80 21.49
N VAL A 946 53.21 18.37 21.35
CA VAL A 946 54.43 17.64 21.65
C VAL A 946 54.79 17.78 23.13
N VAL A 947 54.58 18.98 23.70
CA VAL A 947 54.82 19.22 25.11
C VAL A 947 53.91 18.36 25.97
N ALA A 948 52.66 18.19 25.55
CA ALA A 948 51.78 17.24 26.21
C ALA A 948 52.20 15.80 25.94
N ASP A 949 52.78 15.53 24.75
CA ASP A 949 53.22 14.19 24.43
C ASP A 949 54.47 13.79 25.22
N SER A 950 55.30 14.76 25.59
CA SER A 950 56.56 14.46 26.26
C SER A 950 56.33 13.97 27.69
N ILE A 951 55.23 14.37 28.32
CA ILE A 951 54.95 13.94 29.68
C ILE A 951 54.13 12.65 29.70
N GLU A 952 53.46 12.32 28.59
CA GLU A 952 52.57 11.17 28.51
C GLU A 952 53.24 9.98 27.84
N ARG A 953 54.35 9.52 28.40
CA ARG A 953 55.05 8.39 27.80
C ARG A 953 55.21 7.21 28.74
N GLU A 954 55.52 7.44 30.01
CA GLU A 954 55.69 6.38 31.00
C GLU A 954 54.48 6.46 31.90
N LEU A 955 53.63 5.43 31.88
CA LEU A 955 52.39 5.49 32.61
C LEU A 955 52.10 4.18 33.32
N ILE A 956 51.46 4.29 34.48
CA ILE A 956 51.02 3.15 35.28
C ILE A 956 49.52 3.01 35.09
N LEU A 957 49.07 1.80 34.74
CA LEU A 957 47.68 1.59 34.38
C LEU A 957 46.84 1.38 35.63
N LEU A 958 45.93 2.33 35.89
CA LEU A 958 44.95 2.15 36.95
C LEU A 958 43.87 1.16 36.55
N GLY A 959 43.47 1.19 35.29
CA GLY A 959 42.49 0.25 34.79
C GLY A 959 41.70 0.90 33.65
N GLY A 960 40.46 0.40 33.48
CA GLY A 960 39.61 0.87 32.42
C GLY A 960 38.16 0.93 32.85
N THR A 961 37.35 1.56 32.01
CA THR A 961 35.92 1.70 32.23
C THR A 961 35.17 1.08 31.05
N ALA A 962 33.85 0.98 31.19
CA ALA A 962 32.99 0.49 30.13
C ALA A 962 31.63 1.16 30.26
N ILE A 963 31.19 1.80 29.19
CA ILE A 963 29.96 2.58 29.17
C ILE A 963 29.03 2.02 28.11
N GLU A 964 27.78 1.76 28.50
CA GLU A 964 26.77 1.26 27.56
C GLU A 964 26.07 2.43 26.91
N ASP A 965 26.21 2.53 25.59
CA ASP A 965 25.29 3.32 24.78
C ASP A 965 23.99 2.54 24.68
N ARG A 966 22.94 3.01 25.35
CA ARG A 966 21.73 2.22 25.45
C ARG A 966 20.97 2.21 24.13
N LEU A 967 20.55 1.03 23.74
CA LEU A 967 19.66 0.87 22.60
C LEU A 967 18.24 1.21 23.03
N GLN A 968 17.34 1.21 22.05
CA GLN A 968 15.93 1.27 22.40
C GLN A 968 15.48 -0.13 22.81
N ASP A 969 14.19 -0.26 23.17
CA ASP A 969 13.75 -1.32 24.07
C ASP A 969 13.90 -2.72 23.46
N GLY A 970 13.48 -2.90 22.21
CA GLY A 970 13.60 -4.21 21.61
C GLY A 970 14.37 -4.22 20.31
N VAL A 971 15.45 -3.43 20.24
CA VAL A 971 16.24 -3.27 19.02
C VAL A 971 16.99 -4.54 18.62
N PRO A 972 17.73 -5.28 19.47
CA PRO A 972 18.31 -6.54 18.99
C PRO A 972 17.29 -7.63 18.75
N ASP A 973 16.09 -7.53 19.32
CA ASP A 973 15.04 -8.49 19.02
C ASP A 973 14.35 -8.16 17.71
N CYS A 974 14.24 -6.88 17.36
CA CYS A 974 13.60 -6.49 16.11
C CYS A 974 14.45 -6.86 14.91
N ILE A 975 15.76 -6.60 14.99
CA ILE A 975 16.69 -6.96 13.92
C ILE A 975 16.78 -8.47 13.77
N GLU A 976 16.57 -9.23 14.84
CA GLU A 976 16.57 -10.68 14.76
C GLU A 976 15.36 -11.21 14.00
N LEU A 977 14.19 -10.57 14.17
CA LEU A 977 13.01 -11.01 13.44
C LEU A 977 13.07 -10.60 11.97
N LEU A 978 13.61 -9.41 11.69
CA LEU A 978 13.70 -8.94 10.32
C LEU A 978 14.69 -9.77 9.51
N ALA A 979 15.78 -10.19 10.14
CA ALA A 979 16.76 -11.03 9.45
C ALA A 979 16.24 -12.44 9.20
N GLU A 980 15.30 -12.92 10.04
CA GLU A 980 14.68 -14.21 9.76
C GLU A 980 13.69 -14.13 8.62
N ALA A 981 13.14 -12.95 8.36
CA ALA A 981 12.24 -12.72 7.24
C ALA A 981 12.98 -12.52 5.92
N GLY A 982 14.29 -12.64 5.91
CA GLY A 982 15.07 -12.37 4.72
C GLY A 982 15.39 -10.92 4.48
N ILE A 983 15.08 -10.05 5.41
CA ILE A 983 15.30 -8.62 5.25
C ILE A 983 16.70 -8.29 5.75
N LYS A 984 17.40 -7.46 5.00
CA LYS A 984 18.79 -7.12 5.25
C LYS A 984 18.85 -5.74 5.88
N LEU A 985 19.66 -5.60 6.92
CA LEU A 985 19.82 -4.34 7.63
C LEU A 985 21.18 -3.75 7.31
N TRP A 986 21.19 -2.51 6.82
CA TRP A 986 22.43 -1.76 6.60
C TRP A 986 22.37 -0.51 7.45
N VAL A 987 23.17 -0.45 8.50
CA VAL A 987 23.19 0.72 9.35
C VAL A 987 23.98 1.82 8.64
N LEU A 988 23.30 2.94 8.37
CA LEU A 988 23.93 4.11 7.76
C LEU A 988 24.04 5.17 8.85
N THR A 989 25.27 5.59 9.13
CA THR A 989 25.60 6.24 10.40
C THR A 989 26.15 7.63 10.15
N GLY A 990 25.79 8.57 11.01
CA GLY A 990 26.29 9.92 10.89
C GLY A 990 27.54 10.21 11.69
N ASP A 991 27.88 9.39 12.67
CA ASP A 991 29.06 9.63 13.49
C ASP A 991 30.08 8.50 13.32
N LYS A 992 31.04 8.47 14.24
CA LYS A 992 32.33 7.81 14.10
C LYS A 992 32.23 6.32 13.79
N VAL A 993 33.34 5.78 13.28
CA VAL A 993 33.39 4.39 12.87
C VAL A 993 33.30 3.45 14.06
N GLU A 994 34.13 3.69 15.08
CA GLU A 994 34.19 2.80 16.23
C GLU A 994 32.93 2.85 17.08
N THR A 995 32.16 3.93 17.00
CA THR A 995 30.88 3.99 17.70
C THR A 995 29.88 3.02 17.09
N ALA A 996 29.78 2.99 15.76
CA ALA A 996 28.84 2.09 15.11
C ALA A 996 29.30 0.64 15.15
N ILE A 997 30.60 0.38 15.32
CA ILE A 997 31.06 -0.99 15.51
C ILE A 997 30.62 -1.51 16.88
N ASN A 998 30.67 -0.66 17.92
CA ASN A 998 30.18 -1.09 19.23
C ASN A 998 28.67 -1.28 19.21
N ILE A 999 27.95 -0.41 18.49
CA ILE A 999 26.52 -0.62 18.32
C ILE A 999 26.25 -1.81 17.41
N GLY A 1000 27.19 -2.13 16.52
CA GLY A 1000 27.09 -3.37 15.77
C GLY A 1000 27.20 -4.61 16.65
N PHE A 1001 28.10 -4.58 17.64
CA PHE A 1001 28.23 -5.72 18.54
C PHE A 1001 27.10 -5.79 19.55
N SER A 1002 26.52 -4.65 19.93
CA SER A 1002 25.44 -4.69 20.91
C SER A 1002 24.09 -5.00 20.26
N CYS A 1003 23.91 -4.71 18.98
CA CYS A 1003 22.72 -5.09 18.24
C CYS A 1003 22.82 -6.45 17.61
N ASN A 1004 23.85 -7.24 17.96
CA ASN A 1004 24.16 -8.55 17.39
C ASN A 1004 24.32 -8.51 15.88
N LEU A 1005 24.92 -7.44 15.36
CA LEU A 1005 25.22 -7.37 13.94
C LEU A 1005 26.66 -7.72 13.60
N LEU A 1006 27.53 -7.99 14.58
CA LEU A 1006 28.95 -8.18 14.29
C LEU A 1006 29.53 -9.45 14.90
N ASN A 1007 28.85 -10.09 15.84
CA ASN A 1007 28.92 -11.54 16.10
C ASN A 1007 30.24 -12.09 16.65
N ASN A 1008 31.32 -11.31 16.67
CA ASN A 1008 32.66 -11.56 17.24
C ASN A 1008 33.46 -12.61 16.44
N GLU A 1009 32.85 -13.33 15.50
CA GLU A 1009 33.63 -14.18 14.60
C GLU A 1009 33.63 -13.66 13.17
N MET A 1010 33.05 -12.50 12.91
CA MET A 1010 33.05 -11.94 11.57
C MET A 1010 34.44 -11.44 11.21
N GLU A 1011 34.65 -11.29 9.91
CA GLU A 1011 35.82 -10.61 9.36
C GLU A 1011 35.34 -9.25 8.88
N LEU A 1012 35.66 -8.22 9.64
CA LEU A 1012 35.31 -6.85 9.28
C LEU A 1012 36.14 -6.42 8.08
N LEU A 1013 35.49 -6.23 6.94
CA LEU A 1013 36.18 -5.81 5.72
C LEU A 1013 36.18 -4.29 5.68
N VAL A 1014 37.09 -3.72 6.46
CA VAL A 1014 37.20 -2.27 6.56
C VAL A 1014 37.83 -1.72 5.30
N ILE A 1015 37.15 -0.76 4.67
CA ILE A 1015 37.65 -0.19 3.41
C ILE A 1015 38.84 0.73 3.69
N LYS A 1016 38.62 1.82 4.44
CA LYS A 1016 39.67 2.66 5.03
C LYS A 1016 40.60 3.25 3.96
N THR A 1017 40.05 4.20 3.21
CA THR A 1017 40.91 5.01 2.37
C THR A 1017 41.87 5.84 3.22
N THR A 1018 43.00 6.19 2.63
CA THR A 1018 44.05 6.89 3.36
C THR A 1018 44.39 8.26 2.81
N GLY A 1019 44.37 8.45 1.50
CA GLY A 1019 44.71 9.75 0.93
C GLY A 1019 43.55 10.72 0.93
N ASP A 1020 43.88 12.01 1.04
CA ASP A 1020 42.87 13.07 1.02
C ASP A 1020 42.67 13.61 -0.39
N ASP A 1021 42.41 12.71 -1.34
CA ASP A 1021 42.24 13.07 -2.75
C ASP A 1021 40.98 12.41 -3.28
N VAL A 1022 40.01 13.23 -3.69
CA VAL A 1022 38.78 12.76 -4.28
C VAL A 1022 38.96 12.75 -5.80
N LYS A 1023 38.34 11.77 -6.47
CA LYS A 1023 38.43 11.61 -7.92
C LYS A 1023 37.61 12.71 -8.58
N GLU A 1024 38.22 13.90 -8.69
CA GLU A 1024 37.53 15.06 -9.23
C GLU A 1024 38.32 15.77 -10.32
N PHE A 1025 39.65 15.66 -10.29
CA PHE A 1025 40.48 16.44 -11.20
C PHE A 1025 41.74 15.67 -11.54
N GLY A 1026 41.98 15.46 -12.84
CA GLY A 1026 43.21 14.91 -13.34
C GLY A 1026 43.43 13.44 -13.01
N SER A 1027 44.71 13.04 -13.10
CA SER A 1027 45.21 11.69 -12.83
C SER A 1027 44.50 10.65 -13.70
N GLU A 1028 44.43 10.93 -14.99
CA GLU A 1028 43.77 10.05 -15.95
C GLU A 1028 44.62 8.83 -16.37
N PRO A 1029 45.91 8.96 -16.86
CA PRO A 1029 46.56 7.75 -17.38
C PRO A 1029 47.08 6.80 -16.31
N SER A 1030 47.45 7.33 -15.14
CA SER A 1030 48.02 6.50 -14.09
C SER A 1030 47.79 7.16 -12.74
N GLU A 1031 47.61 6.35 -11.72
CA GLU A 1031 47.43 6.81 -10.35
C GLU A 1031 48.30 5.98 -9.41
N ILE A 1032 48.58 6.55 -8.24
CA ILE A 1032 49.31 5.83 -7.21
C ILE A 1032 48.65 5.92 -5.83
N VAL A 1033 47.77 6.90 -5.58
CA VAL A 1033 47.17 7.09 -4.27
C VAL A 1033 45.65 6.95 -4.27
N ASP A 1034 45.02 6.70 -5.42
CA ASP A 1034 43.57 6.53 -5.39
C ASP A 1034 43.13 5.38 -6.30
N ALA A 1035 44.01 4.42 -6.52
CA ALA A 1035 43.62 3.11 -7.03
C ALA A 1035 43.49 2.10 -5.91
N LEU A 1036 43.63 2.53 -4.66
CA LEU A 1036 43.54 1.65 -3.51
C LEU A 1036 42.15 1.07 -3.37
N LEU A 1037 41.13 1.90 -3.57
CA LEU A 1037 39.76 1.48 -3.29
C LEU A 1037 39.29 0.46 -4.31
N SER A 1038 39.61 0.67 -5.59
CA SER A 1038 39.35 -0.36 -6.59
C SER A 1038 40.22 -1.60 -6.40
N LYS A 1039 41.37 -1.48 -5.72
CA LYS A 1039 42.25 -2.62 -5.51
C LYS A 1039 41.66 -3.61 -4.52
N TYR A 1040 41.42 -3.18 -3.28
CA TYR A 1040 40.92 -4.16 -2.33
C TYR A 1040 39.42 -4.39 -2.42
N LEU A 1041 38.69 -3.65 -3.26
CA LEU A 1041 37.41 -4.18 -3.70
C LEU A 1041 37.61 -5.45 -4.52
N LYS A 1042 38.67 -5.50 -5.35
CA LYS A 1042 39.00 -6.73 -6.05
C LYS A 1042 39.62 -7.77 -5.11
N GLU A 1043 40.39 -7.34 -4.10
CA GLU A 1043 41.04 -8.30 -3.19
C GLU A 1043 40.02 -8.98 -2.31
N TYR A 1044 39.04 -8.24 -1.80
CA TYR A 1044 37.93 -8.82 -1.06
C TYR A 1044 37.02 -9.62 -1.98
N PHE A 1045 37.15 -9.43 -3.29
CA PHE A 1045 36.57 -10.29 -4.33
C PHE A 1045 37.50 -11.42 -4.76
N ASN A 1046 38.10 -12.10 -3.79
CA ASN A 1046 38.56 -13.47 -3.98
C ASN A 1046 38.19 -14.39 -2.81
N LEU A 1047 38.02 -13.85 -1.61
CA LEU A 1047 37.32 -14.57 -0.55
C LEU A 1047 35.83 -14.65 -0.86
N THR A 1048 35.26 -13.60 -1.45
CA THR A 1048 33.99 -13.69 -2.17
C THR A 1048 34.37 -13.87 -3.64
N GLY A 1049 34.44 -15.12 -4.07
CA GLY A 1049 35.09 -15.44 -5.33
C GLY A 1049 34.36 -15.08 -6.62
N SER A 1050 34.06 -13.80 -6.82
CA SER A 1050 33.42 -13.33 -8.04
C SER A 1050 33.99 -11.97 -8.41
N GLU A 1051 33.79 -11.54 -9.66
CA GLU A 1051 34.30 -10.26 -10.10
C GLU A 1051 33.24 -9.17 -10.19
N GLU A 1052 32.26 -9.31 -11.09
CA GLU A 1052 31.31 -8.22 -11.31
C GLU A 1052 29.89 -8.64 -11.66
N GLU A 1053 29.55 -9.93 -11.70
CA GLU A 1053 28.29 -10.37 -12.31
C GLU A 1053 27.13 -10.09 -11.36
N ILE A 1054 26.45 -8.97 -11.58
CA ILE A 1054 25.28 -8.61 -10.77
C ILE A 1054 23.96 -8.99 -11.42
N PHE A 1055 23.97 -9.42 -12.68
CA PHE A 1055 22.75 -9.95 -13.27
C PHE A 1055 22.39 -11.30 -12.64
N GLU A 1056 23.40 -12.09 -12.30
CA GLU A 1056 23.17 -13.31 -11.54
C GLU A 1056 22.81 -13.01 -10.09
N ALA A 1057 23.23 -11.86 -9.58
CA ALA A 1057 23.01 -11.53 -8.17
C ALA A 1057 21.56 -11.14 -7.90
N LYS A 1058 20.91 -10.41 -8.81
CA LYS A 1058 19.53 -10.00 -8.54
C LYS A 1058 18.51 -11.11 -8.78
N LYS A 1059 18.95 -12.30 -9.16
CA LYS A 1059 18.14 -13.50 -9.08
C LYS A 1059 18.22 -14.17 -7.72
N ASP A 1060 19.11 -13.70 -6.85
CA ASP A 1060 19.36 -14.28 -5.55
C ASP A 1060 18.81 -13.37 -4.47
N HIS A 1061 18.02 -13.92 -3.56
CA HIS A 1061 17.47 -13.16 -2.44
C HIS A 1061 17.76 -13.82 -1.11
N GLU A 1062 18.93 -14.44 -0.97
CA GLU A 1062 19.34 -15.05 0.30
C GLU A 1062 20.03 -13.99 1.16
N PHE A 1063 20.54 -14.37 2.33
CA PHE A 1063 20.80 -13.36 3.34
C PHE A 1063 22.11 -12.58 3.18
N PRO A 1064 23.29 -13.19 2.95
CA PRO A 1064 23.86 -14.54 2.78
C PRO A 1064 24.28 -15.21 4.08
N LYS A 1065 24.95 -16.36 3.92
CA LYS A 1065 25.53 -17.08 5.05
C LYS A 1065 27.00 -16.71 5.29
N GLY A 1066 27.58 -15.88 4.44
CA GLY A 1066 28.99 -15.52 4.60
C GLY A 1066 29.20 -14.59 5.77
N ASN A 1067 30.15 -14.94 6.64
CA ASN A 1067 30.33 -14.24 7.91
C ASN A 1067 31.30 -13.08 7.77
N TYR A 1068 30.95 -12.16 6.88
CA TYR A 1068 31.75 -10.97 6.63
C TYR A 1068 30.92 -9.74 6.95
N ALA A 1069 31.61 -8.61 7.04
CA ALA A 1069 30.94 -7.35 7.34
C ALA A 1069 31.72 -6.21 6.69
N ILE A 1070 30.99 -5.26 6.11
CA ILE A 1070 31.60 -4.10 5.48
C ILE A 1070 31.57 -2.94 6.45
N VAL A 1071 32.74 -2.36 6.71
CA VAL A 1071 32.85 -1.09 7.40
C VAL A 1071 33.50 -0.12 6.43
N ILE A 1072 32.70 0.75 5.84
CA ILE A 1072 33.24 1.81 4.99
C ILE A 1072 33.08 3.12 5.73
N ASP A 1073 33.98 4.06 5.47
CA ASP A 1073 34.20 5.19 6.35
C ASP A 1073 33.62 6.49 5.80
N GLY A 1074 32.71 6.41 4.83
CA GLY A 1074 32.11 7.63 4.32
C GLY A 1074 32.92 8.41 3.32
N ASP A 1075 34.16 8.76 3.66
CA ASP A 1075 35.06 9.38 2.70
C ASP A 1075 35.47 8.38 1.62
N ALA A 1076 35.58 7.11 1.98
CA ALA A 1076 35.79 6.05 1.01
C ALA A 1076 34.49 5.63 0.33
N LEU A 1077 33.34 5.97 0.91
CA LEU A 1077 32.07 5.76 0.25
C LEU A 1077 31.87 6.74 -0.89
N LYS A 1078 32.52 7.91 -0.81
CA LYS A 1078 32.40 8.92 -1.85
C LYS A 1078 33.09 8.47 -3.14
N LEU A 1079 34.10 7.60 -3.03
CA LEU A 1079 34.82 7.10 -4.18
C LEU A 1079 34.32 5.74 -4.65
N ALA A 1080 33.60 5.00 -3.79
CA ALA A 1080 32.92 3.78 -4.18
C ALA A 1080 31.55 4.03 -4.78
N LEU A 1081 31.19 5.29 -5.00
CA LEU A 1081 29.92 5.65 -5.61
C LEU A 1081 30.13 6.68 -6.72
N TYR A 1082 31.24 6.57 -7.45
CA TYR A 1082 31.58 7.57 -8.45
C TYR A 1082 31.38 7.09 -9.88
N GLY A 1083 31.99 5.96 -10.24
CA GLY A 1083 31.87 5.42 -11.58
C GLY A 1083 31.01 4.18 -11.61
N GLU A 1084 30.64 3.76 -12.82
CA GLU A 1084 29.70 2.67 -12.99
C GLU A 1084 30.32 1.33 -12.60
N ASP A 1085 31.59 1.12 -12.93
CA ASP A 1085 32.22 -0.17 -12.66
C ASP A 1085 32.58 -0.35 -11.20
N ILE A 1086 32.80 0.74 -10.46
CA ILE A 1086 33.12 0.62 -9.05
C ILE A 1086 31.84 0.55 -8.19
N ARG A 1087 30.73 1.16 -8.65
CA ARG A 1087 29.44 0.95 -8.02
C ARG A 1087 29.00 -0.50 -8.11
N ARG A 1088 29.30 -1.15 -9.23
CA ARG A 1088 28.93 -2.54 -9.42
C ARG A 1088 29.74 -3.46 -8.52
N LYS A 1089 31.02 -3.15 -8.32
CA LYS A 1089 31.84 -3.93 -7.40
C LYS A 1089 31.56 -3.58 -5.95
N PHE A 1090 31.17 -2.35 -5.66
CA PHE A 1090 30.81 -2.01 -4.28
C PHE A 1090 29.48 -2.63 -3.88
N LEU A 1091 28.52 -2.68 -4.81
CA LEU A 1091 27.24 -3.31 -4.52
C LEU A 1091 27.41 -4.81 -4.32
N LEU A 1092 28.21 -5.45 -5.17
CA LEU A 1092 28.35 -6.91 -5.14
C LEU A 1092 29.04 -7.37 -3.87
N LEU A 1093 29.91 -6.55 -3.30
CA LEU A 1093 30.56 -6.91 -2.05
C LEU A 1093 29.62 -6.67 -0.87
N CYS A 1094 28.87 -5.57 -0.88
CA CYS A 1094 27.90 -5.30 0.17
C CYS A 1094 26.75 -6.29 0.16
N LYS A 1095 26.34 -6.75 -1.03
CA LYS A 1095 25.27 -7.74 -1.11
C LYS A 1095 25.71 -9.09 -0.55
N ASN A 1096 27.00 -9.39 -0.64
CA ASN A 1096 27.54 -10.68 -0.21
C ASN A 1096 27.94 -10.72 1.25
N CYS A 1097 27.83 -9.60 1.96
CA CYS A 1097 28.20 -9.56 3.37
C CYS A 1097 26.97 -9.54 4.25
N ARG A 1098 27.15 -9.99 5.49
CA ARG A 1098 26.04 -10.23 6.40
C ARG A 1098 25.72 -9.01 7.26
N ALA A 1099 26.51 -7.94 7.14
CA ALA A 1099 26.24 -6.68 7.84
C ALA A 1099 27.00 -5.58 7.12
N VAL A 1100 26.33 -4.46 6.87
CA VAL A 1100 26.94 -3.33 6.20
C VAL A 1100 26.86 -2.13 7.13
N LEU A 1101 28.00 -1.54 7.46
CA LEU A 1101 28.06 -0.36 8.31
C LEU A 1101 28.73 0.74 7.51
N CYS A 1102 28.02 1.87 7.34
CA CYS A 1102 28.55 3.03 6.64
C CYS A 1102 28.57 4.18 7.63
N CYS A 1103 29.76 4.68 7.94
CA CYS A 1103 29.95 5.61 9.04
C CYS A 1103 30.46 6.95 8.51
N ARG A 1104 30.24 8.00 9.30
CA ARG A 1104 30.56 9.40 8.97
C ARG A 1104 29.97 9.80 7.62
N VAL A 1105 28.70 9.46 7.43
CA VAL A 1105 28.03 9.52 6.14
C VAL A 1105 27.15 10.76 6.09
N SER A 1106 27.30 11.55 5.02
CA SER A 1106 26.51 12.75 4.80
C SER A 1106 25.04 12.39 4.54
N PRO A 1107 24.12 13.36 4.63
CA PRO A 1107 22.75 13.09 4.20
C PRO A 1107 22.61 12.79 2.73
N SER A 1108 23.52 13.33 1.90
CA SER A 1108 23.52 13.01 0.48
C SER A 1108 23.90 11.57 0.22
N GLN A 1109 24.89 11.05 0.97
CA GLN A 1109 25.35 9.68 0.73
C GLN A 1109 24.45 8.63 1.36
N LYS A 1110 23.67 8.96 2.38
CA LYS A 1110 22.64 8.03 2.84
C LYS A 1110 21.59 7.82 1.78
N ALA A 1111 21.21 8.89 1.08
CA ALA A 1111 20.30 8.77 -0.05
C ALA A 1111 20.96 8.09 -1.23
N ALA A 1112 22.28 8.21 -1.36
CA ALA A 1112 22.98 7.62 -2.50
C ALA A 1112 23.09 6.11 -2.38
N VAL A 1113 23.27 5.61 -1.15
CA VAL A 1113 23.34 4.16 -0.95
C VAL A 1113 21.98 3.53 -1.17
N VAL A 1114 20.90 4.24 -0.79
CA VAL A 1114 19.55 3.73 -1.04
C VAL A 1114 19.26 3.71 -2.53
N LYS A 1115 19.63 4.78 -3.24
CA LYS A 1115 19.42 4.83 -4.69
C LYS A 1115 20.34 3.89 -5.46
N LEU A 1116 21.48 3.49 -4.89
CA LEU A 1116 22.31 2.49 -5.58
C LEU A 1116 21.66 1.12 -5.53
N VAL A 1117 21.16 0.73 -4.35
CA VAL A 1117 20.53 -0.58 -4.18
C VAL A 1117 19.18 -0.62 -4.89
N LYS A 1118 18.46 0.50 -4.91
CA LYS A 1118 17.12 0.54 -5.52
C LYS A 1118 17.18 0.52 -7.04
N ASP A 1119 18.22 1.09 -7.64
CA ASP A 1119 18.29 1.20 -9.08
C ASP A 1119 19.04 0.03 -9.73
N SER A 1120 20.11 -0.45 -9.10
CA SER A 1120 20.86 -1.55 -9.70
C SER A 1120 20.14 -2.87 -9.51
N LEU A 1121 19.94 -3.27 -8.25
CA LEU A 1121 19.00 -4.34 -7.96
C LEU A 1121 17.59 -3.78 -8.02
N ASP A 1122 16.61 -4.62 -8.34
CA ASP A 1122 15.25 -4.14 -8.50
C ASP A 1122 14.42 -4.40 -7.24
N VAL A 1123 14.82 -3.75 -6.14
CA VAL A 1123 14.39 -4.15 -4.81
C VAL A 1123 13.61 -3.03 -4.13
N MET A 1124 13.11 -3.35 -2.94
CA MET A 1124 12.25 -2.51 -2.12
C MET A 1124 13.00 -2.12 -0.85
N THR A 1125 13.07 -0.82 -0.57
CA THR A 1125 13.90 -0.30 0.51
C THR A 1125 13.03 0.35 1.58
N LEU A 1126 13.57 0.49 2.80
CA LEU A 1126 12.73 0.97 3.91
C LEU A 1126 13.19 2.27 4.55
N ALA A 1127 14.45 2.39 4.98
CA ALA A 1127 15.08 3.64 5.44
C ALA A 1127 14.36 4.29 6.62
N ILE A 1128 14.48 3.66 7.79
CA ILE A 1128 13.99 4.24 9.04
C ILE A 1128 15.03 5.21 9.60
N GLY A 1129 14.57 6.28 10.24
CA GLY A 1129 15.49 7.18 10.91
C GLY A 1129 14.74 8.30 11.60
N ASP A 1130 15.48 8.96 12.50
CA ASP A 1130 15.03 10.23 13.07
C ASP A 1130 16.14 11.25 12.97
N GLY A 1131 15.78 12.48 12.71
CA GLY A 1131 16.85 13.41 12.44
C GLY A 1131 16.80 13.90 11.01
N SER A 1132 17.23 15.14 10.82
CA SER A 1132 17.18 15.80 9.54
C SER A 1132 18.28 15.34 8.59
N ASN A 1133 19.25 14.56 9.07
CA ASN A 1133 20.16 13.91 8.15
C ASN A 1133 19.56 12.67 7.52
N ASP A 1134 18.44 12.19 8.02
CA ASP A 1134 17.79 11.00 7.51
C ASP A 1134 16.62 11.32 6.58
N VAL A 1135 16.31 12.59 6.37
CA VAL A 1135 15.14 12.97 5.59
C VAL A 1135 15.32 12.60 4.12
N ALA A 1136 16.49 12.92 3.57
CA ALA A 1136 16.80 12.56 2.18
C ALA A 1136 16.83 11.06 1.98
N MET A 1137 17.29 10.32 3.00
CA MET A 1137 17.23 8.86 2.94
C MET A 1137 15.79 8.37 3.02
N ILE A 1138 14.95 9.03 3.82
CA ILE A 1138 13.54 8.67 3.94
C ILE A 1138 12.78 9.00 2.67
N GLN A 1139 13.08 10.16 2.07
CA GLN A 1139 12.36 10.58 0.87
C GLN A 1139 12.82 9.81 -0.37
N SER A 1140 14.07 9.38 -0.42
CA SER A 1140 14.58 8.71 -1.62
C SER A 1140 14.39 7.21 -1.58
N ALA A 1141 13.85 6.66 -0.51
CA ALA A 1141 13.53 5.26 -0.45
C ALA A 1141 12.11 5.04 -0.93
N ASP A 1142 11.65 3.81 -0.86
CA ASP A 1142 10.30 3.53 -1.29
C ASP A 1142 9.29 3.71 -0.17
N VAL A 1143 9.63 3.29 1.03
CA VAL A 1143 8.92 3.66 2.24
C VAL A 1143 9.86 4.55 3.02
N GLY A 1144 9.31 5.37 3.91
CA GLY A 1144 10.15 6.10 4.83
C GLY A 1144 9.54 6.17 6.22
N ILE A 1145 10.25 5.68 7.22
CA ILE A 1145 9.75 5.63 8.59
C ILE A 1145 10.48 6.69 9.39
N GLY A 1146 9.74 7.47 10.17
CA GLY A 1146 10.31 8.39 11.13
C GLY A 1146 10.04 7.88 12.53
N ILE A 1147 11.03 8.03 13.41
CA ILE A 1147 10.85 7.66 14.80
C ILE A 1147 10.59 8.95 15.58
N ALA A 1148 9.46 8.98 16.28
CA ALA A 1148 9.00 10.16 16.98
C ALA A 1148 9.60 10.24 18.37
N GLY A 1149 9.74 11.47 18.87
CA GLY A 1149 10.31 11.68 20.19
C GLY A 1149 9.49 12.65 21.02
N GLU A 1150 10.10 13.18 22.08
CA GLU A 1150 9.45 14.23 22.87
C GLU A 1150 9.30 15.52 22.09
N GLU A 1151 10.18 15.77 21.12
CA GLU A 1151 10.20 16.99 20.33
C GLU A 1151 9.51 16.77 18.98
N GLY A 1152 9.45 17.84 18.20
CA GLY A 1152 8.95 17.78 16.83
C GLY A 1152 10.08 17.59 15.85
N ARG A 1153 10.05 16.51 15.08
CA ARG A 1153 11.16 16.08 14.25
C ARG A 1153 10.81 16.20 12.78
N GLN A 1154 11.78 16.64 11.98
CA GLN A 1154 11.57 16.74 10.54
C GLN A 1154 11.45 15.37 9.90
N ALA A 1155 12.19 14.39 10.41
CA ALA A 1155 12.14 13.04 9.87
C ALA A 1155 10.80 12.37 10.11
N VAL A 1156 10.02 12.86 11.08
CA VAL A 1156 8.66 12.38 11.28
C VAL A 1156 7.72 13.03 10.29
N MET A 1157 7.88 14.34 10.06
CA MET A 1157 6.98 15.07 9.17
C MET A 1157 7.18 14.69 7.71
N CYS A 1158 8.39 14.32 7.32
CA CYS A 1158 8.69 13.94 5.95
C CYS A 1158 8.52 12.45 5.69
N SER A 1159 8.07 11.69 6.68
CA SER A 1159 8.02 10.25 6.57
C SER A 1159 6.69 9.79 6.01
N ASP A 1160 6.57 8.48 5.85
CA ASP A 1160 5.35 7.85 5.38
C ASP A 1160 4.59 7.16 6.49
N TYR A 1161 5.31 6.67 7.49
CA TYR A 1161 4.76 6.21 8.75
C TYR A 1161 5.59 6.82 9.85
N ALA A 1162 5.06 6.84 11.07
CA ALA A 1162 5.76 7.46 12.18
C ALA A 1162 5.48 6.65 13.42
N ILE A 1163 6.48 5.92 13.90
CA ILE A 1163 6.35 5.04 15.05
C ILE A 1163 7.12 5.65 16.21
N GLY A 1164 6.67 5.35 17.43
CA GLY A 1164 7.30 5.93 18.60
C GLY A 1164 8.63 5.30 18.96
N GLN A 1165 8.77 3.99 18.74
CA GLN A 1165 10.00 3.28 19.05
C GLN A 1165 10.41 2.45 17.84
N PHE A 1166 11.69 2.06 17.82
CA PHE A 1166 12.21 1.24 16.73
C PHE A 1166 11.60 -0.15 16.71
N ARG A 1167 11.24 -0.68 17.88
CA ARG A 1167 10.75 -2.06 17.96
C ARG A 1167 9.37 -2.24 17.35
N TYR A 1168 8.66 -1.13 17.08
CA TYR A 1168 7.38 -1.17 16.40
C TYR A 1168 7.51 -1.49 14.91
N LEU A 1169 8.73 -1.47 14.37
CA LEU A 1169 8.96 -1.75 12.96
C LEU A 1169 8.75 -3.22 12.62
N ALA A 1170 8.86 -4.12 13.60
CA ALA A 1170 8.49 -5.51 13.34
C ALA A 1170 6.99 -5.68 13.25
N ARG A 1171 6.24 -5.02 14.15
CA ARG A 1171 4.79 -5.03 14.08
C ARG A 1171 4.28 -4.31 12.85
N LEU A 1172 5.02 -3.31 12.37
CA LEU A 1172 4.58 -2.53 11.22
C LEU A 1172 4.84 -3.27 9.91
N VAL A 1173 6.00 -3.91 9.79
CA VAL A 1173 6.39 -4.56 8.53
C VAL A 1173 5.90 -6.00 8.47
N LEU A 1174 6.13 -6.78 9.52
CA LEU A 1174 5.83 -8.20 9.45
C LEU A 1174 4.36 -8.53 9.63
N VAL A 1175 3.55 -7.59 10.14
CA VAL A 1175 2.12 -7.82 10.31
C VAL A 1175 1.31 -6.99 9.33
N HIS A 1176 1.42 -5.67 9.39
CA HIS A 1176 0.55 -4.83 8.58
C HIS A 1176 0.97 -4.78 7.12
N GLY A 1177 2.27 -4.71 6.87
CA GLY A 1177 2.71 -4.65 5.48
C GLY A 1177 2.58 -5.98 4.78
N ARG A 1178 2.87 -7.07 5.49
CA ARG A 1178 2.73 -8.40 4.93
C ARG A 1178 1.27 -8.74 4.66
N TRP A 1179 0.36 -8.18 5.45
CA TRP A 1179 -1.07 -8.29 5.14
C TRP A 1179 -1.44 -7.42 3.96
N SER A 1180 -1.08 -6.13 4.01
CA SER A 1180 -1.47 -5.18 2.98
C SER A 1180 -0.87 -5.51 1.62
N TYR A 1181 0.24 -6.23 1.58
CA TYR A 1181 0.73 -6.78 0.32
C TYR A 1181 -0.16 -7.90 -0.18
N LYS A 1182 -0.45 -8.88 0.68
CA LYS A 1182 -1.23 -10.04 0.25
C LYS A 1182 -2.72 -9.71 0.09
N ARG A 1183 -3.21 -8.66 0.75
CA ARG A 1183 -4.58 -8.23 0.54
C ARG A 1183 -4.77 -7.62 -0.83
N LEU A 1184 -3.74 -6.96 -1.35
CA LEU A 1184 -3.86 -6.23 -2.60
C LEU A 1184 -3.30 -7.01 -3.79
N ALA A 1185 -2.42 -7.97 -3.54
CA ALA A 1185 -1.97 -8.88 -4.59
C ALA A 1185 -3.00 -9.95 -4.89
N GLU A 1186 -3.99 -10.14 -4.02
CA GLU A 1186 -5.10 -11.03 -4.29
C GLU A 1186 -6.28 -10.30 -4.89
N MET A 1187 -6.57 -9.11 -4.39
CA MET A 1187 -7.79 -8.39 -4.73
C MET A 1187 -7.80 -7.93 -6.18
N ILE A 1188 -6.67 -7.44 -6.67
CA ILE A 1188 -6.57 -6.88 -8.01
C ILE A 1188 -6.79 -7.94 -9.10
N PRO A 1189 -6.25 -9.17 -9.03
CA PRO A 1189 -6.74 -10.19 -9.97
C PRO A 1189 -8.17 -10.63 -9.73
N GLU A 1190 -8.66 -10.58 -8.48
CA GLU A 1190 -10.08 -10.82 -8.20
C GLU A 1190 -10.96 -9.72 -8.77
N PHE A 1191 -10.41 -8.55 -9.05
CA PHE A 1191 -11.22 -7.43 -9.48
C PHE A 1191 -11.44 -7.45 -10.98
N PHE A 1192 -10.42 -7.82 -11.75
CA PHE A 1192 -10.58 -7.91 -13.19
C PHE A 1192 -11.31 -9.17 -13.61
N TYR A 1193 -11.14 -10.25 -12.83
CA TYR A 1193 -12.01 -11.42 -12.96
C TYR A 1193 -13.47 -11.04 -12.80
N LYS A 1194 -13.79 -10.27 -11.77
CA LYS A 1194 -15.16 -9.95 -11.42
C LYS A 1194 -15.87 -9.11 -12.47
N ASN A 1195 -15.13 -8.25 -13.16
CA ASN A 1195 -15.78 -7.44 -14.19
C ASN A 1195 -15.99 -8.23 -15.47
N MET A 1196 -14.96 -8.96 -15.91
CA MET A 1196 -14.98 -9.58 -17.23
C MET A 1196 -15.88 -10.81 -17.28
N ILE A 1197 -16.34 -11.32 -16.14
CA ILE A 1197 -17.35 -12.37 -16.16
C ILE A 1197 -18.71 -11.80 -16.58
N PHE A 1198 -18.85 -10.48 -16.55
CA PHE A 1198 -20.07 -9.75 -16.85
C PHE A 1198 -19.99 -9.01 -18.17
N ALA A 1199 -18.86 -8.35 -18.44
CA ALA A 1199 -18.71 -7.55 -19.64
C ALA A 1199 -18.48 -8.39 -20.90
N LEU A 1200 -18.02 -9.62 -20.76
CA LEU A 1200 -17.81 -10.46 -21.94
C LEU A 1200 -19.09 -11.09 -22.45
N ALA A 1201 -20.14 -11.17 -21.64
CA ALA A 1201 -21.43 -11.64 -22.14
C ALA A 1201 -22.08 -10.61 -23.06
N LEU A 1202 -21.62 -9.36 -23.03
CA LEU A 1202 -21.98 -8.41 -24.07
C LEU A 1202 -21.27 -8.71 -25.38
N PHE A 1203 -20.13 -9.41 -25.33
CA PHE A 1203 -19.48 -9.86 -26.55
C PHE A 1203 -20.10 -11.15 -27.07
N TRP A 1204 -20.36 -12.11 -26.18
CA TRP A 1204 -20.89 -13.39 -26.64
C TRP A 1204 -22.32 -13.27 -27.12
N TYR A 1205 -23.03 -12.22 -26.72
CA TYR A 1205 -24.33 -11.93 -27.30
C TYR A 1205 -24.19 -11.32 -28.69
N GLY A 1206 -23.03 -10.75 -29.00
CA GLY A 1206 -22.77 -10.20 -30.32
C GLY A 1206 -22.75 -11.25 -31.42
N ILE A 1207 -22.47 -12.50 -31.08
CA ILE A 1207 -22.51 -13.57 -32.06
C ILE A 1207 -23.93 -13.78 -32.57
N TYR A 1208 -24.92 -13.59 -31.71
CA TYR A 1208 -26.29 -13.95 -32.02
C TYR A 1208 -27.15 -12.76 -32.42
N ASN A 1209 -26.59 -11.55 -32.45
CA ASN A 1209 -27.25 -10.45 -33.14
C ASN A 1209 -26.32 -9.82 -34.17
N ASP A 1210 -25.38 -10.63 -34.69
CA ASP A 1210 -24.49 -10.28 -35.81
C ASP A 1210 -23.57 -9.11 -35.47
N PHE A 1211 -23.25 -8.97 -34.18
CA PHE A 1211 -22.41 -7.88 -33.64
C PHE A 1211 -22.93 -6.51 -34.00
N ASP A 1212 -24.25 -6.36 -33.98
CA ASP A 1212 -24.85 -5.10 -34.42
C ASP A 1212 -24.79 -4.04 -33.33
N GLY A 1213 -24.78 -4.45 -32.06
CA GLY A 1213 -24.53 -3.51 -30.99
C GLY A 1213 -25.69 -3.30 -30.02
N SER A 1214 -26.53 -4.30 -29.84
CA SER A 1214 -27.57 -4.18 -28.84
C SER A 1214 -27.09 -4.73 -27.50
N TYR A 1215 -27.72 -4.25 -26.43
CA TYR A 1215 -27.28 -4.57 -25.08
C TYR A 1215 -27.98 -5.81 -24.56
N LEU A 1216 -27.20 -6.70 -23.96
CA LEU A 1216 -27.79 -7.84 -23.27
C LEU A 1216 -28.49 -7.43 -21.99
N TYR A 1217 -28.01 -6.37 -21.34
CA TYR A 1217 -28.43 -6.04 -19.99
C TYR A 1217 -29.32 -4.82 -19.97
N GLU A 1218 -30.30 -4.84 -19.07
CA GLU A 1218 -31.07 -3.66 -18.74
C GLU A 1218 -30.15 -2.67 -18.03
N TYR A 1219 -30.44 -1.37 -18.19
CA TYR A 1219 -29.43 -0.34 -17.92
C TYR A 1219 -29.16 -0.16 -16.43
N THR A 1220 -30.02 -0.65 -15.55
CA THR A 1220 -29.74 -0.60 -14.12
C THR A 1220 -28.89 -1.77 -13.65
N TYR A 1221 -28.73 -2.81 -14.46
CA TYR A 1221 -27.76 -3.85 -14.14
C TYR A 1221 -26.35 -3.39 -14.45
N MET A 1222 -26.16 -2.63 -15.53
CA MET A 1222 -24.83 -2.17 -15.87
C MET A 1222 -24.33 -1.10 -14.92
N MET A 1223 -25.22 -0.26 -14.39
CA MET A 1223 -24.79 0.73 -13.40
C MET A 1223 -24.43 0.07 -12.07
N PHE A 1224 -25.25 -0.86 -11.60
CA PHE A 1224 -25.18 -1.33 -10.24
C PHE A 1224 -24.38 -2.61 -10.07
N TYR A 1225 -23.81 -3.16 -11.14
CA TYR A 1225 -22.96 -4.35 -11.00
C TYR A 1225 -21.67 -4.01 -10.28
N ASN A 1226 -20.90 -3.06 -10.81
CA ASN A 1226 -19.65 -2.67 -10.21
C ASN A 1226 -19.84 -1.67 -9.07
N LEU A 1227 -21.07 -1.25 -8.80
CA LEU A 1227 -21.38 -0.31 -7.74
C LEU A 1227 -22.05 -0.98 -6.54
N ALA A 1228 -22.97 -1.88 -6.76
CA ALA A 1228 -23.71 -2.42 -5.64
C ALA A 1228 -23.59 -3.93 -5.49
N PHE A 1229 -23.69 -4.69 -6.58
CA PHE A 1229 -23.86 -6.13 -6.40
C PHE A 1229 -22.55 -6.86 -6.15
N THR A 1230 -21.43 -6.31 -6.60
CA THR A 1230 -20.16 -6.98 -6.55
C THR A 1230 -19.04 -6.15 -5.92
N SER A 1231 -19.30 -4.89 -5.58
CA SER A 1231 -18.25 -3.98 -5.15
C SER A 1231 -17.77 -4.25 -3.73
N LEU A 1232 -18.65 -4.69 -2.85
CA LEU A 1232 -18.28 -4.87 -1.45
C LEU A 1232 -17.47 -6.11 -1.08
N PRO A 1233 -17.66 -7.31 -1.68
CA PRO A 1233 -16.74 -8.41 -1.32
C PRO A 1233 -15.30 -8.18 -1.72
N VAL A 1234 -15.05 -7.46 -2.82
CA VAL A 1234 -13.69 -7.10 -3.20
C VAL A 1234 -13.07 -6.14 -2.19
N ILE A 1235 -13.84 -5.16 -1.72
CA ILE A 1235 -13.29 -4.14 -0.83
C ILE A 1235 -13.02 -4.72 0.56
N PHE A 1236 -13.91 -5.55 1.06
CA PHE A 1236 -13.67 -6.16 2.35
C PHE A 1236 -12.71 -7.35 2.29
N LEU A 1237 -12.27 -7.75 1.11
CA LEU A 1237 -11.08 -8.58 1.01
C LEU A 1237 -9.82 -7.73 1.10
N GLY A 1238 -9.83 -6.53 0.54
CA GLY A 1238 -8.61 -5.74 0.58
C GLY A 1238 -8.34 -5.06 1.89
N ILE A 1239 -9.30 -5.04 2.80
CA ILE A 1239 -9.16 -4.34 4.06
C ILE A 1239 -8.97 -5.32 5.22
N LEU A 1240 -9.69 -6.44 5.22
CA LEU A 1240 -9.82 -7.25 6.42
C LEU A 1240 -9.32 -8.69 6.25
N ASP A 1241 -8.70 -9.04 5.13
CA ASP A 1241 -8.23 -10.40 4.94
C ASP A 1241 -6.93 -10.61 5.70
N GLN A 1242 -6.82 -11.77 6.36
CA GLN A 1242 -5.63 -12.13 7.11
C GLN A 1242 -5.27 -13.56 6.77
N ASP A 1243 -4.08 -13.76 6.21
CA ASP A 1243 -3.60 -15.11 5.93
C ASP A 1243 -3.37 -15.89 7.22
N VAL A 1244 -2.70 -15.28 8.21
CA VAL A 1244 -2.59 -15.82 9.56
C VAL A 1244 -2.80 -14.68 10.54
N ASN A 1245 -2.84 -15.04 11.82
CA ASN A 1245 -3.06 -14.11 12.92
C ASN A 1245 -1.87 -13.15 13.05
N ASP A 1246 -2.06 -12.08 13.84
CA ASP A 1246 -0.99 -11.11 14.00
C ASP A 1246 0.14 -11.61 14.89
N THR A 1247 -0.11 -12.59 15.76
CA THR A 1247 0.97 -13.18 16.53
C THR A 1247 1.80 -14.13 15.69
N ILE A 1248 1.14 -14.87 14.80
CA ILE A 1248 1.80 -15.85 13.95
C ILE A 1248 2.66 -15.15 12.91
N SER A 1249 2.31 -13.91 12.55
CA SER A 1249 3.14 -13.13 11.64
C SER A 1249 4.49 -12.79 12.25
N LEU A 1250 4.57 -12.75 13.59
CA LEU A 1250 5.81 -12.47 14.30
C LEU A 1250 6.48 -13.73 14.85
N VAL A 1251 5.71 -14.75 15.20
CA VAL A 1251 6.30 -16.03 15.58
C VAL A 1251 6.97 -16.69 14.38
N VAL A 1252 6.36 -16.57 13.20
CA VAL A 1252 6.93 -17.10 11.97
C VAL A 1252 7.25 -15.92 11.06
N PRO A 1253 8.44 -15.33 11.15
CA PRO A 1253 8.77 -14.21 10.24
C PRO A 1253 9.08 -14.66 8.83
N GLN A 1254 9.30 -15.95 8.60
CA GLN A 1254 9.68 -16.45 7.29
C GLN A 1254 8.51 -16.48 6.32
N LEU A 1255 7.29 -16.19 6.76
CA LEU A 1255 6.15 -16.00 5.88
C LEU A 1255 6.26 -14.70 5.09
N TYR A 1256 7.16 -13.81 5.49
CA TYR A 1256 7.34 -12.55 4.79
C TYR A 1256 8.07 -12.72 3.45
N ARG A 1257 8.73 -13.87 3.25
CA ARG A 1257 9.63 -14.04 2.12
C ARG A 1257 8.92 -14.17 0.79
N VAL A 1258 7.61 -14.43 0.78
CA VAL A 1258 6.87 -14.44 -0.47
C VAL A 1258 6.71 -13.04 -1.05
N GLY A 1259 6.88 -12.00 -0.23
CA GLY A 1259 6.86 -10.64 -0.75
C GLY A 1259 8.18 -10.19 -1.31
N ILE A 1260 9.30 -10.68 -0.75
CA ILE A 1260 10.61 -10.34 -1.28
C ILE A 1260 10.85 -11.06 -2.61
N LEU A 1261 10.46 -12.33 -2.66
CA LEU A 1261 10.52 -13.11 -3.90
C LEU A 1261 9.43 -12.74 -4.89
N ARG A 1262 8.47 -11.90 -4.48
CA ARG A 1262 7.37 -11.39 -5.30
C ARG A 1262 6.52 -12.52 -5.87
N LYS A 1263 6.19 -13.49 -5.02
CA LYS A 1263 5.48 -14.68 -5.42
C LYS A 1263 3.97 -14.53 -5.35
N GLU A 1264 3.46 -13.38 -4.92
CA GLU A 1264 2.02 -13.20 -4.78
C GLU A 1264 1.43 -12.26 -5.81
N TRP A 1265 2.23 -11.40 -6.42
CA TRP A 1265 1.76 -10.50 -7.47
C TRP A 1265 2.67 -10.63 -8.69
N ASN A 1266 2.14 -11.27 -9.72
CA ASN A 1266 2.83 -11.45 -10.98
C ASN A 1266 1.91 -11.02 -12.10
N GLN A 1267 2.49 -10.68 -13.25
CA GLN A 1267 1.66 -10.55 -14.44
C GLN A 1267 1.26 -11.90 -15.01
N ARG A 1268 1.90 -12.98 -14.55
CA ARG A 1268 1.47 -14.32 -14.91
C ARG A 1268 0.22 -14.72 -14.14
N LYS A 1269 0.17 -14.37 -12.84
CA LYS A 1269 -1.01 -14.63 -12.02
C LYS A 1269 -2.22 -13.87 -12.54
N PHE A 1270 -2.01 -12.64 -13.01
CA PHE A 1270 -3.06 -11.84 -13.62
C PHE A 1270 -3.67 -12.53 -14.83
N LEU A 1271 -2.84 -13.16 -15.67
CA LEU A 1271 -3.34 -13.78 -16.88
C LEU A 1271 -4.16 -15.02 -16.61
N TRP A 1272 -3.89 -15.72 -15.52
CA TRP A 1272 -4.72 -16.87 -15.18
C TRP A 1272 -6.08 -16.45 -14.63
N TYR A 1273 -6.15 -15.29 -13.98
CA TYR A 1273 -7.43 -14.74 -13.57
C TYR A 1273 -8.17 -14.13 -14.74
N MET A 1274 -7.45 -13.64 -15.74
CA MET A 1274 -8.07 -13.27 -17.01
C MET A 1274 -8.57 -14.49 -17.77
N LEU A 1275 -7.89 -15.63 -17.62
CA LEU A 1275 -8.32 -16.84 -18.30
C LEU A 1275 -9.39 -17.59 -17.51
N ASP A 1276 -9.41 -17.42 -16.18
CA ASP A 1276 -10.53 -17.90 -15.40
C ASP A 1276 -11.73 -16.97 -15.54
N GLY A 1277 -11.50 -15.70 -15.84
CA GLY A 1277 -12.60 -14.80 -16.12
C GLY A 1277 -13.17 -14.99 -17.51
N LEU A 1278 -12.32 -15.31 -18.49
CA LEU A 1278 -12.78 -15.60 -19.85
C LEU A 1278 -13.58 -16.88 -19.90
N TYR A 1279 -13.23 -17.86 -19.07
CA TYR A 1279 -13.93 -19.13 -19.08
C TYR A 1279 -15.33 -19.02 -18.51
N GLN A 1280 -15.50 -18.29 -17.41
CA GLN A 1280 -16.79 -18.31 -16.74
C GLN A 1280 -17.81 -17.43 -17.44
N SER A 1281 -17.38 -16.46 -18.25
CA SER A 1281 -18.32 -15.72 -19.08
C SER A 1281 -18.85 -16.60 -20.22
N ILE A 1282 -18.09 -17.62 -20.63
CA ILE A 1282 -18.65 -18.65 -21.50
C ILE A 1282 -19.68 -19.47 -20.74
N ILE A 1283 -19.46 -19.69 -19.45
CA ILE A 1283 -20.43 -20.41 -18.65
C ILE A 1283 -21.62 -19.51 -18.33
N CYS A 1284 -21.35 -18.24 -18.01
CA CYS A 1284 -22.43 -17.34 -17.60
C CYS A 1284 -23.32 -16.92 -18.76
N PHE A 1285 -22.82 -16.96 -20.00
CA PHE A 1285 -23.67 -16.64 -21.14
C PHE A 1285 -24.31 -17.87 -21.77
N PHE A 1286 -23.51 -18.90 -22.07
CA PHE A 1286 -24.01 -19.99 -22.90
C PHE A 1286 -24.82 -21.01 -22.12
N PHE A 1287 -24.85 -20.93 -20.82
CA PHE A 1287 -25.74 -21.77 -20.04
C PHE A 1287 -27.16 -21.18 -20.05
N PRO A 1288 -27.38 -19.86 -19.90
CA PRO A 1288 -28.70 -19.34 -20.26
C PRO A 1288 -29.02 -19.42 -21.74
N TYR A 1289 -28.03 -19.43 -22.62
CA TYR A 1289 -28.32 -19.57 -24.04
C TYR A 1289 -28.86 -20.95 -24.38
N LEU A 1290 -28.26 -22.00 -23.83
CA LEU A 1290 -28.65 -23.35 -24.24
C LEU A 1290 -29.92 -23.84 -23.55
N VAL A 1291 -30.57 -23.04 -22.70
CA VAL A 1291 -31.94 -23.35 -22.29
C VAL A 1291 -32.97 -22.56 -23.08
N TYR A 1292 -32.56 -21.51 -23.77
CA TYR A 1292 -33.41 -20.82 -24.72
C TYR A 1292 -33.26 -21.32 -26.14
N HIS A 1293 -32.14 -21.94 -26.51
CA HIS A 1293 -31.78 -22.04 -27.91
C HIS A 1293 -32.66 -23.01 -28.69
N LYS A 1294 -33.27 -23.97 -27.99
CA LYS A 1294 -34.02 -25.01 -28.69
C LYS A 1294 -35.38 -24.49 -29.16
N ASN A 1295 -36.18 -23.93 -28.25
CA ASN A 1295 -37.49 -23.43 -28.65
C ASN A 1295 -37.93 -22.15 -27.97
N MET A 1296 -37.03 -21.42 -27.30
CA MET A 1296 -37.25 -20.09 -26.72
C MET A 1296 -38.34 -20.04 -25.64
N ILE A 1297 -38.71 -21.17 -25.06
CA ILE A 1297 -39.73 -21.23 -24.03
C ILE A 1297 -39.08 -21.78 -22.76
N VAL A 1298 -39.06 -20.96 -21.71
CA VAL A 1298 -38.40 -21.31 -20.46
C VAL A 1298 -39.31 -21.17 -19.26
N THR A 1299 -40.57 -20.79 -19.45
CA THR A 1299 -41.46 -20.54 -18.34
C THR A 1299 -42.45 -21.69 -18.23
N SER A 1300 -42.94 -21.95 -17.02
CA SER A 1300 -43.82 -23.08 -16.79
C SER A 1300 -45.22 -22.86 -17.36
N ASN A 1301 -45.59 -21.63 -17.69
CA ASN A 1301 -46.91 -21.32 -18.21
C ASN A 1301 -46.88 -20.85 -19.66
N GLY A 1302 -45.77 -21.10 -20.37
CA GLY A 1302 -45.67 -20.87 -21.80
C GLY A 1302 -45.73 -19.43 -22.27
N LEU A 1303 -45.63 -18.45 -21.37
CA LEU A 1303 -45.93 -17.07 -21.71
C LEU A 1303 -44.73 -16.30 -22.26
N GLY A 1304 -43.52 -16.82 -22.13
CA GLY A 1304 -42.40 -16.22 -22.84
C GLY A 1304 -41.57 -15.24 -22.05
N LEU A 1305 -40.34 -15.64 -21.75
CA LEU A 1305 -39.33 -14.75 -21.17
C LEU A 1305 -38.26 -14.39 -22.18
N ASP A 1306 -38.60 -14.41 -23.47
CA ASP A 1306 -37.62 -14.37 -24.54
C ASP A 1306 -37.07 -12.97 -24.81
N HIS A 1307 -37.35 -11.99 -23.97
CA HIS A 1307 -36.78 -10.67 -24.14
C HIS A 1307 -35.30 -10.72 -23.76
N ARG A 1308 -34.50 -9.81 -24.34
CA ARG A 1308 -33.07 -9.88 -24.09
C ARG A 1308 -32.70 -9.37 -22.71
N TYR A 1309 -33.53 -8.51 -22.11
CA TYR A 1309 -33.28 -8.08 -20.75
C TYR A 1309 -33.57 -9.18 -19.76
N PHE A 1310 -34.41 -10.13 -20.13
CA PHE A 1310 -34.73 -11.22 -19.24
C PHE A 1310 -33.67 -12.31 -19.32
N VAL A 1311 -33.03 -12.45 -20.49
CA VAL A 1311 -31.86 -13.30 -20.61
C VAL A 1311 -30.71 -12.69 -19.83
N GLY A 1312 -30.62 -11.37 -19.79
CA GLY A 1312 -29.62 -10.69 -18.99
C GLY A 1312 -29.81 -10.84 -17.49
N VAL A 1313 -31.01 -11.18 -17.04
CA VAL A 1313 -31.23 -11.47 -15.63
C VAL A 1313 -30.64 -12.83 -15.26
N TYR A 1314 -30.86 -13.83 -16.12
CA TYR A 1314 -30.20 -15.12 -16.04
C TYR A 1314 -28.69 -14.99 -15.94
N VAL A 1315 -28.10 -14.16 -16.80
CA VAL A 1315 -26.65 -14.06 -16.88
C VAL A 1315 -26.07 -13.31 -15.69
N THR A 1316 -26.76 -12.25 -15.26
CA THR A 1316 -26.25 -11.40 -14.17
C THR A 1316 -26.28 -12.12 -12.84
N THR A 1317 -27.38 -12.83 -12.56
CA THR A 1317 -27.52 -13.53 -11.29
C THR A 1317 -26.54 -14.70 -11.18
N ILE A 1318 -26.22 -15.36 -12.29
CA ILE A 1318 -25.15 -16.34 -12.26
C ILE A 1318 -23.80 -15.65 -12.03
N ALA A 1319 -23.60 -14.49 -12.65
CA ALA A 1319 -22.30 -13.83 -12.55
C ALA A 1319 -22.08 -13.21 -11.18
N VAL A 1320 -23.13 -12.71 -10.54
CA VAL A 1320 -22.97 -12.07 -9.23
C VAL A 1320 -22.71 -13.11 -8.16
N ILE A 1321 -23.43 -14.23 -8.19
CA ILE A 1321 -23.26 -15.24 -7.15
C ILE A 1321 -21.95 -16.00 -7.34
N SER A 1322 -21.56 -16.24 -8.59
CA SER A 1322 -20.29 -16.94 -8.82
C SER A 1322 -19.09 -16.04 -8.53
N CYS A 1323 -19.24 -14.72 -8.66
CA CYS A 1323 -18.18 -13.81 -8.22
C CYS A 1323 -18.08 -13.80 -6.70
N ASN A 1324 -19.20 -13.57 -6.02
CA ASN A 1324 -19.14 -13.34 -4.59
C ASN A 1324 -18.88 -14.61 -3.81
N THR A 1325 -19.00 -15.78 -4.44
CA THR A 1325 -18.51 -17.01 -3.84
C THR A 1325 -17.13 -17.40 -4.36
N TYR A 1326 -16.63 -16.73 -5.40
CA TYR A 1326 -15.23 -16.86 -5.76
C TYR A 1326 -14.36 -16.05 -4.81
N VAL A 1327 -14.83 -14.85 -4.48
CA VAL A 1327 -14.13 -13.98 -3.53
C VAL A 1327 -14.13 -14.60 -2.14
N LEU A 1328 -15.21 -15.30 -1.79
CA LEU A 1328 -15.29 -15.97 -0.50
C LEU A 1328 -14.30 -17.13 -0.38
N LEU A 1329 -14.08 -17.87 -1.45
CA LEU A 1329 -13.15 -18.99 -1.42
C LEU A 1329 -11.70 -18.57 -1.49
N HIS A 1330 -11.42 -17.34 -1.91
CA HIS A 1330 -10.06 -16.82 -1.94
C HIS A 1330 -9.82 -15.84 -0.81
N GLN A 1331 -10.65 -15.94 0.24
CA GLN A 1331 -10.36 -15.32 1.52
C GLN A 1331 -9.87 -16.39 2.47
N TYR A 1332 -8.73 -16.16 3.07
CA TYR A 1332 -8.45 -16.71 4.39
C TYR A 1332 -9.27 -15.90 5.37
N ARG A 1333 -9.55 -16.46 6.56
CA ARG A 1333 -10.30 -15.77 7.62
C ARG A 1333 -11.70 -15.34 7.17
N TRP A 1334 -12.61 -16.30 7.08
CA TRP A 1334 -14.03 -16.00 6.93
C TRP A 1334 -14.54 -15.48 8.27
N ASP A 1335 -14.60 -14.17 8.42
CA ASP A 1335 -15.15 -13.61 9.64
C ASP A 1335 -16.64 -13.32 9.45
N TRP A 1336 -17.29 -12.79 10.47
CA TRP A 1336 -18.71 -12.50 10.38
C TRP A 1336 -19.01 -11.20 9.66
N PHE A 1337 -18.03 -10.30 9.55
CA PHE A 1337 -18.27 -9.02 8.93
C PHE A 1337 -18.24 -9.13 7.41
N SER A 1338 -17.20 -9.76 6.88
CA SER A 1338 -17.15 -10.01 5.45
C SER A 1338 -18.14 -11.08 5.03
N GLY A 1339 -18.45 -12.02 5.91
CA GLY A 1339 -19.46 -13.02 5.61
C GLY A 1339 -20.86 -12.45 5.52
N LEU A 1340 -21.15 -11.42 6.31
CA LEU A 1340 -22.45 -10.76 6.24
C LEU A 1340 -22.59 -9.96 4.95
N PHE A 1341 -21.53 -9.27 4.53
CA PHE A 1341 -21.62 -8.37 3.40
C PHE A 1341 -21.25 -9.02 2.08
N ILE A 1342 -20.82 -10.29 2.10
CA ILE A 1342 -20.89 -11.11 0.90
C ILE A 1342 -22.32 -11.59 0.68
N ALA A 1343 -23.01 -11.95 1.76
CA ALA A 1343 -24.40 -12.36 1.67
C ALA A 1343 -25.30 -11.21 1.25
N LEU A 1344 -25.09 -10.02 1.81
CA LEU A 1344 -25.91 -8.88 1.41
C LEU A 1344 -25.59 -8.38 0.01
N SER A 1345 -24.41 -8.68 -0.52
CA SER A 1345 -24.17 -8.41 -1.94
C SER A 1345 -24.81 -9.48 -2.82
N CYS A 1346 -24.88 -10.71 -2.32
CA CYS A 1346 -25.62 -11.76 -3.03
C CYS A 1346 -27.11 -11.52 -3.01
N LEU A 1347 -27.64 -10.87 -1.97
CA LEU A 1347 -29.06 -10.65 -1.84
C LEU A 1347 -29.51 -9.27 -2.28
N VAL A 1348 -28.61 -8.39 -2.70
CA VAL A 1348 -29.04 -7.11 -3.26
C VAL A 1348 -29.28 -7.21 -4.75
N VAL A 1349 -28.85 -8.29 -5.40
CA VAL A 1349 -29.19 -8.46 -6.80
C VAL A 1349 -30.62 -8.97 -6.94
N PHE A 1350 -31.13 -9.76 -5.99
CA PHE A 1350 -32.52 -10.17 -6.02
C PHE A 1350 -33.44 -9.08 -5.51
N ALA A 1351 -32.94 -8.21 -4.64
CA ALA A 1351 -33.77 -7.20 -4.01
C ALA A 1351 -33.99 -6.00 -4.92
N TRP A 1352 -32.96 -5.60 -5.69
CA TRP A 1352 -33.12 -4.45 -6.57
C TRP A 1352 -34.05 -4.74 -7.72
N THR A 1353 -33.89 -5.88 -8.37
CA THR A 1353 -34.83 -6.22 -9.43
C THR A 1353 -36.18 -6.66 -8.89
N GLY A 1354 -36.28 -7.03 -7.62
CA GLY A 1354 -37.59 -7.20 -7.03
C GLY A 1354 -38.31 -5.89 -6.78
N ILE A 1355 -37.56 -4.79 -6.76
CA ILE A 1355 -38.11 -3.47 -6.53
C ILE A 1355 -38.22 -2.67 -7.82
N TRP A 1356 -37.19 -2.71 -8.66
CA TRP A 1356 -37.21 -1.95 -9.91
C TRP A 1356 -38.15 -2.57 -10.93
N SER A 1357 -38.35 -3.88 -10.88
CA SER A 1357 -39.30 -4.54 -11.77
C SER A 1357 -40.65 -4.72 -11.10
N SER A 1358 -41.03 -3.76 -10.28
CA SER A 1358 -42.40 -3.58 -9.86
C SER A 1358 -42.89 -2.20 -10.23
N ALA A 1359 -42.02 -1.39 -10.82
CA ALA A 1359 -42.34 -0.03 -11.22
C ALA A 1359 -42.64 0.01 -12.71
N ILE A 1360 -43.50 0.94 -13.11
CA ILE A 1360 -43.81 1.13 -14.53
C ILE A 1360 -42.69 1.88 -15.25
N ALA A 1361 -41.72 2.41 -14.50
CA ALA A 1361 -40.55 3.03 -15.09
C ALA A 1361 -39.51 2.03 -15.58
N SER A 1362 -39.77 0.73 -15.45
CA SER A 1362 -38.86 -0.29 -15.96
C SER A 1362 -38.89 -0.33 -17.48
N ARG A 1363 -40.08 -0.12 -18.08
CA ARG A 1363 -40.37 0.23 -19.47
C ARG A 1363 -40.21 -0.88 -20.50
N GLU A 1364 -39.51 -1.96 -20.18
CA GLU A 1364 -39.56 -3.23 -20.88
C GLU A 1364 -39.48 -4.36 -19.90
N PHE A 1365 -39.21 -4.03 -18.64
CA PHE A 1365 -38.67 -4.90 -17.62
C PHE A 1365 -39.69 -5.07 -16.50
N PHE A 1366 -40.95 -4.76 -16.81
CA PHE A 1366 -41.94 -4.28 -15.84
C PHE A 1366 -42.27 -5.29 -14.75
N LYS A 1367 -42.28 -6.58 -15.04
CA LYS A 1367 -42.49 -7.55 -13.97
C LYS A 1367 -41.44 -8.65 -14.04
N ALA A 1368 -40.18 -8.25 -14.18
CA ALA A 1368 -39.10 -9.21 -14.43
C ALA A 1368 -38.87 -10.14 -13.23
N ALA A 1369 -38.88 -9.62 -12.01
CA ALA A 1369 -38.62 -10.50 -10.88
C ALA A 1369 -39.80 -11.38 -10.53
N ALA A 1370 -41.01 -11.00 -10.92
CA ALA A 1370 -42.14 -11.88 -10.68
C ALA A 1370 -42.16 -13.04 -11.68
N ARG A 1371 -41.68 -12.81 -12.89
CA ARG A 1371 -41.76 -13.76 -13.97
C ARG A 1371 -40.54 -14.67 -14.05
N ILE A 1372 -39.36 -14.13 -13.76
CA ILE A 1372 -38.13 -14.90 -13.87
C ILE A 1372 -37.87 -15.72 -12.61
N TYR A 1373 -38.04 -15.11 -11.44
CA TYR A 1373 -37.75 -15.81 -10.20
C TYR A 1373 -38.83 -16.83 -9.86
N GLY A 1374 -40.02 -16.68 -10.41
CA GLY A 1374 -41.04 -17.71 -10.33
C GLY A 1374 -40.96 -18.78 -11.38
N ALA A 1375 -39.93 -18.74 -12.23
CA ALA A 1375 -39.74 -19.75 -13.25
C ALA A 1375 -38.79 -20.82 -12.77
N PRO A 1376 -39.17 -22.10 -12.83
CA PRO A 1376 -38.27 -23.16 -12.38
C PRO A 1376 -37.04 -23.32 -13.23
N SER A 1377 -37.05 -22.88 -14.48
CA SER A 1377 -35.86 -22.98 -15.31
C SER A 1377 -34.81 -21.95 -14.93
N PHE A 1378 -35.18 -20.91 -14.18
CA PHE A 1378 -34.17 -20.01 -13.66
C PHE A 1378 -33.37 -20.67 -12.56
N TRP A 1379 -34.04 -21.34 -11.63
CA TRP A 1379 -33.38 -21.99 -10.52
C TRP A 1379 -32.78 -23.34 -10.87
N ALA A 1380 -32.90 -23.77 -12.12
CA ALA A 1380 -32.17 -24.95 -12.57
C ALA A 1380 -30.89 -24.55 -13.30
N VAL A 1381 -30.92 -23.44 -14.04
CA VAL A 1381 -29.71 -22.91 -14.66
C VAL A 1381 -28.78 -22.36 -13.59
N PHE A 1382 -29.34 -21.81 -12.51
CA PHE A 1382 -28.57 -21.09 -11.50
C PHE A 1382 -27.59 -22.00 -10.77
N PHE A 1383 -28.03 -23.19 -10.37
CA PHE A 1383 -27.14 -24.03 -9.59
C PHE A 1383 -26.13 -24.79 -10.45
N VAL A 1384 -26.44 -25.10 -11.71
CA VAL A 1384 -25.47 -25.84 -12.49
C VAL A 1384 -24.42 -24.89 -13.09
N ALA A 1385 -24.75 -23.62 -13.28
CA ALA A 1385 -23.78 -22.70 -13.86
C ALA A 1385 -22.87 -22.10 -12.80
N VAL A 1386 -23.33 -22.00 -11.56
CA VAL A 1386 -22.45 -21.58 -10.48
C VAL A 1386 -21.45 -22.69 -10.16
N LEU A 1387 -21.85 -23.95 -10.36
CA LEU A 1387 -20.93 -25.07 -10.25
C LEU A 1387 -19.79 -24.95 -11.25
N PHE A 1388 -20.10 -24.91 -12.55
CA PHE A 1388 -19.08 -24.90 -13.58
C PHE A 1388 -18.27 -23.61 -13.63
N CYS A 1389 -18.75 -22.52 -13.04
CA CYS A 1389 -17.88 -21.38 -12.86
C CYS A 1389 -16.83 -21.66 -11.79
N LEU A 1390 -17.24 -22.22 -10.65
CA LEU A 1390 -16.35 -22.37 -9.52
C LEU A 1390 -15.56 -23.67 -9.52
N LEU A 1391 -15.96 -24.65 -10.32
CA LEU A 1391 -15.35 -25.97 -10.25
C LEU A 1391 -13.93 -26.07 -10.82
N PRO A 1392 -13.55 -25.44 -11.95
CA PRO A 1392 -12.13 -25.51 -12.33
C PRO A 1392 -11.17 -24.74 -11.43
N ARG A 1393 -11.65 -23.81 -10.61
CA ARG A 1393 -10.72 -23.14 -9.71
C ARG A 1393 -10.68 -23.80 -8.34
N PHE A 1394 -11.83 -24.27 -7.85
CA PHE A 1394 -11.82 -25.00 -6.58
C PHE A 1394 -11.13 -26.35 -6.69
N THR A 1395 -11.02 -26.91 -7.90
CA THR A 1395 -10.25 -28.13 -8.08
C THR A 1395 -8.77 -27.85 -8.17
N TYR A 1396 -8.39 -26.79 -8.91
CA TYR A 1396 -6.99 -26.43 -9.03
C TYR A 1396 -6.38 -26.03 -7.69
N ASP A 1397 -7.16 -25.33 -6.85
CA ASP A 1397 -6.65 -24.98 -5.53
C ASP A 1397 -6.53 -26.19 -4.64
N SER A 1398 -7.49 -27.11 -4.72
CA SER A 1398 -7.42 -28.31 -3.90
C SER A 1398 -6.29 -29.24 -4.37
N PHE A 1399 -5.99 -29.27 -5.66
CA PHE A 1399 -4.80 -29.98 -6.12
C PHE A 1399 -3.53 -29.25 -5.71
N GLN A 1400 -3.57 -27.92 -5.68
CA GLN A 1400 -2.43 -27.14 -5.24
C GLN A 1400 -2.18 -27.30 -3.75
N LYS A 1401 -3.24 -27.28 -2.94
CA LYS A 1401 -3.07 -27.29 -1.49
C LYS A 1401 -2.77 -28.67 -0.94
N PHE A 1402 -2.77 -29.72 -1.76
CA PHE A 1402 -2.45 -31.05 -1.26
C PHE A 1402 -1.07 -31.50 -1.69
N PHE A 1403 -0.52 -30.93 -2.77
CA PHE A 1403 0.64 -31.52 -3.41
C PHE A 1403 1.76 -30.50 -3.63
N TYR A 1404 1.40 -29.24 -3.81
CA TYR A 1404 2.38 -28.16 -3.86
C TYR A 1404 1.98 -27.01 -2.94
N PRO A 1405 1.93 -27.23 -1.63
CA PRO A 1405 1.43 -26.17 -0.74
C PRO A 1405 2.44 -25.05 -0.54
N THR A 1406 1.94 -23.83 -0.45
CA THR A 1406 2.77 -22.72 -0.06
C THR A 1406 3.09 -22.80 1.43
N ASP A 1407 4.03 -21.95 1.85
CA ASP A 1407 4.41 -21.94 3.27
C ASP A 1407 3.26 -21.45 4.15
N VAL A 1408 2.49 -20.49 3.66
CA VAL A 1408 1.42 -19.91 4.46
C VAL A 1408 0.20 -20.82 4.52
N GLU A 1409 0.03 -21.76 3.57
CA GLU A 1409 -0.93 -22.91 3.71
C GLU A 1409 -0.47 -23.95 4.71
N ILE A 1410 0.84 -24.12 4.91
CA ILE A 1410 1.32 -25.13 5.86
C ILE A 1410 1.27 -24.57 7.28
N VAL A 1411 1.59 -23.29 7.45
CA VAL A 1411 1.52 -22.64 8.76
C VAL A 1411 0.08 -22.61 9.26
N ARG A 1412 -0.87 -22.37 8.35
CA ARG A 1412 -2.29 -22.45 8.69
C ARG A 1412 -2.71 -23.87 9.06
N GLU A 1413 -2.04 -24.89 8.52
CA GLU A 1413 -2.35 -26.26 8.94
C GLU A 1413 -1.84 -26.53 10.34
N MET A 1414 -0.70 -25.95 10.71
CA MET A 1414 -0.20 -26.11 12.07
C MET A 1414 -1.03 -25.31 13.06
N TRP A 1415 -1.52 -24.14 12.64
CA TRP A 1415 -2.33 -23.28 13.51
C TRP A 1415 -3.69 -23.88 13.81
N GLN A 1416 -4.23 -24.66 12.89
CA GLN A 1416 -5.45 -25.40 13.21
C GLN A 1416 -5.16 -26.55 14.17
N HIS A 1417 -3.97 -27.14 14.09
CA HIS A 1417 -3.56 -28.24 14.97
C HIS A 1417 -2.94 -27.76 16.27
N GLY A 1418 -3.14 -26.49 16.64
CA GLY A 1418 -2.75 -26.02 17.95
C GLY A 1418 -1.27 -25.86 18.19
N HIS A 1419 -0.49 -25.56 17.15
CA HIS A 1419 0.92 -25.28 17.34
C HIS A 1419 1.19 -23.85 17.75
N PHE A 1420 0.16 -23.01 17.87
CA PHE A 1420 0.36 -21.60 18.20
C PHE A 1420 -0.59 -21.12 19.30
N ASP A 1421 -1.34 -22.02 19.93
CA ASP A 1421 -2.34 -21.63 20.90
C ASP A 1421 -1.77 -21.21 22.24
N HIS A 1422 -0.49 -21.48 22.50
CA HIS A 1422 0.15 -21.08 23.75
C HIS A 1422 0.81 -19.71 23.66
N TYR A 1423 0.37 -18.87 22.73
CA TYR A 1423 0.77 -17.49 22.61
C TYR A 1423 -0.42 -16.59 22.91
N PRO A 1424 -0.23 -15.51 23.66
CA PRO A 1424 -1.34 -14.62 23.99
C PRO A 1424 -1.76 -13.80 22.78
N PRO A 1425 -3.01 -13.31 22.75
CA PRO A 1425 -3.42 -12.42 21.66
C PRO A 1425 -2.70 -11.08 21.75
N GLY A 1426 -2.07 -10.70 20.65
CA GLY A 1426 -1.18 -9.56 20.68
C GLY A 1426 0.16 -9.86 21.28
N TYR A 1427 0.72 -11.04 20.99
CA TYR A 1427 2.04 -11.39 21.49
C TYR A 1427 3.11 -10.59 20.74
N ASP A 1428 3.95 -9.89 21.47
CA ASP A 1428 4.99 -9.08 20.86
C ASP A 1428 6.35 -9.62 21.26
N PRO A 1429 7.07 -10.29 20.36
CA PRO A 1429 8.40 -10.83 20.71
C PRO A 1429 9.44 -9.76 20.95
N THR A 1430 9.26 -8.56 20.42
CA THR A 1430 10.16 -7.45 20.69
C THR A 1430 9.58 -6.57 21.79
N ASP A 1431 9.46 -7.15 22.97
CA ASP A 1431 8.92 -6.44 24.10
C ASP A 1431 9.72 -6.85 25.33
N PRO A 1432 10.31 -5.90 26.06
CA PRO A 1432 10.98 -6.29 27.31
C PRO A 1432 10.01 -6.78 28.37
N ASN A 1433 8.84 -6.16 28.48
CA ASN A 1433 7.83 -6.57 29.47
C ASN A 1433 6.82 -7.53 28.87
N ARG A 1434 7.30 -8.59 28.26
CA ARG A 1434 6.37 -9.57 27.75
C ARG A 1434 6.30 -10.78 28.68
N PRO A 1435 5.19 -11.52 28.70
CA PRO A 1435 5.13 -12.71 29.58
C PRO A 1435 5.94 -13.89 29.08
N LYS A 1436 5.83 -15.00 29.80
CA LYS A 1436 6.57 -16.22 29.47
C LYS A 1436 5.72 -17.11 28.58
N VAL A 1437 6.36 -17.79 27.64
CA VAL A 1437 5.66 -18.71 26.76
C VAL A 1437 5.94 -20.16 27.16
N ASN B 50 -6.80 10.75 26.28
CA ASN B 50 -5.51 10.72 25.61
C ASN B 50 -5.64 10.32 24.14
N ARG B 51 -4.52 9.91 23.54
CA ARG B 51 -4.51 9.52 22.13
C ARG B 51 -4.38 8.01 21.94
N ARG B 52 -4.60 7.23 22.99
CA ARG B 52 -4.63 5.79 22.85
C ARG B 52 -5.85 5.38 22.02
N PRO B 53 -5.67 4.57 20.98
CA PRO B 53 -6.79 4.20 20.13
C PRO B 53 -7.75 3.27 20.84
N LYS B 54 -8.98 3.25 20.34
CA LYS B 54 -10.03 2.47 20.98
C LYS B 54 -9.87 0.99 20.68
N GLU B 55 -9.93 0.17 21.70
CA GLU B 55 -9.71 -1.26 21.60
C GLU B 55 -11.06 -1.97 21.74
N ASP B 56 -11.68 -2.29 20.61
CA ASP B 56 -13.04 -2.79 20.57
C ASP B 56 -13.21 -3.99 19.64
N ALA B 57 -12.10 -4.61 19.22
CA ALA B 57 -11.97 -5.81 18.39
C ALA B 57 -12.41 -5.62 16.94
N PHE B 58 -12.97 -4.48 16.57
CA PHE B 58 -13.07 -4.13 15.17
C PHE B 58 -11.84 -3.34 14.73
N THR B 59 -11.50 -2.29 15.47
CA THR B 59 -10.33 -1.49 15.17
C THR B 59 -9.04 -2.25 15.42
N GLN B 60 -9.08 -3.31 16.21
CA GLN B 60 -7.91 -4.14 16.46
C GLN B 60 -7.87 -5.35 15.55
N GLN B 61 -8.80 -5.45 14.61
CA GLN B 61 -8.88 -6.51 13.60
C GLN B 61 -8.96 -7.90 14.23
N ARG B 62 -9.78 -8.02 15.26
CA ARG B 62 -9.93 -9.26 16.01
C ARG B 62 -11.38 -9.73 16.00
N LEU B 63 -12.01 -9.65 14.84
CA LEU B 63 -13.35 -10.17 14.69
C LEU B 63 -13.33 -11.69 14.71
N ALA B 64 -14.45 -12.28 15.13
CA ALA B 64 -14.54 -13.73 15.21
C ALA B 64 -14.60 -14.35 13.82
N ALA B 65 -13.88 -15.44 13.63
CA ALA B 65 -13.71 -15.99 12.29
C ALA B 65 -13.55 -17.49 12.36
N ILE B 66 -13.41 -18.10 11.18
CA ILE B 66 -13.37 -19.54 11.03
C ILE B 66 -12.00 -20.04 10.63
N ASN B 67 -11.33 -19.36 9.68
CA ASN B 67 -10.08 -19.72 9.01
C ASN B 67 -10.16 -21.13 8.42
N PRO B 68 -10.87 -21.30 7.29
CA PRO B 68 -11.01 -22.66 6.73
C PRO B 68 -9.71 -23.15 6.10
N VAL B 69 -9.32 -24.37 6.45
CA VAL B 69 -8.16 -25.02 5.89
C VAL B 69 -8.63 -26.22 5.07
N LEU B 70 -8.25 -26.26 3.80
CA LEU B 70 -8.74 -27.27 2.87
C LEU B 70 -7.91 -28.55 3.02
N THR B 71 -8.33 -29.36 3.91
CA THR B 71 -7.76 -30.68 4.03
C THR B 71 -8.58 -31.67 3.20
N PRO B 72 -8.00 -32.77 2.71
CA PRO B 72 -8.80 -33.71 1.91
C PRO B 72 -9.83 -34.51 2.70
N ARG B 73 -9.86 -34.42 4.03
CA ARG B 73 -10.94 -35.02 4.79
C ARG B 73 -12.21 -34.19 4.77
N THR B 74 -12.12 -32.94 4.33
CA THR B 74 -13.28 -32.07 4.19
C THR B 74 -13.62 -31.72 2.76
N VAL B 75 -12.63 -31.69 1.86
CA VAL B 75 -12.86 -31.26 0.49
C VAL B 75 -13.35 -32.42 -0.37
N LEU B 76 -12.79 -33.59 -0.19
CA LEU B 76 -13.21 -34.77 -0.95
C LEU B 76 -14.62 -35.28 -0.62
N PRO B 77 -15.16 -35.13 0.60
CA PRO B 77 -16.61 -35.32 0.75
C PRO B 77 -17.44 -34.16 0.23
N LEU B 78 -16.86 -33.00 -0.04
CA LEU B 78 -17.62 -31.92 -0.63
C LEU B 78 -17.88 -32.19 -2.12
N TYR B 79 -16.97 -32.90 -2.78
CA TYR B 79 -17.20 -33.25 -4.18
C TYR B 79 -18.24 -34.34 -4.31
N LEU B 80 -18.17 -35.37 -3.45
CA LEU B 80 -19.11 -36.48 -3.54
C LEU B 80 -20.53 -36.08 -3.19
N LEU B 81 -20.69 -35.08 -2.33
CA LEU B 81 -22.04 -34.58 -2.06
C LEU B 81 -22.61 -33.82 -3.24
N ILE B 82 -21.80 -32.94 -3.84
CA ILE B 82 -22.21 -32.18 -5.02
C ILE B 82 -22.42 -33.11 -6.22
N ALA B 83 -21.62 -34.17 -6.33
CA ALA B 83 -21.77 -35.08 -7.47
C ALA B 83 -23.02 -35.95 -7.34
N VAL B 84 -23.34 -36.39 -6.12
CA VAL B 84 -24.54 -37.20 -5.92
C VAL B 84 -25.80 -36.37 -6.08
N VAL B 85 -25.77 -35.11 -5.64
CA VAL B 85 -26.90 -34.21 -5.82
C VAL B 85 -27.16 -33.95 -7.31
N PHE B 86 -26.10 -33.65 -8.07
CA PHE B 86 -26.31 -33.26 -9.45
C PHE B 86 -26.54 -34.42 -10.41
N VAL B 87 -26.33 -35.67 -10.00
CA VAL B 87 -26.78 -36.78 -10.84
C VAL B 87 -28.17 -37.27 -10.45
N ILE B 88 -28.67 -36.95 -9.26
CA ILE B 88 -30.06 -37.22 -8.95
C ILE B 88 -30.95 -36.15 -9.57
N VAL B 89 -30.48 -34.90 -9.58
CA VAL B 89 -31.26 -33.81 -10.17
C VAL B 89 -31.33 -33.98 -11.69
N GLY B 90 -30.19 -34.23 -12.34
CA GLY B 90 -30.19 -34.38 -13.77
C GLY B 90 -30.81 -35.68 -14.25
N GLY B 91 -30.82 -36.70 -13.40
CA GLY B 91 -31.56 -37.91 -13.73
C GLY B 91 -33.06 -37.69 -13.68
N CYS B 92 -33.52 -36.81 -12.79
CA CYS B 92 -34.95 -36.50 -12.72
C CYS B 92 -35.35 -35.45 -13.73
N ILE B 93 -34.41 -34.62 -14.21
CA ILE B 93 -34.74 -33.66 -15.25
C ILE B 93 -34.94 -34.35 -16.58
N LEU B 94 -34.02 -35.26 -16.94
CA LEU B 94 -34.15 -36.00 -18.20
C LEU B 94 -35.35 -36.93 -18.23
N ALA B 95 -35.80 -37.39 -17.07
CA ALA B 95 -37.00 -38.22 -17.03
C ALA B 95 -38.25 -37.37 -17.32
N GLN B 96 -38.30 -36.15 -16.79
CA GLN B 96 -39.44 -35.29 -17.02
C GLN B 96 -39.36 -34.54 -18.33
N ASN B 97 -38.16 -34.36 -18.87
CA ASN B 97 -37.98 -33.70 -20.15
C ASN B 97 -38.32 -34.61 -21.31
N SER B 98 -38.06 -35.91 -21.17
CA SER B 98 -38.31 -36.85 -22.25
C SER B 98 -39.80 -37.07 -22.48
N LYS B 99 -40.63 -36.74 -21.51
CA LYS B 99 -42.08 -36.90 -21.59
C LYS B 99 -42.76 -35.66 -22.15
N VAL B 100 -42.01 -34.76 -22.79
CA VAL B 100 -42.55 -33.53 -23.35
C VAL B 100 -42.76 -33.77 -24.83
N ASP B 101 -44.01 -33.72 -25.27
CA ASP B 101 -44.36 -33.93 -26.66
C ASP B 101 -44.47 -32.58 -27.36
N GLU B 102 -44.19 -32.59 -28.67
CA GLU B 102 -44.17 -31.33 -29.40
C GLU B 102 -44.43 -31.62 -30.88
N VAL B 103 -44.95 -30.60 -31.57
CA VAL B 103 -45.27 -30.66 -33.00
C VAL B 103 -44.73 -29.39 -33.63
N THR B 104 -43.77 -29.53 -34.54
CA THR B 104 -43.16 -28.38 -35.20
C THR B 104 -43.35 -28.56 -36.70
N ILE B 105 -44.11 -27.68 -37.33
CA ILE B 105 -44.38 -27.74 -38.76
C ILE B 105 -44.05 -26.37 -39.36
N TYR B 106 -43.07 -26.33 -40.24
CA TYR B 106 -42.72 -25.10 -40.96
C TYR B 106 -43.52 -25.03 -42.25
N TYR B 107 -44.20 -23.90 -42.46
CA TYR B 107 -45.14 -23.77 -43.57
C TYR B 107 -44.79 -22.63 -44.51
N GLN B 108 -43.56 -22.16 -44.51
CA GLN B 108 -43.20 -20.98 -45.30
C GLN B 108 -43.19 -21.24 -46.79
N ASP B 109 -43.16 -22.51 -47.22
CA ASP B 109 -43.14 -22.88 -48.62
C ASP B 109 -44.49 -23.39 -49.11
N CYS B 110 -45.57 -22.96 -48.46
CA CYS B 110 -46.88 -23.55 -48.74
C CYS B 110 -47.53 -23.00 -50.00
N MET B 111 -47.15 -21.79 -50.44
CA MET B 111 -47.71 -21.27 -51.67
C MET B 111 -47.16 -21.98 -52.89
N THR B 112 -45.91 -22.41 -52.83
CA THR B 112 -45.21 -22.94 -53.99
C THR B 112 -45.06 -24.46 -53.95
N ASN B 113 -44.65 -25.02 -52.82
CA ASN B 113 -44.47 -26.46 -52.72
C ASN B 113 -45.72 -27.20 -52.30
N ALA B 114 -46.88 -26.55 -52.34
CA ALA B 114 -48.12 -27.25 -52.04
C ALA B 114 -49.17 -26.83 -53.05
N THR B 115 -50.01 -27.78 -53.44
CA THR B 115 -51.02 -27.60 -54.47
C THR B 115 -52.41 -27.58 -53.83
N SER B 116 -53.43 -27.55 -54.68
CA SER B 116 -54.82 -27.49 -54.23
C SER B 116 -55.37 -28.85 -53.81
N SER B 117 -54.53 -29.87 -53.70
CA SER B 117 -54.90 -31.19 -53.24
C SER B 117 -54.08 -31.53 -52.00
N TRP B 118 -54.49 -32.59 -51.30
CA TRP B 118 -53.80 -32.97 -50.07
C TRP B 118 -52.58 -33.81 -50.42
N SER B 119 -51.40 -33.19 -50.36
CA SER B 119 -50.12 -33.86 -50.50
C SER B 119 -49.36 -33.81 -49.19
N ASP B 120 -48.40 -34.72 -49.03
CA ASP B 120 -47.61 -34.77 -47.82
C ASP B 120 -46.65 -33.59 -47.74
N ILE B 121 -46.35 -33.19 -46.51
CA ILE B 121 -45.25 -32.23 -46.30
C ILE B 121 -43.93 -32.97 -46.39
N PRO B 122 -42.95 -32.46 -47.14
CA PRO B 122 -41.60 -33.05 -47.09
C PRO B 122 -41.02 -33.01 -45.70
N SER B 123 -40.18 -34.00 -45.38
CA SER B 123 -39.66 -34.17 -44.04
C SER B 123 -38.68 -33.07 -43.63
N GLU B 124 -38.29 -32.19 -44.56
CA GLU B 124 -37.47 -31.02 -44.24
C GLU B 124 -38.20 -30.06 -43.32
N HIS B 125 -39.54 -30.01 -43.39
CA HIS B 125 -40.30 -28.96 -42.74
C HIS B 125 -40.89 -29.36 -41.39
N TRP B 126 -41.18 -30.64 -41.16
CA TRP B 126 -41.91 -31.05 -39.98
C TRP B 126 -41.07 -31.95 -39.09
N GLN B 127 -41.33 -31.85 -37.78
CA GLN B 127 -40.70 -32.67 -36.75
C GLN B 127 -41.76 -33.04 -35.73
N PHE B 128 -41.88 -34.33 -35.42
CA PHE B 128 -42.73 -34.77 -34.32
C PHE B 128 -41.88 -35.43 -33.25
N VAL B 129 -42.19 -35.13 -31.99
CA VAL B 129 -41.62 -35.84 -30.86
C VAL B 129 -42.76 -36.36 -30.01
N PHE B 130 -42.84 -37.68 -29.88
CA PHE B 130 -43.81 -38.32 -29.00
C PHE B 130 -43.07 -39.44 -28.28
N HIS B 131 -43.10 -39.42 -26.94
CA HIS B 131 -42.26 -40.36 -26.21
C HIS B 131 -42.83 -41.77 -26.20
N LYS B 132 -44.15 -41.91 -26.34
CA LYS B 132 -44.73 -43.25 -26.43
C LYS B 132 -44.71 -43.81 -27.84
N TYR B 133 -44.45 -42.97 -28.85
CA TYR B 133 -44.34 -43.41 -30.24
C TYR B 133 -43.06 -42.77 -30.80
N LYS B 134 -41.93 -43.44 -30.59
CA LYS B 134 -40.64 -42.87 -30.99
C LYS B 134 -40.30 -43.15 -32.44
N THR B 135 -41.05 -44.03 -33.12
CA THR B 135 -40.83 -44.35 -34.52
C THR B 135 -41.95 -43.79 -35.38
N TYR B 136 -42.45 -42.61 -35.01
CA TYR B 136 -43.64 -42.03 -35.63
C TYR B 136 -43.23 -41.23 -36.85
N ASN B 137 -43.78 -41.59 -38.02
CA ASN B 137 -43.38 -40.93 -39.26
C ASN B 137 -44.54 -40.68 -40.22
N THR B 138 -45.79 -40.75 -39.77
CA THR B 138 -46.92 -40.44 -40.63
C THR B 138 -46.95 -38.93 -40.86
N ALA B 139 -46.54 -38.53 -42.07
CA ALA B 139 -46.28 -37.13 -42.35
C ALA B 139 -47.58 -36.33 -42.38
N PRO B 140 -47.56 -35.08 -41.91
CA PRO B 140 -48.74 -34.23 -42.07
C PRO B 140 -48.95 -33.84 -43.52
N GLN B 141 -50.20 -33.63 -43.87
CA GLN B 141 -50.57 -33.19 -45.20
C GLN B 141 -50.84 -31.70 -45.19
N TRP B 142 -50.84 -31.10 -46.38
CA TRP B 142 -50.95 -29.66 -46.48
C TRP B 142 -51.52 -29.30 -47.84
N ARG B 143 -52.25 -28.19 -47.88
CA ARG B 143 -53.06 -27.83 -49.04
C ARG B 143 -53.09 -26.31 -49.11
N PHE B 144 -53.09 -25.77 -50.33
CA PHE B 144 -53.06 -24.33 -50.50
C PHE B 144 -54.30 -23.86 -51.25
N VAL B 145 -54.97 -22.86 -50.68
CA VAL B 145 -56.12 -22.21 -51.27
C VAL B 145 -55.67 -20.83 -51.68
N ASP B 146 -55.85 -20.48 -52.96
CA ASP B 146 -55.07 -19.39 -53.54
C ASP B 146 -55.58 -18.02 -53.11
N ASP B 147 -56.90 -17.81 -53.10
CA ASP B 147 -57.56 -16.54 -52.75
C ASP B 147 -57.07 -15.39 -53.64
N GLU B 148 -57.45 -15.48 -54.92
CA GLU B 148 -57.00 -14.54 -55.95
C GLU B 148 -57.52 -13.11 -55.74
N SER B 149 -58.49 -12.89 -54.87
CA SER B 149 -58.99 -11.55 -54.62
C SER B 149 -58.15 -10.78 -53.59
N ASP B 150 -56.97 -11.28 -53.23
CA ASP B 150 -56.14 -10.61 -52.23
C ASP B 150 -55.20 -9.60 -52.89
N ASP B 151 -54.61 -9.97 -54.03
CA ASP B 151 -53.82 -9.09 -54.90
C ASP B 151 -52.55 -8.59 -54.20
N PHE B 152 -51.95 -9.42 -53.36
CA PHE B 152 -50.66 -9.14 -52.74
C PHE B 152 -49.53 -9.95 -53.36
N THR B 153 -49.79 -11.23 -53.67
CA THR B 153 -48.99 -12.12 -54.53
C THR B 153 -47.60 -12.45 -54.01
N LYS B 154 -47.21 -11.89 -52.86
CA LYS B 154 -45.97 -12.27 -52.21
C LYS B 154 -46.25 -13.29 -51.12
N GLN B 155 -47.34 -13.10 -50.39
CA GLN B 155 -47.79 -14.07 -49.39
C GLN B 155 -49.30 -13.86 -49.25
N ARG B 156 -50.09 -14.74 -49.87
CA ARG B 156 -51.53 -14.61 -49.81
C ARG B 156 -52.18 -15.99 -49.76
N GLY B 157 -53.46 -16.01 -49.46
CA GLY B 157 -54.20 -17.25 -49.48
C GLY B 157 -54.35 -17.92 -48.13
N THR B 158 -54.45 -19.24 -48.12
CA THR B 158 -54.62 -20.00 -46.89
C THR B 158 -53.86 -21.30 -47.02
N CYS B 159 -53.06 -21.62 -46.02
CA CYS B 159 -52.35 -22.89 -45.95
C CYS B 159 -53.08 -23.76 -44.93
N GLN B 160 -53.53 -24.92 -45.37
CA GLN B 160 -54.34 -25.81 -44.54
C GLN B 160 -53.49 -27.00 -44.15
N ILE B 161 -53.12 -27.09 -42.89
CA ILE B 161 -52.18 -28.11 -42.42
C ILE B 161 -52.96 -29.17 -41.63
N ARG B 162 -52.87 -30.42 -42.06
CA ARG B 162 -53.53 -31.54 -41.38
C ARG B 162 -52.47 -32.44 -40.76
N PHE B 163 -52.19 -32.23 -39.49
CA PHE B 163 -51.27 -33.06 -38.72
C PHE B 163 -52.05 -34.12 -37.96
N THR B 164 -51.34 -35.14 -37.48
CA THR B 164 -51.94 -36.23 -36.72
C THR B 164 -51.13 -36.43 -35.44
N THR B 165 -51.81 -36.48 -34.30
CA THR B 165 -51.15 -36.68 -33.02
C THR B 165 -51.52 -38.04 -32.46
N PRO B 166 -50.55 -38.93 -32.21
CA PRO B 166 -50.89 -40.25 -31.70
C PRO B 166 -51.21 -40.29 -30.22
N SER B 167 -50.73 -39.34 -29.45
CA SER B 167 -51.00 -39.25 -28.03
C SER B 167 -51.61 -37.89 -27.71
N ASP B 168 -52.30 -37.82 -26.59
CA ASP B 168 -53.03 -36.62 -26.21
C ASP B 168 -52.17 -35.68 -25.37
N MET B 169 -52.20 -34.40 -25.72
CA MET B 169 -51.57 -33.37 -24.92
C MET B 169 -52.49 -32.99 -23.78
N LYS B 170 -51.90 -32.64 -22.64
CA LYS B 170 -52.67 -32.45 -21.42
C LYS B 170 -53.40 -31.11 -21.42
N ASN B 171 -53.84 -30.72 -20.21
CA ASN B 171 -54.88 -29.71 -20.01
C ASN B 171 -54.50 -28.35 -20.62
N ASN B 172 -53.26 -27.93 -20.43
CA ASN B 172 -52.85 -26.63 -20.94
C ASN B 172 -52.09 -26.83 -22.25
N VAL B 173 -52.66 -26.35 -23.35
CA VAL B 173 -52.12 -26.56 -24.69
C VAL B 173 -51.71 -25.22 -25.26
N TYR B 174 -50.46 -25.12 -25.68
CA TYR B 174 -49.86 -23.89 -26.17
C TYR B 174 -49.65 -24.00 -27.67
N LEU B 175 -50.19 -23.06 -28.43
CA LEU B 175 -49.95 -22.99 -29.86
C LEU B 175 -49.09 -21.77 -30.12
N ASN B 176 -47.81 -22.02 -30.34
CA ASN B 176 -46.80 -21.00 -30.60
C ASN B 176 -46.60 -20.88 -32.10
N TYR B 177 -46.05 -19.75 -32.52
CA TYR B 177 -45.52 -19.65 -33.88
C TYR B 177 -44.02 -19.42 -33.79
N VAL B 178 -43.27 -20.10 -34.64
CA VAL B 178 -41.82 -19.99 -34.66
C VAL B 178 -41.42 -19.22 -35.91
N LEU B 179 -40.37 -18.42 -35.77
CA LEU B 179 -39.81 -17.66 -36.88
C LEU B 179 -38.31 -17.88 -36.86
N GLU B 180 -37.73 -18.23 -37.99
CA GLU B 180 -36.28 -18.35 -38.08
C GLU B 180 -35.75 -17.39 -39.11
N LYS B 181 -34.51 -16.95 -38.89
CA LYS B 181 -33.74 -16.00 -39.71
C LYS B 181 -34.37 -14.61 -39.78
N PHE B 182 -35.40 -14.33 -38.98
CA PHE B 182 -35.91 -12.98 -38.80
C PHE B 182 -35.19 -12.39 -37.59
N ALA B 183 -34.42 -11.33 -37.83
CA ALA B 183 -33.56 -10.76 -36.79
C ALA B 183 -34.31 -9.63 -36.10
N ALA B 184 -34.85 -9.92 -34.93
CA ALA B 184 -35.53 -8.93 -34.12
C ALA B 184 -34.64 -8.38 -33.01
N ASN B 185 -33.33 -8.43 -33.20
CA ASN B 185 -32.43 -8.02 -32.13
C ASN B 185 -31.31 -7.11 -32.60
N HIS B 186 -31.54 -6.31 -33.64
CA HIS B 186 -30.55 -5.29 -33.95
C HIS B 186 -30.80 -4.05 -33.11
N ARG B 187 -29.78 -3.22 -32.98
CA ARG B 187 -29.84 -2.15 -32.00
C ARG B 187 -30.71 -0.99 -32.42
N ARG B 188 -31.05 -0.87 -33.68
CA ARG B 188 -32.02 0.13 -34.09
C ARG B 188 -33.44 -0.40 -34.00
N TYR B 189 -33.62 -1.70 -34.24
CA TYR B 189 -34.94 -2.30 -34.19
C TYR B 189 -35.49 -2.30 -32.77
N VAL B 190 -34.71 -2.78 -31.80
CA VAL B 190 -35.22 -3.03 -30.45
C VAL B 190 -35.48 -1.78 -29.64
N LEU B 191 -35.06 -0.62 -30.12
CA LEU B 191 -35.31 0.64 -29.46
C LEU B 191 -36.41 1.45 -30.13
N SER B 192 -36.95 0.97 -31.24
CA SER B 192 -37.91 1.74 -32.03
C SER B 192 -39.32 1.40 -31.59
N PHE B 193 -39.77 2.07 -30.54
CA PHE B 193 -41.17 2.15 -30.15
C PHE B 193 -41.31 3.36 -29.23
N SER B 194 -42.54 3.66 -28.85
CA SER B 194 -42.83 4.79 -27.98
C SER B 194 -43.37 4.28 -26.66
N GLU B 195 -42.68 4.63 -25.58
CA GLU B 195 -43.11 4.18 -24.25
C GLU B 195 -44.35 4.92 -23.78
N ASP B 196 -44.55 6.17 -24.25
CA ASP B 196 -45.73 6.93 -23.88
C ASP B 196 -46.99 6.32 -24.47
N GLN B 197 -46.92 5.90 -25.73
CA GLN B 197 -48.06 5.29 -26.40
C GLN B 197 -48.34 3.87 -25.93
N ILE B 198 -47.37 3.19 -25.33
CA ILE B 198 -47.65 1.90 -24.71
C ILE B 198 -48.51 2.09 -23.47
N ARG B 199 -48.24 3.13 -22.70
CA ARG B 199 -48.99 3.42 -21.49
C ARG B 199 -50.29 4.17 -21.74
N GLY B 200 -50.73 4.25 -23.00
CA GLY B 200 -52.04 4.78 -23.31
C GLY B 200 -52.12 6.28 -23.27
N GLU B 201 -51.10 6.97 -23.77
CA GLU B 201 -51.03 8.42 -23.71
C GLU B 201 -51.02 8.99 -25.11
N ASP B 202 -51.78 10.06 -25.32
CA ASP B 202 -51.77 10.78 -26.59
C ASP B 202 -50.50 11.63 -26.68
N ALA B 203 -49.42 10.95 -27.02
CA ALA B 203 -48.11 11.60 -27.08
C ALA B 203 -48.00 12.46 -28.33
N SER B 204 -47.18 13.50 -28.24
CA SER B 204 -46.99 14.42 -29.34
C SER B 204 -45.95 13.87 -30.31
N TYR B 205 -45.61 14.66 -31.33
CA TYR B 205 -44.55 14.26 -32.25
C TYR B 205 -43.18 14.36 -31.60
N GLU B 206 -42.96 15.36 -30.75
CA GLU B 206 -41.66 15.51 -30.12
C GLU B 206 -41.48 14.62 -28.89
N THR B 207 -42.44 13.74 -28.59
CA THR B 207 -42.25 12.74 -27.55
C THR B 207 -42.29 11.32 -28.08
N VAL B 208 -42.57 11.12 -29.37
CA VAL B 208 -42.40 9.82 -30.00
C VAL B 208 -41.18 9.77 -30.90
N HIS B 209 -40.66 10.91 -31.32
CA HIS B 209 -39.53 10.99 -32.22
C HIS B 209 -38.28 11.57 -31.57
N ASP B 210 -38.43 12.42 -30.57
CA ASP B 210 -37.30 13.12 -29.97
C ASP B 210 -36.92 12.60 -28.60
N ALA B 211 -37.42 11.42 -28.20
CA ALA B 211 -37.06 10.84 -26.92
C ALA B 211 -35.59 10.41 -26.92
N THR B 212 -35.06 10.18 -25.71
CA THR B 212 -33.61 10.07 -25.57
C THR B 212 -33.07 8.73 -26.04
N GLY B 213 -33.56 7.62 -25.49
CA GLY B 213 -33.02 6.33 -25.87
C GLY B 213 -33.95 5.49 -26.72
N ILE B 214 -35.22 5.47 -26.35
CA ILE B 214 -36.24 4.66 -27.02
C ILE B 214 -37.23 5.60 -27.68
N ASN B 215 -37.29 5.56 -29.00
CA ASN B 215 -38.12 6.49 -29.76
C ASN B 215 -38.54 5.83 -31.07
N CYS B 216 -39.64 6.29 -31.64
CA CYS B 216 -40.09 5.85 -32.96
C CYS B 216 -39.35 6.65 -34.03
N LYS B 217 -38.06 6.39 -34.15
CA LYS B 217 -37.24 7.28 -34.97
C LYS B 217 -37.41 7.07 -36.48
N PRO B 218 -37.38 5.87 -37.06
CA PRO B 218 -37.64 5.79 -38.51
C PRO B 218 -39.10 5.91 -38.89
N LEU B 219 -40.03 5.61 -37.98
CA LEU B 219 -41.47 5.58 -38.27
C LEU B 219 -42.20 6.40 -37.22
N SER B 220 -42.32 7.71 -37.45
CA SER B 220 -43.01 8.60 -36.53
C SER B 220 -44.32 9.11 -37.10
N LYS B 221 -44.30 9.70 -38.30
CA LYS B 221 -45.51 10.26 -38.90
C LYS B 221 -45.43 10.07 -40.41
N ASN B 222 -46.59 10.06 -41.05
CA ASN B 222 -46.71 9.82 -42.48
C ASN B 222 -46.56 11.14 -43.25
N ALA B 223 -46.98 11.16 -44.51
CA ALA B 223 -46.72 12.30 -45.38
C ALA B 223 -47.52 13.54 -44.97
N ASP B 224 -48.82 13.38 -44.72
CA ASP B 224 -49.62 14.54 -44.32
C ASP B 224 -49.39 14.93 -42.87
N GLY B 225 -48.97 14.00 -42.01
CA GLY B 225 -48.56 14.36 -40.68
C GLY B 225 -49.23 13.63 -39.54
N LYS B 226 -50.13 12.71 -39.86
CA LYS B 226 -50.83 11.92 -38.84
C LYS B 226 -49.87 10.89 -38.26
N ILE B 227 -49.51 11.03 -36.99
CA ILE B 227 -48.46 10.20 -36.42
C ILE B 227 -48.94 8.78 -36.25
N TYR B 228 -48.03 7.82 -36.44
CA TYR B 228 -48.42 6.42 -36.38
C TYR B 228 -48.68 6.04 -34.93
N TYR B 229 -49.83 5.39 -34.66
CA TYR B 229 -50.05 5.14 -33.24
C TYR B 229 -49.22 3.97 -32.73
N PRO B 230 -49.28 2.72 -33.23
CA PRO B 230 -48.21 1.81 -32.80
C PRO B 230 -47.01 2.05 -33.69
N CYS B 231 -46.02 2.79 -33.22
CA CYS B 231 -44.99 3.29 -34.10
C CYS B 231 -43.67 2.56 -33.88
N GLY B 232 -42.68 2.92 -34.68
CA GLY B 232 -41.40 2.25 -34.66
C GLY B 232 -41.42 0.97 -35.47
N LEU B 233 -40.23 0.36 -35.57
CA LEU B 233 -40.10 -0.83 -36.38
C LEU B 233 -40.69 -2.06 -35.73
N ILE B 234 -40.80 -2.08 -34.40
CA ILE B 234 -41.30 -3.27 -33.71
C ILE B 234 -42.78 -3.45 -33.98
N ALA B 235 -43.57 -2.39 -33.76
CA ALA B 235 -45.00 -2.51 -33.94
C ALA B 235 -45.39 -2.56 -35.41
N ASN B 236 -44.59 -1.96 -36.29
CA ASN B 236 -44.89 -1.98 -37.71
C ASN B 236 -44.81 -3.38 -38.29
N SER B 237 -43.79 -4.12 -37.90
CA SER B 237 -43.52 -5.42 -38.49
C SER B 237 -44.14 -6.53 -37.68
N MET B 238 -45.32 -6.29 -37.11
CA MET B 238 -46.01 -7.29 -36.34
C MET B 238 -46.42 -8.47 -37.20
N PHE B 239 -46.25 -9.67 -36.66
CA PHE B 239 -46.58 -10.92 -37.33
C PHE B 239 -48.06 -10.97 -37.69
N ASN B 240 -48.32 -11.26 -38.96
CA ASN B 240 -49.61 -11.04 -39.61
C ASN B 240 -50.53 -12.25 -39.64
N ASP B 241 -49.97 -13.47 -39.64
CA ASP B 241 -50.69 -14.65 -40.11
C ASP B 241 -51.87 -14.98 -39.22
N THR B 242 -53.05 -15.03 -39.83
CA THR B 242 -54.29 -15.27 -39.10
C THR B 242 -54.34 -16.73 -38.68
N PHE B 243 -54.16 -17.00 -37.42
CA PHE B 243 -54.35 -18.38 -37.02
C PHE B 243 -55.78 -18.58 -36.57
N PRO B 244 -56.35 -19.78 -36.67
CA PRO B 244 -57.75 -19.96 -36.30
C PRO B 244 -57.95 -19.95 -34.79
N LEU B 245 -59.23 -19.80 -34.40
CA LEU B 245 -59.63 -19.92 -33.01
C LEU B 245 -60.11 -21.31 -32.66
N GLN B 246 -59.80 -22.29 -33.50
CA GLN B 246 -60.09 -23.68 -33.19
C GLN B 246 -59.13 -24.57 -33.96
N LEU B 247 -59.11 -25.83 -33.60
CA LEU B 247 -58.49 -26.87 -34.42
C LEU B 247 -59.62 -27.74 -34.95
N THR B 248 -59.78 -27.75 -36.26
CA THR B 248 -60.85 -28.51 -36.89
C THR B 248 -60.54 -30.00 -36.81
N ASN B 249 -61.35 -30.74 -36.04
CA ASN B 249 -61.20 -32.18 -35.92
C ASN B 249 -61.63 -32.82 -37.23
N VAL B 250 -60.65 -33.21 -38.06
CA VAL B 250 -60.95 -33.82 -39.33
C VAL B 250 -61.50 -35.23 -39.09
N GLY B 251 -62.70 -35.48 -39.62
CA GLY B 251 -63.38 -36.73 -39.37
C GLY B 251 -64.45 -36.69 -38.31
N ASP B 252 -64.77 -35.51 -37.79
CA ASP B 252 -65.81 -35.38 -36.77
C ASP B 252 -66.38 -33.97 -36.85
N THR B 253 -67.58 -33.81 -36.31
CA THR B 253 -68.30 -32.56 -36.33
C THR B 253 -68.74 -32.26 -34.90
N SER B 254 -68.69 -30.97 -34.54
CA SER B 254 -68.97 -30.46 -33.18
C SER B 254 -68.05 -31.07 -32.13
N ASN B 255 -66.83 -31.42 -32.54
CA ASN B 255 -65.77 -31.84 -31.64
C ASN B 255 -64.49 -31.09 -31.98
N ASN B 256 -64.65 -29.85 -32.43
CA ASN B 256 -63.51 -29.03 -32.79
C ASN B 256 -62.84 -28.52 -31.53
N TYR B 257 -61.52 -28.68 -31.45
CA TYR B 257 -60.77 -28.28 -30.27
C TYR B 257 -60.63 -26.76 -30.28
N SER B 258 -61.31 -26.10 -29.36
CA SER B 258 -61.36 -24.64 -29.36
C SER B 258 -60.06 -24.06 -28.81
N LEU B 259 -59.66 -22.93 -29.39
CA LEU B 259 -58.49 -22.20 -28.96
C LEU B 259 -58.91 -20.76 -28.69
N THR B 260 -58.06 -20.00 -28.00
CA THR B 260 -58.42 -18.62 -27.72
C THR B 260 -57.18 -17.75 -27.74
N ASN B 261 -57.40 -16.46 -28.00
CA ASN B 261 -56.36 -15.45 -27.97
C ASN B 261 -56.36 -14.65 -26.67
N LYS B 262 -56.88 -15.24 -25.59
CA LYS B 262 -56.92 -14.61 -24.27
C LYS B 262 -56.19 -15.50 -23.29
N GLY B 263 -55.42 -14.87 -22.40
CA GLY B 263 -54.47 -15.64 -21.62
C GLY B 263 -53.21 -15.90 -22.41
N ILE B 264 -52.92 -15.04 -23.37
CA ILE B 264 -51.81 -15.23 -24.29
C ILE B 264 -50.56 -14.49 -23.83
N ASN B 265 -50.72 -13.41 -23.10
CA ASN B 265 -49.60 -12.77 -22.43
C ASN B 265 -49.83 -12.85 -20.92
N TRP B 266 -48.90 -12.27 -20.17
CA TRP B 266 -49.05 -12.15 -18.73
C TRP B 266 -50.23 -11.24 -18.40
N GLU B 267 -50.95 -11.59 -17.34
CA GLU B 267 -52.05 -10.74 -16.87
C GLU B 267 -51.53 -9.42 -16.33
N SER B 268 -50.30 -9.40 -15.83
CA SER B 268 -49.70 -8.19 -15.29
C SER B 268 -49.31 -7.18 -16.37
N ASP B 269 -49.31 -7.55 -17.65
CA ASP B 269 -49.02 -6.59 -18.70
C ASP B 269 -50.15 -5.63 -18.99
N LYS B 270 -51.33 -5.83 -18.40
CA LYS B 270 -52.42 -4.88 -18.59
C LYS B 270 -52.29 -3.66 -17.69
N LYS B 271 -51.36 -3.67 -16.73
CA LYS B 271 -51.03 -2.48 -15.97
C LYS B 271 -50.16 -1.51 -16.75
N ARG B 272 -49.50 -1.98 -17.80
CA ARG B 272 -48.63 -1.15 -18.62
C ARG B 272 -49.20 -0.86 -20.00
N TYR B 273 -49.68 -1.88 -20.69
CA TYR B 273 -50.37 -1.70 -21.96
C TYR B 273 -51.76 -1.19 -21.67
N LYS B 274 -51.99 0.11 -21.87
CA LYS B 274 -53.25 0.74 -21.54
C LYS B 274 -53.88 1.35 -22.78
N LYS B 275 -55.21 1.51 -22.73
CA LYS B 275 -55.97 2.00 -23.86
C LYS B 275 -55.59 3.43 -24.20
N THR B 276 -55.50 3.71 -25.50
CA THR B 276 -54.98 4.98 -25.96
C THR B 276 -55.98 6.11 -25.78
N LYS B 277 -55.47 7.34 -25.80
CA LYS B 277 -56.29 8.52 -25.64
C LYS B 277 -56.21 9.46 -26.84
N TYR B 278 -55.64 9.00 -27.95
CA TYR B 278 -55.71 9.73 -29.20
C TYR B 278 -57.11 9.68 -29.78
N ASN B 279 -57.47 10.71 -30.55
CA ASN B 279 -58.64 10.65 -31.39
C ASN B 279 -58.30 9.96 -32.70
N TYR B 280 -59.31 9.77 -33.54
CA TYR B 280 -59.06 9.22 -34.87
C TYR B 280 -58.34 10.22 -35.77
N THR B 281 -58.47 11.51 -35.48
CA THR B 281 -57.85 12.52 -36.32
C THR B 281 -56.34 12.54 -36.13
N GLN B 282 -55.88 12.24 -34.92
CA GLN B 282 -54.49 12.49 -34.57
C GLN B 282 -53.56 11.40 -35.11
N ILE B 283 -54.09 10.19 -35.34
CA ILE B 283 -53.26 9.03 -35.61
C ILE B 283 -53.64 8.36 -36.93
N ALA B 284 -52.67 7.62 -37.45
CA ALA B 284 -52.74 6.84 -38.67
C ALA B 284 -52.20 5.45 -38.39
N PRO B 285 -52.61 4.44 -39.15
CA PRO B 285 -52.04 3.10 -38.98
C PRO B 285 -50.61 3.06 -39.47
N PRO B 286 -49.79 2.12 -38.98
CA PRO B 286 -48.40 1.98 -39.44
C PRO B 286 -48.32 1.66 -40.91
N PRO B 287 -47.20 1.98 -41.59
CA PRO B 287 -47.17 1.87 -43.05
C PRO B 287 -47.22 0.44 -43.58
N TYR B 288 -47.00 -0.58 -42.75
CA TYR B 288 -47.27 -1.94 -43.17
C TYR B 288 -48.54 -2.49 -42.52
N TRP B 289 -49.25 -1.71 -41.72
CA TRP B 289 -50.59 -2.07 -41.31
C TRP B 289 -51.65 -1.49 -42.23
N GLU B 290 -51.25 -0.87 -43.33
CA GLU B 290 -52.17 -0.13 -44.18
C GLU B 290 -53.02 -1.02 -45.06
N LYS B 291 -52.95 -2.35 -44.90
CA LYS B 291 -53.85 -3.25 -45.58
C LYS B 291 -54.92 -3.81 -44.66
N MET B 292 -54.63 -3.94 -43.37
CA MET B 292 -55.67 -4.28 -42.40
C MET B 292 -56.60 -3.10 -42.16
N TYR B 293 -56.08 -1.89 -42.26
CA TYR B 293 -56.84 -0.65 -42.10
C TYR B 293 -56.73 0.11 -43.42
N PRO B 294 -57.59 -0.18 -44.40
CA PRO B 294 -57.46 0.50 -45.69
C PRO B 294 -57.88 1.96 -45.65
N ASP B 295 -58.85 2.31 -44.82
CA ASP B 295 -59.35 3.67 -44.71
C ASP B 295 -58.68 4.47 -43.61
N GLY B 296 -57.72 3.88 -42.90
CA GLY B 296 -57.13 4.54 -41.75
C GLY B 296 -57.91 4.25 -40.49
N TYR B 297 -57.83 5.14 -39.52
CA TYR B 297 -58.49 4.97 -38.23
C TYR B 297 -59.81 5.73 -38.20
N ASN B 298 -60.90 5.00 -38.00
CA ASN B 298 -62.21 5.60 -37.76
C ASN B 298 -62.34 5.92 -36.28
N GLU B 299 -63.53 6.37 -35.88
CA GLU B 299 -63.83 6.54 -34.47
C GLU B 299 -64.26 5.25 -33.80
N THR B 300 -64.17 4.11 -34.49
CA THR B 300 -64.55 2.82 -33.92
C THR B 300 -63.47 1.75 -34.01
N ASN B 301 -62.48 1.87 -34.89
CA ASN B 301 -61.54 0.78 -35.14
C ASN B 301 -60.15 1.00 -34.56
N ILE B 302 -59.96 2.01 -33.71
CA ILE B 302 -58.66 2.24 -33.08
C ILE B 302 -58.41 1.10 -32.11
N PRO B 303 -57.33 0.34 -32.27
CA PRO B 303 -57.20 -0.92 -31.52
C PRO B 303 -56.84 -0.68 -30.06
N ASP B 304 -57.60 -1.29 -29.18
CA ASP B 304 -57.29 -1.31 -27.76
C ASP B 304 -56.13 -2.28 -27.54
N ILE B 305 -54.94 -1.75 -27.26
CA ILE B 305 -53.79 -2.62 -27.05
C ILE B 305 -53.74 -3.20 -25.65
N GLN B 306 -54.66 -2.80 -24.77
CA GLN B 306 -54.76 -3.42 -23.46
C GLN B 306 -55.33 -4.83 -23.56
N ASP B 307 -56.29 -5.04 -24.44
CA ASP B 307 -56.96 -6.32 -24.58
C ASP B 307 -56.45 -7.15 -25.75
N TRP B 308 -55.45 -6.66 -26.47
CA TRP B 308 -54.96 -7.30 -27.69
C TRP B 308 -53.57 -7.88 -27.40
N GLU B 309 -53.56 -9.11 -26.90
CA GLU B 309 -52.38 -9.71 -26.34
C GLU B 309 -51.40 -10.21 -27.39
N GLU B 310 -51.87 -10.42 -28.62
CA GLU B 310 -50.97 -10.80 -29.70
C GLU B 310 -50.05 -9.65 -30.09
N PHE B 311 -50.51 -8.41 -29.91
CA PHE B 311 -49.65 -7.25 -30.06
C PHE B 311 -48.65 -7.17 -28.92
N GLN B 312 -49.09 -7.53 -27.71
CA GLN B 312 -48.26 -7.38 -26.53
C GLN B 312 -47.12 -8.39 -26.52
N ASN B 313 -47.26 -9.52 -27.22
CA ASN B 313 -46.16 -10.45 -27.36
C ASN B 313 -45.15 -10.00 -28.39
N TRP B 314 -45.60 -9.33 -29.45
CA TRP B 314 -44.66 -8.90 -30.47
C TRP B 314 -43.83 -7.73 -30.01
N MET B 315 -44.37 -6.92 -29.09
CA MET B 315 -43.64 -5.78 -28.55
C MET B 315 -42.57 -6.19 -27.56
N ARG B 316 -42.51 -7.45 -27.20
CA ARG B 316 -41.41 -8.10 -26.50
C ARG B 316 -40.56 -8.83 -27.52
N PRO B 317 -39.50 -8.22 -28.04
CA PRO B 317 -38.75 -8.85 -29.14
C PRO B 317 -37.94 -10.04 -28.67
N GLY B 318 -37.69 -10.95 -29.60
CA GLY B 318 -36.90 -12.13 -29.28
C GLY B 318 -35.43 -11.78 -29.10
N ALA B 319 -34.79 -12.45 -28.15
CA ALA B 319 -33.40 -12.17 -27.86
C ALA B 319 -32.48 -12.72 -28.94
N PHE B 320 -32.84 -13.84 -29.54
CA PHE B 320 -31.95 -14.58 -30.41
C PHE B 320 -32.54 -14.68 -31.82
N ASP B 321 -31.90 -15.51 -32.66
CA ASP B 321 -32.31 -15.62 -34.05
C ASP B 321 -33.61 -16.38 -34.20
N LYS B 322 -33.84 -17.38 -33.36
CA LYS B 322 -35.12 -18.06 -33.30
C LYS B 322 -36.07 -17.31 -32.40
N ILE B 323 -37.31 -17.16 -32.85
CA ILE B 323 -38.36 -16.44 -32.13
C ILE B 323 -39.53 -17.39 -31.95
N THR B 324 -40.02 -17.50 -30.72
CA THR B 324 -41.18 -18.34 -30.43
C THR B 324 -42.13 -17.57 -29.53
N LYS B 325 -43.32 -17.28 -30.03
CA LYS B 325 -44.30 -16.48 -29.30
C LYS B 325 -45.63 -17.20 -29.27
N LEU B 326 -46.26 -17.19 -28.11
CA LEU B 326 -47.55 -17.83 -27.93
C LEU B 326 -48.64 -17.03 -28.61
N ILE B 327 -49.52 -17.72 -29.36
CA ILE B 327 -50.61 -17.05 -30.05
C ILE B 327 -51.96 -17.73 -29.86
N ARG B 328 -52.04 -19.00 -29.51
CA ARG B 328 -53.30 -19.61 -29.15
C ARG B 328 -53.09 -20.49 -27.92
N ILE B 329 -54.10 -20.56 -27.08
CA ILE B 329 -54.01 -21.32 -25.84
C ILE B 329 -55.37 -21.95 -25.58
N ASN B 330 -55.36 -23.12 -24.93
CA ASN B 330 -56.56 -23.68 -24.32
C ASN B 330 -56.17 -24.20 -22.95
N LYS B 331 -56.74 -23.60 -21.92
CA LYS B 331 -56.47 -23.98 -20.54
C LYS B 331 -57.50 -24.95 -19.99
N ASN B 332 -58.50 -25.32 -20.78
CA ASN B 332 -59.66 -26.03 -20.28
C ASN B 332 -59.67 -27.51 -20.59
N ASP B 333 -59.26 -27.92 -21.79
CA ASP B 333 -59.54 -29.26 -22.27
C ASP B 333 -58.27 -29.96 -22.73
N THR B 334 -58.25 -31.27 -22.54
CA THR B 334 -57.28 -32.13 -23.18
C THR B 334 -57.51 -32.14 -24.68
N LEU B 335 -56.42 -32.05 -25.45
CA LEU B 335 -56.43 -32.25 -26.90
C LEU B 335 -56.29 -33.74 -27.20
N PRO B 336 -57.36 -34.42 -27.62
CA PRO B 336 -57.30 -35.87 -27.78
C PRO B 336 -56.43 -36.27 -28.97
N ALA B 337 -56.11 -37.57 -29.02
CA ALA B 337 -55.26 -38.12 -30.07
C ALA B 337 -56.06 -38.21 -31.35
N GLY B 338 -55.84 -37.27 -32.27
CA GLY B 338 -56.57 -37.30 -33.52
C GLY B 338 -55.91 -36.43 -34.56
N GLU B 339 -56.50 -36.45 -35.75
CA GLU B 339 -56.04 -35.64 -36.88
C GLU B 339 -56.79 -34.32 -36.85
N TYR B 340 -56.06 -33.22 -36.71
CA TYR B 340 -56.65 -31.89 -36.62
C TYR B 340 -56.19 -31.05 -37.80
N GLN B 341 -56.81 -29.88 -37.96
CA GLN B 341 -56.52 -29.02 -39.10
C GLN B 341 -56.30 -27.59 -38.67
N LEU B 342 -55.16 -27.04 -39.07
CA LEU B 342 -54.83 -25.63 -38.92
C LEU B 342 -55.08 -24.91 -40.23
N ASP B 343 -55.73 -23.75 -40.15
CA ASP B 343 -56.04 -22.94 -41.33
C ASP B 343 -55.37 -21.57 -41.15
N ILE B 344 -54.18 -21.41 -41.71
CA ILE B 344 -53.39 -20.22 -41.50
C ILE B 344 -53.64 -19.28 -42.67
N GLY B 345 -54.17 -18.11 -42.39
CA GLY B 345 -54.25 -17.06 -43.39
C GLY B 345 -52.86 -16.51 -43.65
N LEU B 346 -52.35 -16.71 -44.85
CA LEU B 346 -50.97 -16.33 -45.15
C LEU B 346 -50.90 -14.86 -45.49
N HIS B 347 -50.21 -14.09 -44.66
CA HIS B 347 -49.99 -12.68 -44.95
C HIS B 347 -48.57 -12.21 -44.67
N TRP B 348 -47.72 -13.04 -44.07
CA TRP B 348 -46.43 -12.63 -43.53
C TRP B 348 -45.30 -13.13 -44.40
N PRO B 349 -44.59 -12.25 -45.13
CA PRO B 349 -43.53 -12.71 -46.04
C PRO B 349 -42.25 -13.06 -45.30
N VAL B 350 -41.69 -14.22 -45.63
CA VAL B 350 -40.40 -14.65 -45.10
C VAL B 350 -39.40 -15.02 -46.17
N LEU B 351 -39.81 -15.33 -47.39
CA LEU B 351 -38.90 -15.96 -48.36
C LEU B 351 -37.95 -14.98 -49.01
N GLU B 352 -38.15 -13.67 -48.85
CA GLU B 352 -37.18 -12.72 -49.37
C GLU B 352 -35.93 -12.63 -48.52
N PHE B 353 -35.93 -13.20 -47.31
CA PHE B 353 -34.71 -13.34 -46.53
C PHE B 353 -34.41 -14.79 -46.20
N ASN B 354 -35.00 -15.72 -46.94
CA ASN B 354 -34.79 -17.18 -46.81
C ASN B 354 -35.14 -17.70 -45.43
N GLY B 355 -36.02 -17.02 -44.72
CA GLY B 355 -36.33 -17.38 -43.37
C GLY B 355 -37.48 -18.35 -43.29
N LYS B 356 -37.46 -19.17 -42.25
CA LYS B 356 -38.51 -20.13 -42.03
C LYS B 356 -39.63 -19.49 -41.21
N LYS B 357 -40.76 -20.20 -41.15
CA LYS B 357 -41.98 -19.66 -40.56
C LYS B 357 -42.86 -20.84 -40.22
N GLY B 358 -43.15 -21.03 -38.94
CA GLY B 358 -43.78 -22.26 -38.56
C GLY B 358 -44.68 -22.21 -37.35
N ILE B 359 -44.95 -23.39 -36.79
CA ILE B 359 -45.94 -23.58 -35.74
C ILE B 359 -45.37 -24.57 -34.75
N TYR B 360 -45.52 -24.28 -33.46
CA TYR B 360 -44.98 -25.13 -32.40
C TYR B 360 -46.11 -25.44 -31.43
N LEU B 361 -46.73 -26.61 -31.60
CA LEU B 361 -47.83 -27.05 -30.77
C LEU B 361 -47.29 -27.94 -29.65
N THR B 362 -47.50 -27.54 -28.41
CA THR B 362 -46.88 -28.26 -27.31
C THR B 362 -47.65 -28.05 -26.01
N HIS B 363 -47.41 -28.96 -25.09
CA HIS B 363 -47.68 -28.78 -23.67
C HIS B 363 -46.33 -28.93 -22.98
N GLY B 364 -45.80 -27.83 -22.45
CA GLY B 364 -44.44 -27.86 -21.96
C GLY B 364 -44.25 -28.54 -20.63
N SER B 365 -43.18 -28.19 -19.93
CA SER B 365 -43.00 -28.67 -18.56
C SER B 365 -42.74 -27.47 -17.67
N HIS B 366 -42.36 -27.71 -16.41
CA HIS B 366 -42.05 -26.60 -15.51
C HIS B 366 -40.77 -25.91 -15.93
N LEU B 367 -39.87 -26.62 -16.59
CA LEU B 367 -38.71 -25.99 -17.18
C LEU B 367 -39.05 -25.31 -18.51
N GLY B 368 -40.17 -25.67 -19.13
CA GLY B 368 -40.63 -25.01 -20.32
C GLY B 368 -40.03 -25.61 -21.57
N GLY B 369 -40.86 -26.12 -22.47
CA GLY B 369 -40.37 -26.68 -23.71
C GLY B 369 -39.63 -27.99 -23.53
N ARG B 370 -39.20 -28.55 -24.67
CA ARG B 370 -38.39 -29.75 -24.69
C ARG B 370 -36.98 -29.35 -25.10
N ASN B 371 -36.07 -29.30 -24.13
CA ASN B 371 -34.67 -28.97 -24.38
C ASN B 371 -33.84 -29.95 -23.58
N PRO B 372 -32.99 -30.77 -24.20
CA PRO B 372 -32.24 -31.77 -23.43
C PRO B 372 -31.01 -31.22 -22.74
N PHE B 373 -30.88 -29.90 -22.59
CA PHE B 373 -29.62 -29.35 -22.09
C PHE B 373 -29.47 -29.48 -20.59
N LEU B 374 -30.52 -29.18 -19.81
CA LEU B 374 -30.37 -29.12 -18.36
C LEU B 374 -30.12 -30.47 -17.75
N GLY B 375 -30.72 -31.52 -18.29
CA GLY B 375 -30.50 -32.85 -17.75
C GLY B 375 -29.13 -33.39 -18.08
N ILE B 376 -28.64 -33.10 -19.28
CA ILE B 376 -27.29 -33.54 -19.66
C ILE B 376 -26.25 -32.79 -18.85
N VAL B 377 -26.44 -31.49 -18.60
CA VAL B 377 -25.36 -30.73 -18.01
C VAL B 377 -25.33 -30.84 -16.48
N TYR B 378 -26.42 -31.28 -15.85
CA TYR B 378 -26.32 -31.70 -14.46
C TYR B 378 -25.63 -33.05 -14.33
N LEU B 379 -25.87 -33.96 -15.28
CA LEU B 379 -25.18 -35.24 -15.26
C LEU B 379 -23.71 -35.10 -15.60
N ILE B 380 -23.34 -34.06 -16.36
CA ILE B 380 -21.93 -33.79 -16.57
C ILE B 380 -21.31 -33.19 -15.32
N GLY B 381 -22.06 -32.36 -14.61
CA GLY B 381 -21.56 -31.76 -13.39
C GLY B 381 -21.37 -32.74 -12.25
N GLY B 382 -22.13 -33.82 -12.25
CA GLY B 382 -21.91 -34.88 -11.29
C GLY B 382 -20.74 -35.75 -11.68
N CYS B 383 -20.69 -36.17 -12.95
CA CYS B 383 -19.63 -37.08 -13.39
C CYS B 383 -18.27 -36.39 -13.50
N ILE B 384 -18.21 -35.06 -13.44
CA ILE B 384 -16.93 -34.38 -13.28
C ILE B 384 -16.55 -34.27 -11.81
N CYS B 385 -17.50 -33.88 -10.96
CA CYS B 385 -17.22 -33.79 -9.53
C CYS B 385 -17.00 -35.14 -8.88
N ALA B 386 -17.51 -36.22 -9.49
CA ALA B 386 -17.21 -37.55 -8.98
C ALA B 386 -15.90 -38.07 -9.54
N ALA B 387 -15.48 -37.61 -10.72
CA ALA B 387 -14.20 -38.05 -11.28
C ALA B 387 -13.03 -37.33 -10.64
N MET B 388 -13.16 -36.02 -10.39
CA MET B 388 -12.05 -35.32 -9.77
C MET B 388 -12.06 -35.44 -8.25
N ALA B 389 -13.11 -36.04 -7.67
CA ALA B 389 -12.97 -36.59 -6.34
C ALA B 389 -12.14 -37.86 -6.37
N LEU B 390 -12.23 -38.62 -7.46
CA LEU B 390 -11.49 -39.86 -7.60
C LEU B 390 -10.02 -39.60 -7.95
N ILE B 391 -9.76 -38.58 -8.77
CA ILE B 391 -8.39 -38.32 -9.21
C ILE B 391 -7.58 -37.72 -8.07
N LEU B 392 -8.17 -36.82 -7.28
CA LEU B 392 -7.46 -36.24 -6.15
C LEU B 392 -7.29 -37.24 -5.01
N LEU B 393 -8.21 -38.21 -4.88
CA LEU B 393 -8.06 -39.20 -3.82
C LEU B 393 -6.99 -40.23 -4.17
N THR B 394 -6.97 -40.73 -5.40
CA THR B 394 -5.95 -41.70 -5.79
C THR B 394 -4.59 -41.06 -5.98
N PHE B 395 -4.52 -39.74 -6.16
CA PHE B 395 -3.24 -39.07 -6.02
C PHE B 395 -2.84 -38.87 -4.56
N TRP B 396 -3.78 -39.00 -3.63
CA TRP B 396 -3.51 -38.74 -2.23
C TRP B 396 -3.03 -39.98 -1.49
N LEU B 397 -3.54 -41.15 -1.84
CA LEU B 397 -3.11 -42.39 -1.22
C LEU B 397 -1.75 -42.86 -1.73
N PHE B 398 -1.27 -42.32 -2.84
CA PHE B 398 -0.06 -42.81 -3.47
C PHE B 398 1.03 -41.76 -3.60
N GLY B 399 0.67 -40.48 -3.79
CA GLY B 399 1.46 -39.33 -3.28
C GLY B 399 1.13 -39.03 -1.84
N GLY B 400 0.86 -37.78 -1.53
CA GLY B 400 0.46 -37.41 -0.19
C GLY B 400 1.64 -36.94 0.65
N ARG B 401 1.31 -36.18 1.70
CA ARG B 401 2.31 -35.54 2.53
C ARG B 401 1.80 -35.48 3.97
N LYS B 402 2.62 -34.92 4.84
CA LYS B 402 2.26 -34.67 6.23
C LYS B 402 1.80 -33.22 6.35
N ILE B 403 1.05 -32.96 7.41
CA ILE B 403 0.32 -31.70 7.60
C ILE B 403 1.17 -30.79 8.49
N ALA B 404 2.48 -31.11 8.61
CA ALA B 404 3.25 -30.36 9.60
C ALA B 404 4.53 -29.70 9.07
N ASP B 405 5.32 -30.38 8.25
CA ASP B 405 6.69 -29.88 8.03
C ASP B 405 7.12 -29.99 6.56
N ALA B 406 6.31 -29.48 5.64
CA ALA B 406 6.78 -29.32 4.26
C ALA B 406 7.27 -27.90 4.00
N SER B 407 7.57 -27.14 5.04
CA SER B 407 7.84 -25.72 4.91
C SER B 407 9.26 -25.47 4.43
N SER B 408 9.41 -24.57 3.46
CA SER B 408 10.69 -24.29 2.83
C SER B 408 11.64 -23.46 3.68
N LEU B 409 11.16 -22.93 4.81
CA LEU B 409 12.03 -22.17 5.70
C LEU B 409 12.99 -23.09 6.46
N SER B 410 12.48 -24.21 6.97
CA SER B 410 13.27 -25.16 7.74
C SER B 410 13.31 -26.46 6.93
N TRP B 411 14.29 -26.55 6.04
CA TRP B 411 14.40 -27.70 5.15
C TRP B 411 15.32 -28.76 5.74
C1 NAG C . -47.76 -7.77 -42.69
C2 NAG C . -46.54 -8.03 -43.63
C3 NAG C . -46.53 -7.10 -44.81
C4 NAG C . -47.86 -7.10 -45.55
C5 NAG C . -48.92 -6.63 -44.57
C6 NAG C . -50.30 -6.66 -45.17
C7 NAG C . -44.68 -6.90 -42.38
C8 NAG C . -43.26 -7.08 -41.91
N2 NAG C . -45.24 -7.98 -42.96
O3 NAG C . -45.53 -7.57 -45.70
O4 NAG C . -47.78 -6.34 -46.75
O5 NAG C . -48.96 -7.56 -43.48
O6 NAG C . -51.14 -7.57 -44.45
O7 NAG C . -45.29 -5.87 -42.17
C1 NAG C . -47.20 -5.01 -46.80
C2 NAG C . -45.92 -4.90 -47.70
C3 NAG C . -45.60 -3.44 -48.03
C4 NAG C . -46.82 -2.70 -48.55
C5 NAG C . -47.94 -2.83 -47.52
C6 NAG C . -49.23 -2.18 -47.95
C7 NAG C . -43.73 -6.03 -47.69
C8 NAG C . -42.64 -6.62 -46.84
N2 NAG C . -44.77 -5.52 -47.04
O3 NAG C . -44.56 -3.39 -48.99
O4 NAG C . -46.48 -1.33 -48.75
O5 NAG C . -48.23 -4.22 -47.36
O6 NAG C . -50.15 -3.14 -48.46
O7 NAG C . -43.66 -6.02 -48.91
C1 BMA C . -46.54 -1.02 -50.16
C2 BMA C . -46.57 0.50 -50.32
C3 BMA C . -46.73 0.83 -51.79
C4 BMA C . -45.64 0.14 -52.65
C5 BMA C . -45.53 -1.38 -52.30
C6 BMA C . -44.35 -2.07 -52.95
O2 BMA C . -45.32 1.04 -49.91
O3 BMA C . -46.73 2.23 -52.03
O4 BMA C . -45.95 0.28 -54.03
O5 BMA C . -45.42 -1.54 -50.88
O6 BMA C . -43.17 -1.67 -52.28
MG MG D . 22.51 8.87 12.55
BE BEF E . 19.74 10.32 13.96
F1 BEF E . 18.71 8.88 14.04
F2 BEF E . 20.01 11.11 12.41
F3 BEF E . 20.48 10.96 15.42
C26 6PL F . -15.20 12.72 -0.60
C25 6PL F . -15.15 11.59 0.40
C24 6PL F . -13.94 11.64 1.28
C23 6PL F . -13.98 10.70 2.44
C22 6PL F . -12.86 10.91 3.43
C21 6PL F . -11.55 10.26 3.06
C20 6PL F . -10.35 10.82 3.78
C19 6PL F . -10.53 11.02 5.25
C18 6PL F . -10.65 9.77 6.07
C17 6PL F . -9.38 8.97 6.18
C16 6PL F . -9.43 7.91 7.24
C15 6PL F . -8.15 7.15 7.41
C14 6PL F . -6.95 8.02 7.69
C13 6PL F . -5.65 7.26 7.82
C12 6PL F . -5.18 7.15 9.24
C11 6PL F . -4.14 8.15 9.59
O11 6PL F . -2.99 7.90 9.83
O3 6PL F . -4.61 9.39 9.64
C3 6PL F . -5.56 9.68 10.68
C2 6PL F . -5.87 11.15 10.59
C1 6PL F . -4.64 12.01 10.80
O3P 6PL F . -3.97 11.64 12.03
P 6PL F . -3.49 12.81 13.03
O1P 6PL F . -2.95 12.16 14.27
O2P 6PL F . -2.64 13.79 12.28
O4P 6PL F . -4.89 13.53 13.36
C4 6PL F . -5.00 14.44 14.48
C5 6PL F . -5.45 13.69 15.69
N 6PL F . -5.54 14.49 16.98
C7 6PL F . -6.02 13.61 18.08
C8 6PL F . -4.21 15.03 17.33
C6 6PL F . -6.50 15.62 16.80
O2 6PL F . -6.93 11.56 11.49
C31 6PL F . -8.22 11.59 11.08
O31 6PL F . -9.08 11.85 11.88
C32 6PL F . -8.55 11.31 9.63
C33 6PL F . -10.01 11.41 9.32
C34 6PL F . -10.42 12.83 8.98
C35 6PL F . -11.77 12.93 8.31
C36 6PL F . -12.05 14.30 7.74
C37 6PL F . -13.38 14.42 7.02
C38 6PL F . -13.67 15.81 6.51
C39 6PL F . -15.10 16.01 6.06
C40 6PL F . -15.48 15.26 4.81
C41 6PL F . -15.46 16.11 3.55
C42 6PL F . -16.19 15.49 2.39
C43 6PL F . -16.38 16.41 1.21
C44 6PL F . -17.10 17.70 1.52
C45 6PL F . -17.83 18.31 0.35
C46 6PL F . -16.97 18.58 -0.87
C47 6PL F . -17.74 19.02 -2.07
C48 6PL F . -16.91 19.22 -3.32
C26 6PL G . -17.26 2.03 1.40
C25 6PL G . -16.56 3.06 2.25
C24 6PL G . -16.87 4.49 1.87
C23 6PL G . -16.59 4.80 0.41
C22 6PL G . -16.63 6.26 0.06
C21 6PL G . -16.47 6.54 -1.41
C20 6PL G . -17.57 5.96 -2.26
C19 6PL G . -17.56 6.39 -3.71
C18 6PL G . -18.81 6.03 -4.46
C17 6PL G . -18.99 6.70 -5.79
C16 6PL G . -20.39 6.55 -6.34
C15 6PL G . -20.63 7.13 -7.72
C14 6PL G . -22.04 6.94 -8.19
C13 6PL G . -22.28 7.25 -9.66
C12 6PL G . -23.53 6.58 -10.17
C11 6PL G . -23.60 6.46 -11.68
O11 6PL G . -24.33 7.11 -12.36
O3 6PL G . -22.79 5.51 -12.17
C3 6PL G . -22.73 4.22 -11.51
C2 6PL G . -21.45 3.54 -11.93
C1 6PL G . -21.59 2.72 -13.19
O3P 6PL G . -20.30 2.25 -13.69
P 6PL G . -20.16 0.74 -14.18
O1P 6PL G . -18.74 0.44 -14.59
O2P 6PL G . -20.83 -0.13 -13.15
O4P 6PL G . -21.03 0.71 -15.54
C4 6PL G . -20.60 1.49 -16.68
C5 6PL G . -21.61 1.33 -17.79
N 6PL G . -22.60 2.46 -17.97
C7 6PL G . -23.62 2.08 -18.99
C8 6PL G . -23.29 2.77 -16.69
C6 6PL G . -21.89 3.68 -18.45
O2 6PL G . -21.08 2.68 -10.80
C31 6PL G . -19.79 2.38 -10.61
O31 6PL G . -19.26 1.42 -11.13
C32 6PL G . -19.11 3.29 -9.65
C33 6PL G . -18.42 2.56 -8.54
C34 6PL G . -18.09 3.45 -7.36
C35 6PL G . -17.41 2.74 -6.23
C36 6PL G . -18.05 1.45 -5.82
C37 6PL G . -17.51 0.88 -4.54
C38 6PL G . -17.67 1.78 -3.34
C39 6PL G . -18.69 1.33 -2.34
C40 6PL G . -20.12 1.35 -2.82
C41 6PL G . -21.12 0.79 -1.84
C42 6PL G . -22.51 0.66 -2.38
C43 6PL G . -23.44 -0.12 -1.50
C44 6PL G . -24.79 -0.41 -2.11
C45 6PL G . -25.62 -1.38 -1.30
C46 6PL G . -24.93 -2.68 -1.02
C47 6PL G . -25.69 -3.61 -0.12
C48 6PL G . -24.91 -4.86 0.21
#